data_4EO4
#
_entry.id   4EO4
#
_cell.length_a   213.233
_cell.length_b   107.498
_cell.length_c   153.391
_cell.angle_alpha   90.00
_cell.angle_beta   130.05
_cell.angle_gamma   90.00
#
_symmetry.space_group_name_H-M   'C 1 2 1'
#
loop_
_entity.id
_entity.type
_entity.pdbx_description
1 polymer 'Threonine--tRNA ligase, mitochondrial'
2 non-polymer "5'-O-(N-(L-SERYL)-SULFAMOYL)ADENOSINE"
3 non-polymer 'ZINC ION'
4 water water
#
_entity_poly.entity_id   1
_entity_poly.type   'polypeptide(L)'
_entity_poly.pdbx_seq_one_letter_code
;MGSSHHHHHHSSGLVPRGSHMASATKNASSATPATMTSMVSQRQDLFMTDPLSPGSMFFLPNGAKIFNKLIEFMKLQQKF
KFGFNEVVTPLIYKKTLWEKSGHWENYADDMFKVETTDEEKEEYGLKPMNCPGHCLIFGKKDRSYNELPLRFSDFSPLHR
NEASGALSGLTRLRKFHQDDGHIFCTPSQVKSEIFNSLKLIDIVYNKIFPFVKGGSGAESNYFINFSTRPDHFIGDLKVW
NHAEQVLKEILEESGKPWKLNPGDGAFYGPKLDIMVTDHLRKTHQVATIQLDFQLPERFDLKFKDQDNSYKRPIMIHRAT
FGSIERFMALLIDSNEGRWPFWLNPYQAVIIPVNTKNVQQLDMCTALQKKLRNELEADDMEPVPLNDWHFNVDLDIRNEP
VGYRIKSAILKNYSYLIIVGDEEVQLQKYNIRERDNRKSFEKLTMSQIWEKFIELEKNYK
;
_entity_poly.pdbx_strand_id   A,B,C,D
#
# COMPACT_ATOMS: atom_id res chain seq x y z
N ALA A 34 -0.43 34.90 12.12
CA ALA A 34 -1.69 35.44 11.60
C ALA A 34 -2.27 34.52 10.54
N THR A 35 -3.46 34.01 10.79
CA THR A 35 -4.06 33.03 9.89
C THR A 35 -5.40 33.47 9.30
N MET A 36 -6.16 32.48 8.88
CA MET A 36 -7.41 32.68 8.15
C MET A 36 -8.54 33.26 9.01
N THR A 37 -8.44 33.05 10.32
CA THR A 37 -9.52 33.44 11.22
C THR A 37 -9.08 34.38 12.34
N SER A 38 -7.80 34.74 12.34
CA SER A 38 -7.21 35.51 13.43
C SER A 38 -7.90 36.84 13.71
N MET A 39 -8.00 37.67 12.68
CA MET A 39 -8.57 39.01 12.82
C MET A 39 -9.99 38.98 13.35
N VAL A 40 -10.83 38.17 12.72
CA VAL A 40 -12.22 38.05 13.10
C VAL A 40 -12.38 37.45 14.50
N SER A 41 -11.51 36.50 14.84
CA SER A 41 -11.53 35.90 16.16
C SER A 41 -11.18 36.93 17.22
N GLN A 42 -10.22 37.79 16.88
CA GLN A 42 -9.81 38.88 17.76
C GLN A 42 -10.95 39.87 17.93
N ARG A 43 -11.59 40.20 16.81
CA ARG A 43 -12.59 41.26 16.77
C ARG A 43 -13.90 40.83 17.43
N GLN A 44 -14.25 39.56 17.32
CA GLN A 44 -15.52 39.07 17.81
C GLN A 44 -15.38 38.16 19.02
N ASP A 45 -14.15 38.02 19.51
CA ASP A 45 -13.85 37.18 20.67
C ASP A 45 -14.35 35.74 20.47
N LEU A 46 -13.94 35.15 19.35
CA LEU A 46 -14.42 33.82 18.98
C LEU A 46 -13.64 32.68 19.63
N PHE A 47 -12.35 32.60 19.33
CA PHE A 47 -11.55 31.48 19.79
C PHE A 47 -10.32 31.93 20.57
N MET A 48 -9.58 30.95 21.10
CA MET A 48 -8.39 31.21 21.89
C MET A 48 -7.43 30.03 21.84
N THR A 49 -6.15 30.32 21.66
CA THR A 49 -5.13 29.27 21.71
C THR A 49 -4.35 29.40 23.01
N ASP A 50 -3.72 28.29 23.41
CA ASP A 50 -2.84 28.30 24.57
C ASP A 50 -1.83 27.17 24.46
N PRO A 51 -0.55 27.49 24.68
CA PRO A 51 0.56 26.54 24.49
C PRO A 51 0.54 25.33 25.42
N LEU A 52 -0.47 25.21 26.28
CA LEU A 52 -0.58 24.06 27.16
C LEU A 52 -1.41 22.94 26.54
N SER A 53 -1.99 23.24 25.38
CA SER A 53 -2.69 22.22 24.59
C SER A 53 -2.69 22.63 23.11
N PRO A 54 -1.51 22.57 22.47
CA PRO A 54 -1.36 23.00 21.08
C PRO A 54 -2.06 22.06 20.12
N GLY A 55 -2.71 22.63 19.09
CA GLY A 55 -3.44 21.84 18.13
C GLY A 55 -4.88 21.67 18.54
N SER A 56 -5.12 21.74 19.85
CA SER A 56 -6.47 21.79 20.39
C SER A 56 -6.73 23.26 20.69
N MET A 57 -8.00 23.67 20.66
CA MET A 57 -8.29 25.07 20.87
C MET A 57 -9.55 25.36 21.69
N PHE A 58 -9.68 26.61 22.11
CA PHE A 58 -10.72 27.04 23.02
C PHE A 58 -11.81 27.82 22.28
N PHE A 59 -13.05 27.39 22.43
CA PHE A 59 -14.18 28.13 21.91
C PHE A 59 -14.69 29.10 22.97
N LEU A 60 -14.37 30.38 22.82
CA LEU A 60 -14.91 31.40 23.70
C LEU A 60 -16.41 31.48 23.49
N PRO A 61 -17.17 31.98 24.48
CA PRO A 61 -18.63 32.01 24.45
C PRO A 61 -19.24 32.38 23.10
N ASN A 62 -18.72 33.42 22.47
CA ASN A 62 -19.21 33.82 21.16
C ASN A 62 -18.89 32.81 20.08
N GLY A 63 -17.71 32.20 20.17
CA GLY A 63 -17.28 31.20 19.21
C GLY A 63 -18.07 29.91 19.36
N ALA A 64 -18.44 29.58 20.58
CA ALA A 64 -19.17 28.36 20.87
C ALA A 64 -20.62 28.44 20.37
N LYS A 65 -21.17 29.65 20.36
CA LYS A 65 -22.52 29.86 19.86
C LYS A 65 -22.64 29.42 18.41
N ILE A 66 -21.66 29.82 17.60
CA ILE A 66 -21.64 29.46 16.19
C ILE A 66 -21.43 27.97 16.01
N PHE A 67 -20.52 27.42 16.82
CA PHE A 67 -20.22 26.00 16.85
C PHE A 67 -21.49 25.21 17.11
N ASN A 68 -22.24 25.62 18.13
CA ASN A 68 -23.47 24.94 18.51
C ASN A 68 -24.60 25.15 17.52
N LYS A 69 -24.57 26.29 16.83
CA LYS A 69 -25.62 26.63 15.89
C LYS A 69 -25.49 25.82 14.61
N LEU A 70 -24.26 25.66 14.14
CA LEU A 70 -24.00 24.87 12.95
C LEU A 70 -24.39 23.41 13.20
N ILE A 71 -24.08 22.94 14.40
CA ILE A 71 -24.41 21.57 14.80
C ILE A 71 -25.92 21.41 14.90
N GLU A 72 -26.58 22.41 15.48
CA GLU A 72 -28.02 22.39 15.63
C GLU A 72 -28.69 22.30 14.26
N PHE A 73 -28.16 23.08 13.32
CA PHE A 73 -28.64 23.06 11.94
C PHE A 73 -28.49 21.66 11.32
N MET A 74 -27.30 21.10 11.42
CA MET A 74 -27.00 19.82 10.80
C MET A 74 -27.80 18.67 11.41
N LYS A 75 -28.05 18.77 12.72
CA LYS A 75 -28.84 17.75 13.41
C LYS A 75 -30.27 17.72 12.89
N LEU A 76 -30.83 18.90 12.65
CA LEU A 76 -32.18 19.01 12.13
C LEU A 76 -32.28 18.38 10.74
N GLN A 77 -31.28 18.66 9.91
CA GLN A 77 -31.28 18.12 8.55
C GLN A 77 -31.10 16.61 8.57
N GLN A 78 -30.19 16.14 9.41
CA GLN A 78 -29.89 14.72 9.48
C GLN A 78 -31.02 13.90 10.08
N LYS A 79 -31.64 14.41 11.15
CA LYS A 79 -32.69 13.67 11.83
C LYS A 79 -34.06 13.76 11.16
N PHE A 80 -34.38 14.92 10.61
CA PHE A 80 -35.73 15.13 10.10
C PHE A 80 -35.89 15.21 8.60
N LYS A 81 -34.79 15.07 7.86
CA LYS A 81 -34.88 15.04 6.40
C LYS A 81 -34.11 13.93 5.71
N PHE A 82 -32.98 13.53 6.28
CA PHE A 82 -32.13 12.52 5.65
C PHE A 82 -32.01 11.24 6.48
N GLY A 83 -32.86 11.10 7.49
CA GLY A 83 -33.01 9.84 8.21
C GLY A 83 -31.76 9.29 8.88
N PHE A 84 -31.08 10.12 9.65
CA PHE A 84 -29.94 9.67 10.45
C PHE A 84 -30.32 9.48 11.91
N ASN A 85 -29.65 8.53 12.56
CA ASN A 85 -29.88 8.26 13.98
C ASN A 85 -28.61 8.50 14.80
N GLU A 86 -28.59 9.60 15.54
CA GLU A 86 -27.40 10.00 16.28
C GLU A 86 -27.07 9.07 17.43
N VAL A 87 -25.80 8.68 17.51
CA VAL A 87 -25.30 7.90 18.63
C VAL A 87 -24.18 8.66 19.33
N VAL A 88 -23.90 8.27 20.57
CA VAL A 88 -22.77 8.81 21.31
C VAL A 88 -21.83 7.67 21.68
N THR A 89 -20.61 7.73 21.16
CA THR A 89 -19.67 6.64 21.28
C THR A 89 -18.49 7.00 22.19
N PRO A 90 -17.79 5.99 22.72
CA PRO A 90 -16.57 6.20 23.50
C PRO A 90 -15.48 6.90 22.68
N LEU A 91 -14.46 7.40 23.36
CA LEU A 91 -13.33 8.04 22.70
C LEU A 91 -12.12 7.13 22.67
N ILE A 92 -11.89 6.44 23.78
CA ILE A 92 -10.79 5.48 23.86
C ILE A 92 -11.27 4.05 23.64
N TYR A 93 -10.51 3.30 22.85
CA TYR A 93 -10.79 1.90 22.60
C TYR A 93 -9.50 1.12 22.76
N LYS A 94 -9.61 -0.17 23.05
CA LYS A 94 -8.46 -1.03 23.16
C LYS A 94 -7.72 -1.14 21.82
N LYS A 95 -6.41 -1.40 21.90
CA LYS A 95 -5.56 -1.53 20.72
C LYS A 95 -6.08 -2.59 19.76
N THR A 96 -6.71 -3.62 20.33
CA THR A 96 -7.21 -4.75 19.56
C THR A 96 -8.27 -4.31 18.55
N LEU A 97 -9.03 -3.28 18.90
CA LEU A 97 -10.02 -2.73 17.97
C LEU A 97 -9.36 -2.08 16.76
N TRP A 98 -8.37 -1.23 17.04
CA TRP A 98 -7.69 -0.50 15.97
C TRP A 98 -6.91 -1.43 15.06
N GLU A 99 -6.56 -2.60 15.57
CA GLU A 99 -5.88 -3.61 14.76
C GLU A 99 -6.87 -4.27 13.81
N LYS A 100 -8.12 -4.39 14.24
CA LYS A 100 -9.17 -4.87 13.35
C LYS A 100 -9.38 -3.88 12.21
N SER A 101 -9.68 -2.64 12.57
CA SER A 101 -9.97 -1.60 11.60
C SER A 101 -8.76 -1.26 10.73
N GLY A 102 -7.57 -1.61 11.21
CA GLY A 102 -6.35 -1.35 10.47
C GLY A 102 -5.78 0.03 10.76
N HIS A 103 -6.42 0.75 11.67
CA HIS A 103 -5.94 2.06 12.07
C HIS A 103 -4.61 1.97 12.80
N TRP A 104 -4.46 0.95 13.63
CA TRP A 104 -3.26 0.80 14.45
C TRP A 104 -1.98 0.67 13.63
N GLU A 105 -2.10 0.08 12.44
CA GLU A 105 -0.96 -0.05 11.56
C GLU A 105 -0.96 1.02 10.47
N ASN A 106 -2.06 1.12 9.73
CA ASN A 106 -2.14 2.00 8.58
C ASN A 106 -2.54 3.44 8.90
N TYR A 107 -2.57 3.79 10.18
CA TYR A 107 -2.93 5.15 10.59
C TYR A 107 -2.21 5.48 11.89
N ALA A 108 -1.07 4.84 12.10
CA ALA A 108 -0.32 4.97 13.35
C ALA A 108 0.30 6.35 13.50
N ASP A 109 0.58 7.01 12.38
CA ASP A 109 1.21 8.31 12.39
C ASP A 109 0.30 9.38 13.01
N ASP A 110 -1.01 9.17 12.89
CA ASP A 110 -1.97 10.19 13.33
C ASP A 110 -2.72 9.84 14.61
N MET A 111 -2.44 8.67 15.18
CA MET A 111 -3.21 8.23 16.33
C MET A 111 -2.49 8.40 17.66
N PHE A 112 -3.17 9.01 18.62
CA PHE A 112 -2.68 9.12 19.99
C PHE A 112 -2.90 7.81 20.73
N LYS A 113 -1.94 7.44 21.56
CA LYS A 113 -2.04 6.21 22.35
C LYS A 113 -2.20 6.53 23.83
N VAL A 114 -3.13 5.84 24.47
CA VAL A 114 -3.43 6.08 25.88
C VAL A 114 -2.85 4.98 26.75
N GLU A 115 -2.32 5.35 27.92
CA GLU A 115 -1.76 4.39 28.85
C GLU A 115 -2.13 4.73 30.30
N THR A 116 -2.06 3.73 31.17
CA THR A 116 -2.39 3.89 32.58
C THR A 116 -1.14 4.13 33.41
N LYS A 121 -2.09 -3.48 31.77
CA LYS A 121 -1.04 -3.67 30.78
C LYS A 121 -1.63 -3.68 29.37
N GLU A 122 -2.91 -3.31 29.26
CA GLU A 122 -3.57 -3.22 27.97
C GLU A 122 -3.47 -1.79 27.45
N GLU A 123 -3.11 -1.64 26.18
CA GLU A 123 -2.89 -0.32 25.60
C GLU A 123 -4.11 0.15 24.80
N TYR A 124 -4.40 1.44 24.91
CA TYR A 124 -5.57 2.02 24.27
C TYR A 124 -5.19 3.03 23.21
N GLY A 125 -6.17 3.41 22.39
CA GLY A 125 -5.99 4.42 21.39
C GLY A 125 -7.09 5.46 21.45
N LEU A 126 -6.70 6.73 21.33
CA LEU A 126 -7.66 7.81 21.27
C LEU A 126 -8.18 7.91 19.84
N LYS A 127 -9.50 7.88 19.67
CA LYS A 127 -10.08 7.74 18.34
C LYS A 127 -9.86 8.93 17.42
N PRO A 128 -9.32 8.68 16.23
CA PRO A 128 -9.22 9.70 15.18
C PRO A 128 -10.45 9.63 14.27
N MET A 129 -11.23 8.57 14.41
CA MET A 129 -12.43 8.35 13.62
C MET A 129 -13.51 7.67 14.44
N ASN A 130 -14.73 7.68 13.92
CA ASN A 130 -15.88 7.08 14.61
C ASN A 130 -16.24 5.71 14.08
N CYS A 131 -15.81 5.42 12.85
CA CYS A 131 -16.23 4.21 12.12
C CYS A 131 -16.20 2.86 12.87
N PRO A 132 -15.08 2.52 13.54
CA PRO A 132 -15.05 1.23 14.25
C PRO A 132 -16.10 1.12 15.35
N GLY A 133 -16.32 2.22 16.07
CA GLY A 133 -17.32 2.26 17.13
C GLY A 133 -18.72 2.03 16.60
N HIS A 134 -18.96 2.51 15.39
CA HIS A 134 -20.26 2.34 14.73
C HIS A 134 -20.39 0.92 14.19
N CYS A 135 -19.25 0.30 13.88
CA CYS A 135 -19.24 -1.09 13.45
C CYS A 135 -19.59 -2.02 14.61
N LEU A 136 -19.14 -1.65 15.80
CA LEU A 136 -19.47 -2.39 17.01
C LEU A 136 -20.97 -2.28 17.30
N ILE A 137 -21.54 -1.11 16.98
CA ILE A 137 -22.96 -0.88 17.19
C ILE A 137 -23.77 -1.76 16.25
N PHE A 138 -23.33 -1.84 15.00
CA PHE A 138 -24.01 -2.65 13.99
C PHE A 138 -23.96 -4.12 14.34
N GLY A 139 -22.82 -4.56 14.87
CA GLY A 139 -22.61 -5.97 15.12
C GLY A 139 -23.08 -6.44 16.48
N LYS A 140 -23.64 -5.53 17.27
CA LYS A 140 -24.12 -5.88 18.60
C LYS A 140 -25.39 -6.72 18.54
N LYS A 141 -26.25 -6.39 17.59
CA LYS A 141 -27.50 -7.11 17.42
C LYS A 141 -27.51 -7.89 16.11
N ASP A 142 -28.58 -8.64 15.89
CA ASP A 142 -28.82 -9.26 14.60
C ASP A 142 -29.48 -8.24 13.69
N ARG A 143 -29.03 -8.19 12.45
CA ARG A 143 -29.50 -7.16 11.51
C ARG A 143 -30.30 -7.76 10.37
N SER A 144 -31.47 -7.17 10.13
CA SER A 144 -32.31 -7.57 9.00
C SER A 144 -32.05 -6.63 7.83
N TYR A 145 -32.43 -7.08 6.63
CA TYR A 145 -32.31 -6.24 5.44
C TYR A 145 -33.37 -5.14 5.51
N ASN A 146 -34.31 -5.29 6.43
CA ASN A 146 -35.39 -4.33 6.65
C ASN A 146 -34.90 -3.08 7.38
N GLU A 147 -33.81 -3.23 8.12
CA GLU A 147 -33.24 -2.12 8.87
C GLU A 147 -32.42 -1.23 7.95
N LEU A 148 -32.03 -1.78 6.81
CA LEU A 148 -31.16 -1.09 5.87
C LEU A 148 -31.93 -0.18 4.91
N PRO A 149 -31.36 0.99 4.59
CA PRO A 149 -30.07 1.51 5.07
C PRO A 149 -30.13 1.96 6.53
N LEU A 150 -29.12 1.56 7.30
CA LEU A 150 -29.02 1.93 8.70
C LEU A 150 -28.00 3.06 8.83
N ARG A 151 -28.48 4.24 9.23
CA ARG A 151 -27.65 5.43 9.26
C ARG A 151 -27.40 5.93 10.68
N PHE A 152 -26.13 6.01 11.06
CA PHE A 152 -25.75 6.56 12.35
C PHE A 152 -24.97 7.85 12.15
N SER A 153 -25.19 8.80 13.04
CA SER A 153 -24.41 10.03 13.04
C SER A 153 -23.70 10.22 14.37
N ASP A 154 -22.62 10.99 14.36
CA ASP A 154 -21.78 11.15 15.55
C ASP A 154 -21.03 12.48 15.51
N PHE A 155 -21.16 13.25 16.59
CA PHE A 155 -20.49 14.55 16.70
C PHE A 155 -19.38 14.51 17.73
N SER A 156 -18.88 13.32 18.01
CA SER A 156 -17.82 13.14 19.00
C SER A 156 -16.56 13.92 18.63
N PRO A 157 -15.84 14.43 19.63
CA PRO A 157 -14.53 15.05 19.40
C PRO A 157 -13.53 14.00 18.95
N LEU A 158 -12.78 14.28 17.90
CA LEU A 158 -11.79 13.36 17.38
C LEU A 158 -10.39 13.91 17.60
N HIS A 159 -9.43 13.02 17.78
CA HIS A 159 -8.05 13.42 18.00
C HIS A 159 -7.11 12.80 16.98
N ARG A 160 -6.39 13.65 16.25
CA ARG A 160 -5.40 13.19 15.30
C ARG A 160 -4.05 13.85 15.58
N ASN A 161 -3.03 13.03 15.81
CA ASN A 161 -1.71 13.56 16.11
C ASN A 161 -1.05 14.15 14.87
N GLU A 162 -1.43 15.38 14.54
CA GLU A 162 -0.89 16.07 13.37
C GLU A 162 0.49 16.64 13.69
N ALA A 163 1.34 16.71 12.68
CA ALA A 163 2.66 17.31 12.82
C ALA A 163 2.53 18.79 13.16
N SER A 164 3.43 19.27 14.01
CA SER A 164 3.38 20.66 14.49
C SER A 164 3.40 21.69 13.37
N GLY A 165 4.05 21.34 12.27
CA GLY A 165 4.11 22.22 11.11
C GLY A 165 2.80 22.26 10.36
N ALA A 166 2.11 21.12 10.32
CA ALA A 166 0.86 21.00 9.59
C ALA A 166 -0.26 21.80 10.25
N LEU A 167 -0.17 21.97 11.56
CA LEU A 167 -1.18 22.69 12.31
C LEU A 167 -1.37 24.10 11.79
N SER A 168 -2.63 24.51 11.62
CA SER A 168 -2.94 25.84 11.12
C SER A 168 -4.38 26.24 11.43
N GLY A 169 -4.53 27.21 12.33
CA GLY A 169 -5.82 27.77 12.66
C GLY A 169 -6.86 26.72 13.02
N LEU A 170 -8.05 26.88 12.44
CA LEU A 170 -9.13 25.93 12.67
C LEU A 170 -9.19 24.89 11.55
N THR A 171 -8.44 25.14 10.48
CA THR A 171 -8.46 24.25 9.32
C THR A 171 -7.81 22.91 9.61
N ARG A 172 -6.70 22.93 10.33
CA ARG A 172 -6.02 21.69 10.71
C ARG A 172 -5.67 21.68 12.19
N LEU A 173 -6.36 20.83 12.94
CA LEU A 173 -6.23 20.78 14.40
C LEU A 173 -5.89 19.36 14.87
N ARG A 174 -5.52 19.26 16.14
CA ARG A 174 -5.28 17.97 16.76
C ARG A 174 -6.59 17.44 17.30
N LYS A 175 -7.44 18.36 17.75
CA LYS A 175 -8.78 18.02 18.21
C LYS A 175 -9.84 18.76 17.42
N PHE A 176 -10.87 18.05 16.98
CA PHE A 176 -11.94 18.65 16.20
C PHE A 176 -13.17 17.75 16.19
N HIS A 177 -14.30 18.31 15.76
CA HIS A 177 -15.55 17.56 15.70
C HIS A 177 -16.05 17.43 14.26
N GLN A 178 -16.42 16.23 13.88
CA GLN A 178 -16.99 15.98 12.57
C GLN A 178 -18.50 15.83 12.67
N ASP A 179 -19.25 16.27 11.65
CA ASP A 179 -20.64 15.90 11.49
C ASP A 179 -20.66 14.54 10.81
N ASP A 180 -20.00 13.59 11.46
CA ASP A 180 -19.71 12.29 10.89
C ASP A 180 -20.97 11.43 10.79
N GLY A 181 -20.97 10.55 9.80
CA GLY A 181 -22.08 9.66 9.56
C GLY A 181 -21.64 8.41 8.83
N HIS A 182 -22.23 7.28 9.19
CA HIS A 182 -21.92 6.02 8.52
C HIS A 182 -23.19 5.32 8.11
N ILE A 183 -23.26 4.95 6.84
CA ILE A 183 -24.43 4.28 6.29
C ILE A 183 -24.13 2.83 5.97
N PHE A 184 -24.87 1.93 6.59
CA PHE A 184 -24.79 0.51 6.28
C PHE A 184 -25.94 0.17 5.34
N CYS A 185 -25.62 -0.29 4.13
CA CYS A 185 -26.65 -0.55 3.14
C CYS A 185 -26.32 -1.74 2.23
N THR A 186 -27.24 -2.03 1.32
CA THR A 186 -27.09 -3.13 0.36
C THR A 186 -26.58 -2.57 -0.97
N PRO A 187 -26.03 -3.46 -1.84
CA PRO A 187 -25.53 -3.04 -3.14
C PRO A 187 -26.53 -2.22 -3.99
N SER A 188 -27.82 -2.46 -3.81
CA SER A 188 -28.84 -1.76 -4.61
C SER A 188 -29.19 -0.40 -4.02
N GLN A 189 -28.69 -0.12 -2.82
CA GLN A 189 -29.04 1.10 -2.10
C GLN A 189 -27.94 2.16 -2.15
N VAL A 190 -26.76 1.74 -2.59
CA VAL A 190 -25.58 2.60 -2.58
C VAL A 190 -25.79 3.87 -3.39
N LYS A 191 -26.24 3.72 -4.63
CA LYS A 191 -26.38 4.86 -5.54
C LYS A 191 -27.31 5.91 -4.95
N SER A 192 -28.44 5.48 -4.42
CA SER A 192 -29.43 6.39 -3.86
C SER A 192 -28.94 7.04 -2.57
N GLU A 193 -28.15 6.31 -1.80
CA GLU A 193 -27.62 6.83 -0.54
C GLU A 193 -26.58 7.92 -0.76
N ILE A 194 -25.75 7.74 -1.78
CA ILE A 194 -24.73 8.73 -2.12
C ILE A 194 -25.37 9.98 -2.73
N PHE A 195 -26.44 9.78 -3.49
CA PHE A 195 -27.17 10.90 -4.06
C PHE A 195 -27.84 11.74 -2.97
N ASN A 196 -28.34 11.06 -1.94
CA ASN A 196 -28.93 11.75 -0.81
C ASN A 196 -27.90 12.57 -0.08
N SER A 197 -26.72 11.99 0.09
CA SER A 197 -25.60 12.67 0.74
C SER A 197 -25.17 13.87 -0.09
N LEU A 198 -25.28 13.75 -1.41
CA LEU A 198 -24.96 14.86 -2.30
C LEU A 198 -26.01 15.96 -2.21
N LYS A 199 -27.25 15.57 -1.93
CA LYS A 199 -28.34 16.53 -1.80
C LYS A 199 -28.13 17.44 -0.60
N LEU A 200 -27.81 16.83 0.54
CA LEU A 200 -27.52 17.57 1.76
C LEU A 200 -26.31 18.48 1.56
N ILE A 201 -25.34 17.99 0.81
CA ILE A 201 -24.16 18.76 0.46
C ILE A 201 -24.55 19.98 -0.38
N ASP A 202 -25.47 19.77 -1.31
CA ASP A 202 -25.94 20.85 -2.18
C ASP A 202 -26.68 21.91 -1.37
N ILE A 203 -27.50 21.47 -0.43
CA ILE A 203 -28.23 22.40 0.44
C ILE A 203 -27.25 23.26 1.24
N VAL A 204 -26.18 22.63 1.72
CA VAL A 204 -25.19 23.33 2.51
C VAL A 204 -24.32 24.28 1.69
N TYR A 205 -23.71 23.75 0.61
CA TYR A 205 -22.72 24.52 -0.15
C TYR A 205 -23.29 25.37 -1.28
N ASN A 206 -24.51 25.08 -1.71
CA ASN A 206 -25.12 25.84 -2.80
C ASN A 206 -26.28 26.72 -2.36
N LYS A 207 -26.95 26.33 -1.28
CA LYS A 207 -28.15 27.04 -0.85
C LYS A 207 -27.96 27.85 0.43
N ILE A 208 -27.57 27.17 1.52
CA ILE A 208 -27.49 27.82 2.82
C ILE A 208 -26.20 28.64 3.03
N PHE A 209 -25.06 28.06 2.64
CA PHE A 209 -23.78 28.75 2.79
C PHE A 209 -23.03 28.88 1.46
N PRO A 210 -23.55 29.66 0.51
CA PRO A 210 -22.83 29.82 -0.76
C PRO A 210 -21.52 30.59 -0.57
N PHE A 211 -20.45 30.09 -1.18
CA PHE A 211 -19.13 30.72 -1.09
C PHE A 211 -18.88 31.61 -2.29
N ALA A 218 -25.95 26.69 -7.20
CA ALA A 218 -25.89 26.34 -8.61
C ALA A 218 -24.67 25.47 -8.90
N GLU A 219 -23.53 26.12 -9.04
CA GLU A 219 -22.26 25.44 -9.25
C GLU A 219 -21.11 26.40 -8.91
N SER A 220 -19.89 25.98 -9.21
CA SER A 220 -18.70 26.79 -8.94
C SER A 220 -18.55 27.13 -7.46
N ASN A 221 -19.24 26.38 -6.61
CA ASN A 221 -19.06 26.51 -5.17
C ASN A 221 -18.12 25.42 -4.68
N TYR A 222 -18.14 24.29 -5.37
CA TYR A 222 -17.26 23.18 -5.04
C TYR A 222 -17.08 22.27 -6.24
N PHE A 223 -15.94 21.59 -6.29
CA PHE A 223 -15.76 20.50 -7.22
C PHE A 223 -15.34 19.27 -6.43
N ILE A 224 -15.49 18.09 -7.02
CA ILE A 224 -15.19 16.84 -6.32
C ILE A 224 -13.87 16.21 -6.74
N ASN A 225 -13.05 15.91 -5.75
CA ASN A 225 -11.84 15.12 -5.98
C ASN A 225 -12.17 13.63 -5.93
N PHE A 226 -11.98 12.96 -7.05
CA PHE A 226 -12.14 11.51 -7.08
C PHE A 226 -10.85 10.86 -6.59
N SER A 227 -10.79 10.62 -5.29
CA SER A 227 -9.58 10.13 -4.65
C SER A 227 -9.51 8.62 -4.66
N THR A 228 -8.51 8.09 -5.38
CA THR A 228 -8.41 6.65 -5.61
C THR A 228 -7.48 5.96 -4.62
N ARG A 229 -7.27 4.67 -4.84
CA ARG A 229 -6.53 3.82 -3.91
C ARG A 229 -5.14 4.35 -3.59
N PRO A 230 -4.85 4.52 -2.28
CA PRO A 230 -3.56 5.01 -1.80
C PRO A 230 -2.50 3.92 -1.82
N ASP A 231 -1.29 4.25 -1.41
CA ASP A 231 -0.19 3.29 -1.37
C ASP A 231 -0.33 2.33 -0.20
N HIS A 232 -0.85 2.85 0.92
CA HIS A 232 -1.08 2.02 2.10
C HIS A 232 -2.57 1.75 2.24
N PHE A 233 -2.99 0.57 1.78
CA PHE A 233 -4.41 0.23 1.76
C PHE A 233 -4.62 -1.18 2.29
N ILE A 234 -5.84 -1.48 2.71
CA ILE A 234 -6.20 -2.82 3.12
C ILE A 234 -7.16 -3.44 2.11
N GLY A 235 -7.13 -4.76 2.01
CA GLY A 235 -8.04 -5.46 1.14
C GLY A 235 -7.44 -5.90 -0.18
N ASP A 236 -8.29 -6.44 -1.05
CA ASP A 236 -7.85 -6.96 -2.34
C ASP A 236 -8.15 -6.00 -3.47
N LEU A 237 -7.31 -6.05 -4.52
CA LEU A 237 -7.43 -5.16 -5.66
C LEU A 237 -8.73 -5.37 -6.44
N LYS A 238 -9.23 -6.60 -6.41
CA LYS A 238 -10.50 -6.92 -7.06
C LYS A 238 -11.61 -6.11 -6.41
N VAL A 239 -11.62 -6.10 -5.08
CA VAL A 239 -12.61 -5.37 -4.32
C VAL A 239 -12.46 -3.87 -4.57
N TRP A 240 -11.23 -3.40 -4.53
CA TRP A 240 -10.92 -1.98 -4.72
C TRP A 240 -11.36 -1.47 -6.09
N ASN A 241 -11.03 -2.22 -7.13
CA ASN A 241 -11.38 -1.84 -8.49
C ASN A 241 -12.89 -1.77 -8.68
N HIS A 242 -13.61 -2.67 -8.00
CA HIS A 242 -15.05 -2.65 -8.03
C HIS A 242 -15.58 -1.40 -7.35
N ALA A 243 -14.99 -1.10 -6.19
CA ALA A 243 -15.39 0.06 -5.41
C ALA A 243 -15.22 1.35 -6.19
N GLU A 244 -14.09 1.48 -6.87
CA GLU A 244 -13.80 2.68 -7.66
C GLU A 244 -14.71 2.79 -8.88
N GLN A 245 -15.06 1.64 -9.46
CA GLN A 245 -16.02 1.62 -10.57
C GLN A 245 -17.37 2.17 -10.13
N VAL A 246 -17.88 1.63 -9.03
CA VAL A 246 -19.17 2.04 -8.50
C VAL A 246 -19.20 3.53 -8.22
N LEU A 247 -18.17 4.01 -7.53
CA LEU A 247 -18.10 5.41 -7.12
C LEU A 247 -17.97 6.32 -8.34
N LYS A 248 -17.13 5.93 -9.29
CA LYS A 248 -16.93 6.70 -10.51
C LYS A 248 -18.22 6.81 -11.31
N GLU A 249 -18.94 5.69 -11.41
CA GLU A 249 -20.19 5.64 -12.14
C GLU A 249 -21.21 6.60 -11.54
N ILE A 250 -21.29 6.62 -10.21
CA ILE A 250 -22.20 7.52 -9.51
C ILE A 250 -21.76 8.96 -9.69
N LEU A 251 -20.45 9.16 -9.69
CA LEU A 251 -19.86 10.49 -9.85
C LEU A 251 -20.25 11.10 -11.19
N GLU A 252 -20.40 10.25 -12.20
CA GLU A 252 -20.72 10.72 -13.54
C GLU A 252 -22.20 10.98 -13.74
N GLU A 253 -23.05 10.34 -12.95
CA GLU A 253 -24.49 10.56 -13.02
C GLU A 253 -24.86 11.85 -12.33
N SER A 254 -24.13 12.17 -11.27
CA SER A 254 -24.37 13.39 -10.50
C SER A 254 -24.18 14.64 -11.35
N GLY A 255 -23.26 14.56 -12.29
CA GLY A 255 -22.96 15.69 -13.16
C GLY A 255 -22.22 16.79 -12.43
N LYS A 256 -21.61 16.45 -11.31
CA LYS A 256 -20.84 17.40 -10.51
C LYS A 256 -19.49 17.63 -11.15
N PRO A 257 -18.94 18.84 -11.01
CA PRO A 257 -17.58 19.12 -11.47
C PRO A 257 -16.58 18.28 -10.70
N TRP A 258 -15.63 17.67 -11.40
CA TRP A 258 -14.71 16.77 -10.74
C TRP A 258 -13.36 16.70 -11.43
N LYS A 259 -12.39 16.11 -10.74
CA LYS A 259 -11.10 15.78 -11.33
C LYS A 259 -10.49 14.63 -10.55
N LEU A 260 -9.61 13.87 -11.19
CA LEU A 260 -8.98 12.74 -10.55
C LEU A 260 -7.89 13.17 -9.58
N ASN A 261 -7.96 12.67 -8.35
CA ASN A 261 -6.89 12.87 -7.38
C ASN A 261 -6.27 11.52 -7.03
N PRO A 262 -5.35 11.05 -7.90
CA PRO A 262 -4.80 9.69 -7.84
C PRO A 262 -4.03 9.39 -6.56
N GLY A 263 -4.34 8.24 -5.96
CA GLY A 263 -3.61 7.75 -4.80
C GLY A 263 -3.80 8.59 -3.55
N ASP A 264 -4.99 9.15 -3.38
CA ASP A 264 -5.27 9.99 -2.23
C ASP A 264 -6.57 9.60 -1.53
N GLY A 265 -6.97 8.33 -1.68
CA GLY A 265 -8.13 7.83 -0.97
C GLY A 265 -7.76 7.40 0.43
N ALA A 266 -8.72 6.81 1.14
CA ALA A 266 -8.48 6.29 2.48
C ALA A 266 -8.00 4.85 2.38
N PHE A 267 -7.35 4.37 3.43
CA PHE A 267 -6.82 3.01 3.41
C PHE A 267 -7.93 1.96 3.37
N TYR A 268 -9.17 2.39 3.60
CA TYR A 268 -10.31 1.49 3.63
C TYR A 268 -11.23 1.66 2.42
N GLY A 269 -11.06 2.74 1.68
CA GLY A 269 -11.89 2.97 0.50
C GLY A 269 -11.61 4.26 -0.25
N PRO A 270 -12.07 4.33 -1.51
CA PRO A 270 -11.96 5.53 -2.35
C PRO A 270 -12.97 6.58 -1.90
N LYS A 271 -12.70 7.84 -2.19
CA LYS A 271 -13.49 8.94 -1.65
C LYS A 271 -14.00 9.90 -2.70
N LEU A 272 -15.08 10.60 -2.36
CA LEU A 272 -15.53 11.74 -3.11
C LEU A 272 -15.35 12.97 -2.22
N ASP A 273 -14.26 13.70 -2.43
CA ASP A 273 -13.91 14.82 -1.59
C ASP A 273 -14.41 16.15 -2.15
N ILE A 274 -15.29 16.81 -1.41
CA ILE A 274 -15.79 18.12 -1.81
C ILE A 274 -14.73 19.18 -1.54
N MET A 275 -14.31 19.88 -2.60
CA MET A 275 -13.23 20.85 -2.51
C MET A 275 -13.75 22.28 -2.59
N VAL A 276 -13.46 23.05 -1.56
CA VAL A 276 -13.82 24.47 -1.52
C VAL A 276 -12.55 25.31 -1.63
N THR A 277 -12.61 26.34 -2.46
CA THR A 277 -11.47 27.22 -2.69
C THR A 277 -11.59 28.50 -1.88
N ASP A 278 -10.50 28.91 -1.24
CA ASP A 278 -10.50 30.13 -0.43
C ASP A 278 -10.14 31.38 -1.24
N HIS A 279 -9.94 32.50 -0.54
CA HIS A 279 -9.69 33.77 -1.21
C HIS A 279 -8.27 33.86 -1.76
N LEU A 280 -7.41 32.92 -1.36
CA LEU A 280 -6.06 32.84 -1.90
C LEU A 280 -5.95 31.72 -2.93
N ARG A 281 -7.11 31.29 -3.44
CA ARG A 281 -7.19 30.28 -4.49
C ARG A 281 -6.62 28.92 -4.09
N LYS A 282 -6.61 28.64 -2.79
CA LYS A 282 -6.19 27.34 -2.30
C LYS A 282 -7.41 26.49 -1.94
N THR A 283 -7.37 25.21 -2.32
CA THR A 283 -8.49 24.32 -2.08
C THR A 283 -8.40 23.64 -0.71
N HIS A 284 -9.56 23.32 -0.15
CA HIS A 284 -9.65 22.64 1.14
C HIS A 284 -10.69 21.54 1.09
N GLN A 285 -10.37 20.39 1.66
CA GLN A 285 -11.32 19.29 1.70
C GLN A 285 -12.29 19.45 2.86
N VAL A 286 -13.56 19.59 2.54
CA VAL A 286 -14.60 19.70 3.56
C VAL A 286 -15.46 18.44 3.60
N ALA A 287 -16.60 18.45 2.90
CA ALA A 287 -17.45 17.29 2.82
C ALA A 287 -16.73 16.13 2.12
N THR A 288 -17.08 14.92 2.51
CA THR A 288 -16.47 13.73 1.91
C THR A 288 -17.42 12.54 1.91
N ILE A 289 -17.40 11.78 0.82
CA ILE A 289 -18.17 10.54 0.73
C ILE A 289 -17.24 9.39 0.41
N GLN A 290 -17.21 8.40 1.29
CA GLN A 290 -16.25 7.31 1.19
C GLN A 290 -16.94 5.96 1.12
N LEU A 291 -16.54 5.15 0.13
CA LEU A 291 -17.14 3.85 -0.09
C LEU A 291 -16.28 2.74 0.49
N ASP A 292 -16.82 2.03 1.47
CA ASP A 292 -16.05 1.08 2.26
C ASP A 292 -16.55 -0.36 2.14
N PHE A 293 -15.75 -1.20 1.50
CA PHE A 293 -16.01 -2.63 1.45
C PHE A 293 -15.10 -3.37 2.43
N GLN A 294 -14.19 -2.63 3.05
CA GLN A 294 -13.12 -3.26 3.84
C GLN A 294 -13.47 -3.49 5.30
N LEU A 295 -13.88 -2.42 5.99
CA LEU A 295 -14.24 -2.53 7.41
C LEU A 295 -15.35 -3.54 7.76
N PRO A 296 -16.40 -3.64 6.92
CA PRO A 296 -17.37 -4.71 7.19
C PRO A 296 -16.75 -6.11 7.25
N GLU A 297 -15.78 -6.38 6.38
CA GLU A 297 -15.09 -7.67 6.40
C GLU A 297 -14.16 -7.76 7.60
N ARG A 298 -13.46 -6.67 7.90
CA ARG A 298 -12.53 -6.63 9.02
C ARG A 298 -13.24 -6.88 10.35
N PHE A 299 -14.46 -6.39 10.48
CA PHE A 299 -15.24 -6.56 11.70
C PHE A 299 -16.22 -7.72 11.57
N ASP A 300 -16.18 -8.38 10.41
CA ASP A 300 -17.08 -9.49 10.11
C ASP A 300 -18.55 -9.10 10.33
N LEU A 301 -18.97 -8.01 9.70
CA LEU A 301 -20.36 -7.58 9.79
C LEU A 301 -21.22 -8.40 8.85
N LYS A 302 -22.46 -8.65 9.24
CA LYS A 302 -23.38 -9.39 8.40
C LYS A 302 -24.83 -9.09 8.72
N PHE A 303 -25.69 -9.24 7.73
CA PHE A 303 -27.14 -9.05 7.92
C PHE A 303 -27.91 -10.14 7.20
N LYS A 304 -29.10 -10.44 7.72
CA LYS A 304 -29.97 -11.44 7.12
C LYS A 304 -30.70 -10.83 5.93
N ASP A 305 -30.46 -11.38 4.74
CA ASP A 305 -31.04 -10.82 3.52
C ASP A 305 -32.34 -11.52 3.14
N GLN A 306 -32.91 -11.11 2.02
CA GLN A 306 -34.21 -11.60 1.57
C GLN A 306 -34.20 -13.10 1.29
N ASP A 307 -33.05 -13.61 0.85
CA ASP A 307 -32.90 -15.04 0.59
C ASP A 307 -32.55 -15.80 1.86
N ASN A 308 -32.77 -15.16 3.00
CA ASN A 308 -32.53 -15.74 4.32
C ASN A 308 -31.07 -16.15 4.55
N SER A 309 -30.17 -15.54 3.78
CA SER A 309 -28.74 -15.80 3.93
C SER A 309 -28.04 -14.59 4.51
N TYR A 310 -26.78 -14.77 4.90
CA TYR A 310 -25.99 -13.71 5.50
C TYR A 310 -25.00 -13.11 4.51
N LYS A 311 -25.10 -11.79 4.34
CA LYS A 311 -24.20 -11.06 3.46
C LYS A 311 -23.59 -9.88 4.20
N ARG A 312 -22.49 -9.35 3.66
CA ARG A 312 -21.86 -8.17 4.23
C ARG A 312 -22.68 -6.94 3.88
N PRO A 313 -22.75 -5.98 4.80
CA PRO A 313 -23.32 -4.69 4.46
C PRO A 313 -22.27 -3.83 3.78
N ILE A 314 -22.69 -2.84 3.02
CA ILE A 314 -21.77 -1.87 2.44
C ILE A 314 -21.73 -0.63 3.31
N MET A 315 -20.53 -0.15 3.59
CA MET A 315 -20.35 0.95 4.52
C MET A 315 -19.99 2.23 3.78
N ILE A 316 -20.75 3.29 4.06
CA ILE A 316 -20.50 4.60 3.47
C ILE A 316 -20.15 5.64 4.53
N HIS A 317 -18.92 6.13 4.48
CA HIS A 317 -18.48 7.19 5.37
C HIS A 317 -18.83 8.53 4.75
N ARG A 318 -19.43 9.42 5.53
CA ARG A 318 -19.81 10.73 5.00
C ARG A 318 -19.90 11.83 6.04
N ALA A 319 -19.50 13.02 5.64
CA ALA A 319 -19.62 14.22 6.45
C ALA A 319 -19.91 15.38 5.52
N THR A 320 -20.68 16.37 5.98
CA THR A 320 -21.06 17.49 5.12
C THR A 320 -20.21 18.73 5.39
N PHE A 321 -19.99 19.04 6.66
CA PHE A 321 -19.10 20.12 7.03
C PHE A 321 -17.66 19.65 6.90
N GLY A 322 -17.48 18.33 7.03
CA GLY A 322 -16.17 17.74 7.21
C GLY A 322 -15.78 17.79 8.67
N SER A 323 -15.48 18.98 9.15
CA SER A 323 -15.33 19.23 10.57
C SER A 323 -16.01 20.56 10.82
N ILE A 324 -16.60 20.72 12.00
CA ILE A 324 -17.26 21.97 12.34
C ILE A 324 -16.23 23.10 12.36
N GLU A 325 -15.02 22.77 12.80
CA GLU A 325 -13.95 23.75 12.90
C GLU A 325 -13.47 24.28 11.55
N ARG A 326 -13.12 23.37 10.63
CA ARG A 326 -12.57 23.77 9.34
C ARG A 326 -13.61 24.50 8.50
N PHE A 327 -14.83 23.98 8.50
CA PHE A 327 -15.93 24.59 7.76
C PHE A 327 -16.20 26.00 8.29
N MET A 328 -16.11 26.15 9.61
CA MET A 328 -16.33 27.43 10.25
C MET A 328 -15.20 28.37 9.89
N ALA A 329 -14.01 27.82 9.67
CA ALA A 329 -12.85 28.61 9.30
C ALA A 329 -13.00 29.14 7.87
N LEU A 330 -13.65 28.35 7.02
CA LEU A 330 -13.83 28.73 5.63
C LEU A 330 -14.97 29.72 5.44
N LEU A 331 -15.91 29.73 6.38
CA LEU A 331 -16.97 30.73 6.38
C LEU A 331 -16.38 32.10 6.67
N ILE A 332 -15.50 32.14 7.67
CA ILE A 332 -14.84 33.37 8.08
C ILE A 332 -13.97 33.93 6.95
N ASP A 333 -13.34 33.02 6.20
CA ASP A 333 -12.48 33.42 5.11
C ASP A 333 -13.27 34.09 3.99
N SER A 334 -14.56 33.78 3.92
CA SER A 334 -15.41 34.30 2.86
CA SER A 334 -15.41 34.31 2.85
C SER A 334 -16.22 35.51 3.31
N ASN A 335 -16.80 35.43 4.51
CA ASN A 335 -17.63 36.52 5.01
C ASN A 335 -16.87 37.59 5.78
N GLU A 336 -15.64 37.29 6.16
CA GLU A 336 -14.78 38.23 6.88
C GLU A 336 -15.44 38.76 8.16
N GLY A 337 -16.29 37.94 8.76
CA GLY A 337 -16.97 38.33 9.98
C GLY A 337 -18.42 38.72 9.75
N ARG A 338 -18.77 38.99 8.51
CA ARG A 338 -20.13 39.39 8.18
C ARG A 338 -21.06 38.18 8.17
N TRP A 339 -21.45 37.74 9.36
CA TRP A 339 -22.33 36.58 9.50
C TRP A 339 -23.75 36.90 9.06
N PRO A 340 -24.49 35.87 8.63
CA PRO A 340 -25.93 36.00 8.44
C PRO A 340 -26.59 36.11 9.80
N PHE A 341 -27.83 36.58 9.84
CA PHE A 341 -28.51 36.85 11.11
C PHE A 341 -28.64 35.62 12.01
N TRP A 342 -29.02 34.48 11.43
CA TRP A 342 -29.29 33.28 12.21
C TRP A 342 -28.03 32.67 12.82
N LEU A 343 -26.87 33.11 12.33
CA LEU A 343 -25.61 32.50 12.74
C LEU A 343 -24.73 33.48 13.52
N ASN A 344 -25.10 34.75 13.46
CA ASN A 344 -24.31 35.83 14.05
C ASN A 344 -24.35 35.83 15.57
N PRO A 345 -23.17 35.82 16.21
CA PRO A 345 -23.09 35.99 17.66
C PRO A 345 -23.43 37.42 18.07
N TYR A 346 -23.32 38.34 17.11
CA TYR A 346 -23.72 39.72 17.31
C TYR A 346 -24.89 40.03 16.39
N GLN A 347 -26.09 39.66 16.81
CA GLN A 347 -27.26 39.79 15.94
C GLN A 347 -27.75 41.23 15.82
N ALA A 348 -27.80 41.94 16.95
CA ALA A 348 -28.26 43.32 16.94
C ALA A 348 -27.70 44.12 18.11
N VAL A 349 -27.52 45.42 17.89
CA VAL A 349 -27.09 46.31 18.96
C VAL A 349 -28.01 47.52 19.02
N ILE A 350 -28.43 47.87 20.23
CA ILE A 350 -29.30 49.00 20.43
C ILE A 350 -28.47 50.18 20.91
N ILE A 351 -28.58 51.30 20.22
CA ILE A 351 -27.76 52.47 20.50
C ILE A 351 -28.59 53.72 20.79
N PRO A 352 -28.69 54.08 22.07
CA PRO A 352 -29.32 55.35 22.45
C PRO A 352 -28.44 56.53 22.04
N VAL A 353 -29.03 57.55 21.43
CA VAL A 353 -28.28 58.72 20.98
C VAL A 353 -27.65 59.44 22.16
N ASN A 354 -28.45 59.71 23.17
CA ASN A 354 -27.94 60.27 24.42
C ASN A 354 -27.94 59.19 25.51
N THR A 355 -26.76 58.76 25.91
CA THR A 355 -26.62 57.68 26.89
C THR A 355 -27.14 58.06 28.28
N LYS A 356 -27.31 59.36 28.50
CA LYS A 356 -27.76 59.85 29.80
C LYS A 356 -29.24 60.22 29.81
N ASN A 357 -29.91 59.97 28.69
CA ASN A 357 -31.34 60.25 28.58
C ASN A 357 -32.16 59.05 29.04
N VAL A 358 -32.91 59.24 30.13
CA VAL A 358 -33.67 58.16 30.75
C VAL A 358 -34.78 57.62 29.85
N GLN A 359 -35.44 58.51 29.12
CA GLN A 359 -36.49 58.11 28.20
C GLN A 359 -35.97 57.17 27.13
N GLN A 360 -34.83 57.54 26.55
CA GLN A 360 -34.20 56.72 25.53
C GLN A 360 -33.75 55.37 26.10
N LEU A 361 -33.24 55.39 27.33
CA LEU A 361 -32.71 54.20 27.97
C LEU A 361 -33.79 53.16 28.27
N ASP A 362 -34.93 53.63 28.78
CA ASP A 362 -36.05 52.74 29.09
C ASP A 362 -36.49 52.03 27.83
N MET A 363 -36.50 52.78 26.72
CA MET A 363 -36.95 52.26 25.45
C MET A 363 -35.97 51.21 24.93
N CYS A 364 -34.68 51.44 25.18
CA CYS A 364 -33.65 50.51 24.74
C CYS A 364 -33.63 49.27 25.64
N THR A 365 -33.78 49.50 26.94
CA THR A 365 -33.76 48.42 27.92
C THR A 365 -34.91 47.46 27.68
N ALA A 366 -36.06 48.03 27.34
CA ALA A 366 -37.27 47.24 27.10
C ALA A 366 -37.10 46.29 25.92
N LEU A 367 -36.61 46.84 24.82
CA LEU A 367 -36.42 46.07 23.59
C LEU A 367 -35.40 44.95 23.79
N GLN A 368 -34.33 45.25 24.53
CA GLN A 368 -33.30 44.25 24.77
C GLN A 368 -33.86 43.09 25.60
N LYS A 369 -34.63 43.44 26.63
CA LYS A 369 -35.26 42.42 27.46
C LYS A 369 -36.18 41.54 26.63
N LYS A 370 -36.89 42.17 25.70
CA LYS A 370 -37.84 41.47 24.85
C LYS A 370 -37.13 40.49 23.93
N LEU A 371 -36.06 40.96 23.30
CA LEU A 371 -35.36 40.17 22.29
C LEU A 371 -34.48 39.09 22.90
N ARG A 372 -33.85 39.40 24.03
CA ARG A 372 -33.04 38.41 24.72
C ARG A 372 -33.92 37.31 25.29
N ASN A 373 -35.12 37.69 25.72
CA ASN A 373 -36.13 36.76 26.20
C ASN A 373 -35.61 35.84 27.29
N GLU A 374 -35.08 36.43 28.35
CA GLU A 374 -34.49 35.67 29.43
C GLU A 374 -35.03 35.82 30.85
N LEU A 375 -35.35 34.69 31.47
CA LEU A 375 -35.85 34.69 32.83
C LEU A 375 -34.98 35.07 34.03
N GLU A 376 -35.62 35.28 35.17
CA GLU A 376 -34.92 35.68 36.38
C GLU A 376 -34.47 34.46 37.17
N ALA A 377 -33.34 34.60 37.86
CA ALA A 377 -32.83 33.55 38.73
C ALA A 377 -33.54 33.59 40.08
N ASP A 378 -34.49 34.51 40.22
CA ASP A 378 -35.24 34.69 41.46
C ASP A 378 -36.29 33.61 41.66
N ASP A 379 -37.10 33.38 40.64
CA ASP A 379 -38.20 32.42 40.73
C ASP A 379 -37.82 30.98 40.37
N MET A 380 -38.83 30.17 40.09
CA MET A 380 -38.62 28.75 39.79
C MET A 380 -39.09 28.40 38.38
N GLU A 381 -39.64 29.39 37.68
CA GLU A 381 -40.08 29.18 36.30
C GLU A 381 -38.92 28.83 35.38
N PRO A 382 -38.98 27.64 34.76
CA PRO A 382 -37.91 27.18 33.88
C PRO A 382 -38.03 27.77 32.47
N VAL A 383 -36.91 27.85 31.78
CA VAL A 383 -36.90 28.29 30.40
C VAL A 383 -37.52 27.20 29.53
N PRO A 384 -38.60 27.52 28.81
CA PRO A 384 -39.31 26.54 28.00
C PRO A 384 -38.57 26.18 26.71
N LEU A 385 -39.01 25.11 26.05
CA LEU A 385 -38.40 24.65 24.81
C LEU A 385 -38.92 25.42 23.59
N ASN A 386 -38.10 25.45 22.55
CA ASN A 386 -38.45 26.08 21.27
C ASN A 386 -38.87 27.55 21.37
N ASP A 387 -38.36 28.24 22.37
CA ASP A 387 -38.60 29.67 22.50
C ASP A 387 -37.47 30.43 21.81
N TRP A 388 -37.74 31.67 21.42
CA TRP A 388 -36.76 32.47 20.68
C TRP A 388 -35.92 33.37 21.60
N HIS A 389 -34.60 33.32 21.39
CA HIS A 389 -33.67 34.19 22.11
C HIS A 389 -32.69 34.78 21.12
N PHE A 390 -32.52 36.10 21.16
CA PHE A 390 -31.63 36.79 20.22
C PHE A 390 -30.46 37.47 20.91
N ASN A 391 -29.30 37.41 20.26
CA ASN A 391 -28.09 37.99 20.80
C ASN A 391 -28.03 39.49 20.59
N VAL A 392 -28.88 40.22 21.29
CA VAL A 392 -28.89 41.67 21.17
C VAL A 392 -28.13 42.36 22.31
N ASP A 393 -27.39 43.40 21.97
CA ASP A 393 -26.58 44.11 22.96
C ASP A 393 -27.01 45.56 23.10
N LEU A 394 -26.42 46.24 24.08
CA LEU A 394 -26.76 47.62 24.34
C LEU A 394 -25.49 48.45 24.52
N ASP A 395 -25.26 49.38 23.60
CA ASP A 395 -24.07 50.23 23.65
C ASP A 395 -24.38 51.56 24.33
N ILE A 396 -24.07 51.64 25.62
CA ILE A 396 -24.25 52.87 26.39
C ILE A 396 -22.93 53.45 26.88
N ARG A 397 -21.87 53.20 26.11
CA ARG A 397 -20.59 53.84 26.38
C ARG A 397 -20.74 55.33 26.14
N ASN A 398 -20.14 56.14 27.00
CA ASN A 398 -20.22 57.58 26.84
C ASN A 398 -19.32 58.04 25.69
N GLU A 399 -19.73 57.68 24.48
CA GLU A 399 -19.04 58.04 23.26
C GLU A 399 -20.08 58.58 22.28
N PRO A 400 -19.64 59.38 21.30
CA PRO A 400 -20.57 59.91 20.28
C PRO A 400 -21.31 58.78 19.57
N VAL A 401 -22.54 59.05 19.15
CA VAL A 401 -23.40 58.04 18.53
C VAL A 401 -22.76 57.48 17.24
N GLY A 402 -22.05 58.35 16.52
CA GLY A 402 -21.41 57.95 15.28
C GLY A 402 -20.29 56.96 15.52
N TYR A 403 -19.57 57.15 16.62
CA TYR A 403 -18.46 56.26 16.97
C TYR A 403 -18.98 54.89 17.35
N ARG A 404 -20.10 54.86 18.06
CA ARG A 404 -20.70 53.60 18.49
C ARG A 404 -21.31 52.84 17.33
N ILE A 405 -21.78 53.56 16.32
CA ILE A 405 -22.32 52.95 15.12
C ILE A 405 -21.19 52.34 14.29
N LYS A 406 -20.09 53.08 14.19
CA LYS A 406 -18.92 52.58 13.47
C LYS A 406 -18.33 51.38 14.19
N SER A 407 -18.43 51.41 15.51
CA SER A 407 -17.95 50.31 16.34
C SER A 407 -18.79 49.07 16.12
N ALA A 408 -20.07 49.28 15.88
CA ALA A 408 -21.01 48.18 15.67
C ALA A 408 -20.77 47.49 14.33
N ILE A 409 -20.59 48.29 13.28
CA ILE A 409 -20.35 47.77 11.95
C ILE A 409 -19.02 47.03 11.87
N LEU A 410 -18.04 47.50 12.64
CA LEU A 410 -16.77 46.80 12.75
C LEU A 410 -16.93 45.42 13.38
N LYS A 411 -17.72 45.36 14.45
CA LYS A 411 -18.01 44.09 15.12
C LYS A 411 -18.96 43.23 14.29
N ASN A 412 -19.48 43.81 13.21
CA ASN A 412 -20.32 43.10 12.26
C ASN A 412 -21.67 42.68 12.81
N TYR A 413 -22.25 43.51 13.67
CA TYR A 413 -23.62 43.30 14.13
C TYR A 413 -24.55 43.29 12.91
N SER A 414 -25.40 42.28 12.82
CA SER A 414 -26.31 42.14 11.69
C SER A 414 -27.27 43.31 11.57
N TYR A 415 -27.69 43.85 12.71
CA TYR A 415 -28.61 44.99 12.72
C TYR A 415 -28.19 46.07 13.71
N LEU A 416 -28.47 47.32 13.35
CA LEU A 416 -28.18 48.44 14.21
C LEU A 416 -29.47 49.18 14.54
N ILE A 417 -29.81 49.24 15.83
CA ILE A 417 -31.04 49.89 16.28
C ILE A 417 -30.72 51.18 17.03
N ILE A 418 -31.18 52.30 16.48
CA ILE A 418 -30.86 53.60 17.06
C ILE A 418 -32.09 54.24 17.70
N VAL A 419 -31.90 54.87 18.86
CA VAL A 419 -33.00 55.55 19.55
C VAL A 419 -32.64 56.98 19.93
N GLY A 420 -33.33 57.93 19.30
CA GLY A 420 -33.22 59.33 19.66
C GLY A 420 -34.55 59.83 20.20
N ASP A 421 -34.74 61.14 20.18
CA ASP A 421 -35.98 61.72 20.68
C ASP A 421 -37.18 61.43 19.78
N GLU A 422 -36.95 61.50 18.46
CA GLU A 422 -38.00 61.21 17.49
C GLU A 422 -38.53 59.79 17.69
N GLU A 423 -37.63 58.89 18.08
CA GLU A 423 -37.99 57.51 18.34
C GLU A 423 -38.82 57.38 19.61
N VAL A 424 -38.41 58.10 20.65
CA VAL A 424 -39.12 58.10 21.92
C VAL A 424 -40.55 58.61 21.73
N GLN A 425 -40.68 59.66 20.92
CA GLN A 425 -41.98 60.23 20.62
C GLN A 425 -42.87 59.24 19.87
N LEU A 426 -42.32 58.67 18.80
CA LEU A 426 -43.07 57.74 17.96
C LEU A 426 -43.22 56.36 18.60
N GLN A 427 -42.42 56.10 19.63
CA GLN A 427 -42.34 54.76 20.23
C GLN A 427 -42.03 53.71 19.17
N LYS A 428 -41.14 54.08 18.26
CA LYS A 428 -40.66 53.17 17.22
C LYS A 428 -39.15 53.21 17.17
N TYR A 429 -38.54 52.08 16.80
CA TYR A 429 -37.09 51.98 16.76
C TYR A 429 -36.56 52.13 15.34
N ASN A 430 -35.51 52.93 15.19
CA ASN A 430 -34.89 53.12 13.88
C ASN A 430 -33.86 52.03 13.60
N ILE A 431 -34.30 50.97 12.93
CA ILE A 431 -33.47 49.81 12.69
C ILE A 431 -32.92 49.78 11.26
N ARG A 432 -31.63 49.45 11.14
CA ARG A 432 -30.99 49.36 9.83
C ARG A 432 -30.18 48.08 9.70
N GLU A 433 -29.94 47.68 8.46
CA GLU A 433 -29.14 46.50 8.19
C GLU A 433 -27.67 46.86 8.14
N ARG A 434 -26.83 45.89 8.50
CA ARG A 434 -25.39 46.08 8.56
C ARG A 434 -24.80 46.47 7.21
N ASP A 435 -25.24 45.80 6.15
CA ASP A 435 -24.62 45.93 4.85
C ASP A 435 -25.34 46.90 3.92
N ASN A 436 -26.24 47.69 4.49
CA ASN A 436 -26.95 48.72 3.73
C ASN A 436 -27.37 49.86 4.62
N ARG A 437 -26.62 50.96 4.57
CA ARG A 437 -26.87 52.09 5.46
C ARG A 437 -28.04 52.96 5.02
N LYS A 438 -28.79 52.48 4.03
CA LYS A 438 -30.00 53.15 3.58
C LYS A 438 -31.19 52.22 3.77
N SER A 439 -31.06 51.30 4.72
CA SER A 439 -32.11 50.32 5.01
C SER A 439 -32.84 50.70 6.29
N PHE A 440 -32.79 51.98 6.64
CA PHE A 440 -33.44 52.48 7.85
C PHE A 440 -34.95 52.42 7.74
N GLU A 441 -35.57 51.89 8.78
CA GLU A 441 -37.02 51.86 8.89
C GLU A 441 -37.40 51.89 10.36
N LYS A 442 -38.58 52.42 10.66
CA LYS A 442 -39.01 52.54 12.04
C LYS A 442 -40.02 51.47 12.39
N LEU A 443 -39.61 50.52 13.23
CA LEU A 443 -40.47 49.42 13.63
C LEU A 443 -40.77 49.47 15.11
N THR A 444 -41.74 48.68 15.54
CA THR A 444 -42.09 48.60 16.95
C THR A 444 -41.39 47.41 17.60
N MET A 445 -41.60 47.26 18.91
CA MET A 445 -41.03 46.14 19.65
C MET A 445 -41.53 44.82 19.07
N SER A 446 -42.81 44.80 18.70
CA SER A 446 -43.42 43.60 18.15
C SER A 446 -42.89 43.29 16.76
N GLN A 447 -42.82 44.32 15.91
CA GLN A 447 -42.38 44.15 14.54
C GLN A 447 -40.96 43.62 14.44
N ILE A 448 -40.06 44.14 15.27
CA ILE A 448 -38.67 43.70 15.29
C ILE A 448 -38.57 42.27 15.81
N TRP A 449 -39.37 41.95 16.81
CA TRP A 449 -39.43 40.60 17.37
C TRP A 449 -39.85 39.61 16.29
N GLU A 450 -40.90 39.95 15.55
CA GLU A 450 -41.42 39.08 14.50
C GLU A 450 -40.48 39.06 13.29
N LYS A 451 -39.76 40.15 13.09
CA LYS A 451 -38.81 40.25 11.99
C LYS A 451 -37.64 39.29 12.20
N PHE A 452 -37.10 39.31 13.41
CA PHE A 452 -35.95 38.49 13.76
C PHE A 452 -36.28 37.00 13.75
N ILE A 453 -37.55 36.67 13.96
CA ILE A 453 -37.98 35.28 13.93
C ILE A 453 -38.07 34.78 12.48
N GLU A 454 -38.64 35.60 11.61
CA GLU A 454 -38.75 35.26 10.20
C GLU A 454 -37.40 35.12 9.53
N LEU A 455 -36.38 35.71 10.13
CA LEU A 455 -35.02 35.62 9.63
C LEU A 455 -34.43 34.25 9.93
N GLU A 456 -34.66 33.75 11.14
CA GLU A 456 -34.15 32.46 11.54
C GLU A 456 -34.94 31.31 10.91
N LYS A 457 -36.22 31.54 10.66
CA LYS A 457 -37.06 30.53 10.02
C LYS A 457 -36.90 30.53 8.50
N ASN A 458 -35.98 31.36 8.02
CA ASN A 458 -35.64 31.40 6.61
C ASN A 458 -34.15 31.19 6.41
N TYR A 459 -33.45 30.93 7.51
CA TYR A 459 -31.99 30.81 7.51
C TYR A 459 -31.29 31.99 6.84
N LYS A 460 -31.81 33.18 7.06
CA LYS A 460 -31.23 34.40 6.51
C LYS A 460 -30.44 35.16 7.56
N MET B 36 39.21 0.03 -10.33
CA MET B 36 39.25 -1.11 -9.42
C MET B 36 39.76 -2.37 -10.11
N THR B 37 38.89 -3.01 -10.90
CA THR B 37 39.26 -4.23 -11.61
C THR B 37 40.07 -3.90 -12.87
N SER B 38 40.42 -2.64 -13.01
CA SER B 38 41.11 -2.13 -14.20
C SER B 38 42.41 -2.86 -14.50
N MET B 39 43.27 -2.97 -13.49
CA MET B 39 44.61 -3.52 -13.69
C MET B 39 44.61 -4.98 -14.14
N VAL B 40 43.77 -5.79 -13.51
CA VAL B 40 43.67 -7.21 -13.85
C VAL B 40 43.01 -7.40 -15.22
N SER B 41 42.04 -6.53 -15.53
CA SER B 41 41.36 -6.60 -16.81
C SER B 41 42.35 -6.29 -17.93
N GLN B 42 43.19 -5.29 -17.70
CA GLN B 42 44.18 -4.89 -18.68
C GLN B 42 45.25 -5.96 -18.81
N ARG B 43 45.58 -6.58 -17.68
CA ARG B 43 46.66 -7.56 -17.63
C ARG B 43 46.25 -8.89 -18.23
N GLN B 44 45.01 -9.29 -18.02
CA GLN B 44 44.53 -10.60 -18.47
C GLN B 44 43.60 -10.53 -19.67
N ASP B 45 43.45 -9.34 -20.24
CA ASP B 45 42.57 -9.12 -21.39
C ASP B 45 41.14 -9.57 -21.10
N LEU B 46 40.55 -9.01 -20.05
CA LEU B 46 39.24 -9.44 -19.59
C LEU B 46 38.10 -8.64 -20.20
N PHE B 47 38.07 -7.34 -19.95
CA PHE B 47 36.94 -6.52 -20.34
C PHE B 47 37.36 -5.34 -21.22
N MET B 48 36.37 -4.54 -21.61
CA MET B 48 36.60 -3.40 -22.51
C MET B 48 35.43 -2.42 -22.47
N THR B 49 35.75 -1.13 -22.49
CA THR B 49 34.73 -0.10 -22.52
C THR B 49 34.85 0.79 -23.76
N ASP B 50 33.71 1.28 -24.23
CA ASP B 50 33.69 2.24 -25.31
C ASP B 50 32.56 3.23 -25.04
N PRO B 51 32.82 4.53 -25.22
CA PRO B 51 31.82 5.57 -24.95
C PRO B 51 30.63 5.53 -25.91
N LEU B 52 30.63 4.59 -26.85
CA LEU B 52 29.49 4.37 -27.72
C LEU B 52 28.43 3.52 -27.03
N SER B 53 28.73 3.12 -25.80
CA SER B 53 27.78 2.40 -24.97
CA SER B 53 27.78 2.40 -24.97
C SER B 53 28.16 2.51 -23.49
N PRO B 54 27.96 3.70 -22.90
CA PRO B 54 28.32 3.96 -21.51
C PRO B 54 27.49 3.13 -20.53
N GLY B 55 28.15 2.44 -19.60
CA GLY B 55 27.45 1.64 -18.60
C GLY B 55 27.27 0.20 -19.04
N SER B 56 27.72 -0.10 -20.24
CA SER B 56 27.63 -1.46 -20.76
C SER B 56 29.02 -2.02 -21.03
N MET B 57 29.18 -3.32 -20.81
CA MET B 57 30.49 -3.96 -20.88
C MET B 57 30.73 -4.76 -22.15
N PHE B 58 32.01 -4.84 -22.52
CA PHE B 58 32.47 -5.77 -23.54
C PHE B 58 33.26 -6.87 -22.86
N PHE B 59 32.81 -8.12 -23.04
CA PHE B 59 33.52 -9.25 -22.49
C PHE B 59 34.47 -9.83 -23.53
N LEU B 60 35.74 -9.47 -23.42
CA LEU B 60 36.78 -10.06 -24.25
C LEU B 60 36.86 -11.55 -23.94
N PRO B 61 37.32 -12.37 -24.92
CA PRO B 61 37.32 -13.84 -24.83
C PRO B 61 37.69 -14.40 -23.47
N ASN B 62 38.73 -13.87 -22.83
CA ASN B 62 39.13 -14.33 -21.51
C ASN B 62 38.13 -13.94 -20.43
N GLY B 63 37.60 -12.73 -20.53
CA GLY B 63 36.61 -12.26 -19.58
C GLY B 63 35.30 -13.00 -19.70
N ALA B 64 34.99 -13.43 -20.92
CA ALA B 64 33.75 -14.16 -21.18
C ALA B 64 33.84 -15.59 -20.68
N LYS B 65 35.05 -16.15 -20.70
CA LYS B 65 35.27 -17.51 -20.20
C LYS B 65 34.94 -17.61 -18.72
N ILE B 66 35.23 -16.54 -17.97
CA ILE B 66 34.93 -16.48 -16.55
C ILE B 66 33.45 -16.22 -16.33
N PHE B 67 32.88 -15.39 -17.20
CA PHE B 67 31.46 -15.08 -17.16
C PHE B 67 30.64 -16.35 -17.34
N ASN B 68 31.01 -17.16 -18.33
CA ASN B 68 30.30 -18.39 -18.64
C ASN B 68 30.48 -19.48 -17.59
N LYS B 69 31.70 -19.57 -17.04
CA LYS B 69 32.01 -20.59 -16.04
C LYS B 69 31.20 -20.37 -14.76
N LEU B 70 31.07 -19.12 -14.35
CA LEU B 70 30.29 -18.78 -13.17
C LEU B 70 28.81 -19.09 -13.40
N ILE B 71 28.33 -18.80 -14.60
CA ILE B 71 26.96 -19.11 -14.97
C ILE B 71 26.77 -20.62 -15.05
N GLU B 72 27.74 -21.30 -15.64
CA GLU B 72 27.70 -22.75 -15.75
C GLU B 72 27.65 -23.40 -14.38
N PHE B 73 28.44 -22.88 -13.45
CA PHE B 73 28.46 -23.37 -12.08
C PHE B 73 27.11 -23.20 -11.40
N MET B 74 26.50 -22.03 -11.57
CA MET B 74 25.25 -21.71 -10.91
C MET B 74 24.09 -22.53 -11.48
N LYS B 75 24.12 -22.76 -12.78
CA LYS B 75 23.06 -23.54 -13.43
C LYS B 75 23.01 -24.97 -12.90
N LEU B 76 24.18 -25.53 -12.61
CA LEU B 76 24.26 -26.88 -12.08
C LEU B 76 23.64 -26.96 -10.70
N GLN B 77 23.92 -25.95 -9.87
CA GLN B 77 23.42 -25.93 -8.50
C GLN B 77 21.90 -25.74 -8.49
N GLN B 78 21.42 -24.82 -9.33
CA GLN B 78 20.00 -24.51 -9.37
C GLN B 78 19.17 -25.64 -9.96
N LYS B 79 19.67 -26.29 -11.00
CA LYS B 79 18.92 -27.34 -11.67
C LYS B 79 18.99 -28.70 -10.97
N PHE B 80 20.17 -29.06 -10.48
CA PHE B 80 20.37 -30.40 -9.97
C PHE B 80 20.44 -30.53 -8.45
N LYS B 81 20.46 -29.41 -7.75
CA LYS B 81 20.46 -29.44 -6.30
C LYS B 81 19.34 -28.66 -5.60
N PHE B 82 18.98 -27.51 -6.17
CA PHE B 82 17.99 -26.64 -5.55
C PHE B 82 16.68 -26.51 -6.33
N GLY B 83 16.49 -27.39 -7.31
CA GLY B 83 15.21 -27.52 -7.98
C GLY B 83 14.67 -26.29 -8.69
N PHE B 84 15.52 -25.62 -9.46
CA PHE B 84 15.08 -24.51 -10.29
C PHE B 84 14.93 -24.94 -11.75
N ASN B 85 13.95 -24.37 -12.43
CA ASN B 85 13.74 -24.62 -13.85
C ASN B 85 13.96 -23.35 -14.65
N GLU B 86 15.02 -23.33 -15.46
CA GLU B 86 15.37 -22.14 -16.21
C GLU B 86 14.38 -21.82 -17.32
N VAL B 87 14.03 -20.54 -17.42
CA VAL B 87 13.22 -20.04 -18.51
C VAL B 87 13.98 -18.95 -19.25
N VAL B 88 13.58 -18.69 -20.49
CA VAL B 88 14.12 -17.56 -21.24
C VAL B 88 12.98 -16.59 -21.56
N THR B 89 13.10 -15.37 -21.08
CA THR B 89 12.01 -14.40 -21.17
C THR B 89 12.37 -13.23 -22.08
N PRO B 90 11.35 -12.57 -22.65
CA PRO B 90 11.53 -11.37 -23.47
C PRO B 90 12.29 -10.27 -22.75
N LEU B 91 12.94 -9.41 -23.51
CA LEU B 91 13.67 -8.27 -22.96
C LEU B 91 12.76 -7.05 -22.87
N ILE B 92 11.90 -6.89 -23.86
CA ILE B 92 10.99 -5.74 -23.91
C ILE B 92 9.53 -6.15 -23.71
N TYR B 93 8.81 -5.33 -22.95
CA TYR B 93 7.38 -5.51 -22.76
C TYR B 93 6.70 -4.18 -22.97
N LYS B 94 5.39 -4.20 -23.18
CA LYS B 94 4.64 -2.97 -23.37
C LYS B 94 4.54 -2.19 -22.06
N LYS B 95 4.12 -0.93 -22.17
CA LYS B 95 3.97 -0.06 -21.01
C LYS B 95 3.01 -0.65 -19.99
N THR B 96 1.95 -1.28 -20.50
CA THR B 96 0.89 -1.84 -19.67
C THR B 96 1.39 -2.83 -18.62
N LEU B 97 2.36 -3.66 -19.02
CA LEU B 97 2.94 -4.64 -18.12
C LEU B 97 3.65 -3.97 -16.95
N TRP B 98 4.43 -2.93 -17.25
CA TRP B 98 5.17 -2.22 -16.23
C TRP B 98 4.22 -1.40 -15.35
N GLU B 99 3.11 -0.94 -15.94
CA GLU B 99 2.09 -0.24 -15.17
C GLU B 99 1.35 -1.24 -14.29
N LYS B 100 1.16 -2.44 -14.82
CA LYS B 100 0.53 -3.51 -14.06
C LYS B 100 1.44 -3.92 -12.90
N SER B 101 2.74 -3.89 -13.16
CA SER B 101 3.74 -4.23 -12.17
C SER B 101 3.96 -3.09 -11.18
N GLY B 102 3.94 -1.87 -11.68
CA GLY B 102 4.17 -0.70 -10.84
C GLY B 102 5.57 -0.15 -11.01
N HIS B 103 6.17 -0.41 -12.17
CA HIS B 103 7.51 0.08 -12.45
C HIS B 103 7.47 1.32 -13.34
N TRP B 104 6.26 1.72 -13.74
CA TRP B 104 6.08 2.97 -14.45
C TRP B 104 5.95 4.09 -13.44
N GLU B 105 5.68 3.70 -12.19
CA GLU B 105 5.61 4.65 -11.08
C GLU B 105 6.96 4.72 -10.38
N ASN B 106 7.42 3.57 -9.88
CA ASN B 106 8.63 3.50 -9.09
C ASN B 106 9.92 3.51 -9.92
N TYR B 107 9.84 3.09 -11.18
CA TYR B 107 11.06 2.84 -11.95
C TYR B 107 11.16 3.51 -13.32
N ALA B 108 10.05 4.05 -13.83
CA ALA B 108 10.05 4.64 -15.17
C ALA B 108 11.10 5.74 -15.35
N ASP B 109 11.51 6.33 -14.23
CA ASP B 109 12.59 7.33 -14.23
C ASP B 109 13.92 6.65 -14.50
N ASP B 110 14.08 5.43 -13.99
CA ASP B 110 15.31 4.67 -14.16
C ASP B 110 15.08 3.44 -15.02
N MET B 111 14.27 3.59 -16.07
CA MET B 111 14.00 2.50 -17.00
C MET B 111 14.08 3.00 -18.44
N PHE B 112 14.81 2.27 -19.28
CA PHE B 112 14.90 2.60 -20.70
C PHE B 112 13.59 2.31 -21.41
N LYS B 113 13.02 3.33 -22.04
CA LYS B 113 11.78 3.16 -22.79
C LYS B 113 12.07 3.00 -24.28
N VAL B 114 11.37 2.06 -24.91
CA VAL B 114 11.52 1.82 -26.34
C VAL B 114 10.31 2.36 -27.10
N GLU B 115 10.55 3.35 -27.94
CA GLU B 115 9.47 3.99 -28.70
C GLU B 115 9.36 3.44 -30.11
N THR B 116 8.17 3.54 -30.68
CA THR B 116 7.91 3.10 -32.04
C THR B 116 6.99 4.07 -32.78
N LYS B 121 0.81 3.60 -31.72
CA LYS B 121 2.12 4.01 -31.27
C LYS B 121 2.37 3.56 -29.83
N GLU B 122 2.31 2.25 -29.61
CA GLU B 122 2.52 1.68 -28.29
C GLU B 122 4.00 1.74 -27.90
N GLU B 123 4.26 2.19 -26.68
CA GLU B 123 5.62 2.32 -26.19
C GLU B 123 6.04 1.13 -25.32
N TYR B 124 7.23 0.62 -25.57
CA TYR B 124 7.75 -0.54 -24.86
C TYR B 124 8.81 -0.14 -23.85
N GLY B 125 9.11 -1.05 -22.92
CA GLY B 125 10.10 -0.80 -21.89
C GLY B 125 11.09 -1.93 -21.75
N LEU B 126 12.38 -1.59 -21.76
CA LEU B 126 13.43 -2.58 -21.54
C LEU B 126 13.44 -2.98 -20.08
N LYS B 127 13.46 -4.28 -19.82
CA LYS B 127 13.27 -4.78 -18.47
C LYS B 127 14.43 -4.52 -17.51
N PRO B 128 14.13 -3.88 -16.38
CA PRO B 128 15.10 -3.72 -15.28
C PRO B 128 15.01 -4.89 -14.31
N MET B 129 14.00 -5.73 -14.51
CA MET B 129 13.74 -6.88 -13.64
C MET B 129 13.13 -8.04 -14.42
N ASN B 130 13.24 -9.24 -13.86
CA ASN B 130 12.67 -10.42 -14.48
C ASN B 130 11.36 -10.83 -13.81
N CYS B 131 10.93 -10.04 -12.82
CA CYS B 131 9.76 -10.38 -12.01
C CYS B 131 8.46 -10.58 -12.80
N PRO B 132 8.02 -9.56 -13.56
CA PRO B 132 6.69 -9.65 -14.18
C PRO B 132 6.59 -10.74 -15.23
N GLY B 133 7.68 -11.00 -15.94
CA GLY B 133 7.70 -12.02 -16.97
C GLY B 133 7.41 -13.40 -16.41
N HIS B 134 7.87 -13.63 -15.19
CA HIS B 134 7.66 -14.92 -14.52
C HIS B 134 6.25 -15.02 -13.94
N CYS B 135 5.67 -13.86 -13.62
CA CYS B 135 4.29 -13.80 -13.18
C CYS B 135 3.35 -14.23 -14.30
N LEU B 136 3.67 -13.81 -15.52
CA LEU B 136 2.90 -14.20 -16.69
C LEU B 136 2.96 -15.70 -16.94
N ILE B 137 4.10 -16.30 -16.63
CA ILE B 137 4.29 -17.74 -16.83
C ILE B 137 3.48 -18.53 -15.80
N PHE B 138 3.50 -18.07 -14.55
CA PHE B 138 2.74 -18.71 -13.50
C PHE B 138 1.25 -18.57 -13.78
N GLY B 139 0.85 -17.45 -14.34
CA GLY B 139 -0.55 -17.17 -14.59
C GLY B 139 -1.04 -17.64 -15.94
N LYS B 140 -0.22 -18.42 -16.64
CA LYS B 140 -0.57 -18.89 -17.98
C LYS B 140 -1.36 -20.19 -17.92
N LYS B 141 -0.88 -21.14 -17.12
CA LYS B 141 -1.60 -22.38 -16.91
C LYS B 141 -2.40 -22.31 -15.60
N ASP B 142 -3.18 -23.35 -15.34
CA ASP B 142 -3.88 -23.47 -14.06
C ASP B 142 -2.94 -24.12 -13.07
N ARG B 143 -2.78 -23.47 -11.91
CA ARG B 143 -1.80 -23.93 -10.92
C ARG B 143 -2.45 -24.62 -9.72
N SER B 144 -1.83 -25.71 -9.30
CA SER B 144 -2.28 -26.43 -8.10
C SER B 144 -1.26 -26.24 -6.98
N TYR B 145 -1.61 -26.67 -5.78
CA TYR B 145 -0.71 -26.59 -4.65
C TYR B 145 0.30 -27.73 -4.71
N ASN B 146 0.01 -28.70 -5.57
CA ASN B 146 0.86 -29.87 -5.73
C ASN B 146 2.16 -29.54 -6.46
N GLU B 147 2.09 -28.58 -7.36
CA GLU B 147 3.26 -28.18 -8.14
C GLU B 147 4.07 -27.09 -7.45
N LEU B 148 3.67 -26.75 -6.21
CA LEU B 148 4.41 -25.77 -5.42
C LEU B 148 5.37 -26.47 -4.44
N PRO B 149 6.54 -25.87 -4.18
CA PRO B 149 7.02 -24.59 -4.71
C PRO B 149 7.44 -24.67 -6.18
N LEU B 150 7.05 -23.65 -6.94
CA LEU B 150 7.38 -23.58 -8.36
C LEU B 150 8.52 -22.59 -8.53
N ARG B 151 9.65 -23.07 -9.01
CA ARG B 151 10.87 -22.26 -9.06
C ARG B 151 11.36 -22.02 -10.48
N PHE B 152 11.43 -20.75 -10.87
CA PHE B 152 11.92 -20.36 -12.18
C PHE B 152 13.19 -19.53 -12.06
N SER B 153 14.20 -19.88 -12.85
CA SER B 153 15.44 -19.11 -12.89
C SER B 153 15.61 -18.43 -14.24
N ASP B 154 16.41 -17.35 -14.26
CA ASP B 154 16.55 -16.54 -15.46
C ASP B 154 17.86 -15.75 -15.47
N PHE B 155 18.66 -15.96 -16.50
CA PHE B 155 19.94 -15.26 -16.66
C PHE B 155 19.87 -14.14 -17.70
N SER B 156 18.68 -13.57 -17.86
CA SER B 156 18.47 -12.53 -18.86
C SER B 156 19.24 -11.26 -18.52
N PRO B 157 19.78 -10.59 -19.55
CA PRO B 157 20.44 -9.29 -19.35
C PRO B 157 19.41 -8.24 -18.95
N LEU B 158 19.73 -7.45 -17.94
CA LEU B 158 18.81 -6.44 -17.44
C LEU B 158 19.35 -5.03 -17.68
N HIS B 159 18.45 -4.07 -17.83
CA HIS B 159 18.84 -2.70 -18.14
C HIS B 159 18.25 -1.68 -17.18
N ARG B 160 19.12 -1.05 -16.41
CA ARG B 160 18.72 0.03 -15.51
C ARG B 160 19.48 1.29 -15.89
N ASN B 161 18.76 2.38 -16.13
CA ASN B 161 19.39 3.64 -16.50
C ASN B 161 19.94 4.37 -15.29
N GLU B 162 20.97 3.80 -14.68
CA GLU B 162 21.60 4.38 -13.50
C GLU B 162 22.24 5.71 -13.85
N ALA B 163 22.38 6.58 -12.85
CA ALA B 163 22.99 7.89 -13.03
C ALA B 163 24.43 7.74 -13.51
N SER B 164 24.87 8.68 -14.34
CA SER B 164 26.20 8.62 -14.94
C SER B 164 27.32 8.61 -13.90
N GLY B 165 27.06 9.24 -12.75
CA GLY B 165 28.03 9.29 -11.67
C GLY B 165 28.01 8.05 -10.80
N ALA B 166 26.95 7.25 -10.94
CA ALA B 166 26.80 6.02 -10.17
C ALA B 166 27.56 4.88 -10.83
N LEU B 167 27.75 4.98 -12.14
CA LEU B 167 28.42 3.95 -12.92
C LEU B 167 29.86 3.76 -12.43
N SER B 168 30.19 2.52 -12.07
CA SER B 168 31.52 2.22 -11.54
C SER B 168 31.99 0.83 -11.96
N GLY B 169 32.58 0.74 -13.14
CA GLY B 169 33.13 -0.51 -13.63
C GLY B 169 32.11 -1.62 -13.69
N LEU B 170 32.48 -2.78 -13.17
CA LEU B 170 31.57 -3.93 -13.12
C LEU B 170 30.62 -3.85 -11.94
N THR B 171 30.85 -2.89 -11.05
CA THR B 171 30.08 -2.80 -9.83
C THR B 171 28.66 -2.28 -10.08
N ARG B 172 28.55 -1.22 -10.86
CA ARG B 172 27.25 -0.63 -11.16
C ARG B 172 27.13 -0.30 -12.64
N LEU B 173 26.49 -1.19 -13.38
CA LEU B 173 26.39 -1.07 -14.83
C LEU B 173 24.98 -0.69 -15.27
N ARG B 174 24.84 -0.32 -16.53
CA ARG B 174 23.53 -0.10 -17.12
C ARG B 174 22.98 -1.42 -17.64
N LYS B 175 23.88 -2.31 -18.04
CA LYS B 175 23.51 -3.66 -18.46
C LYS B 175 24.23 -4.70 -17.62
N PHE B 176 23.48 -5.64 -17.06
CA PHE B 176 24.06 -6.68 -16.24
C PHE B 176 23.17 -7.93 -16.21
N HIS B 177 23.79 -9.07 -15.96
CA HIS B 177 23.07 -10.33 -15.86
C HIS B 177 22.93 -10.77 -14.41
N GLN B 178 21.71 -11.03 -13.99
CA GLN B 178 21.46 -11.56 -12.65
C GLN B 178 21.28 -13.07 -12.72
N ASP B 179 21.77 -13.77 -11.70
CA ASP B 179 21.43 -15.16 -11.51
C ASP B 179 20.08 -15.21 -10.82
N ASP B 180 19.09 -14.63 -11.49
CA ASP B 180 17.79 -14.37 -10.90
C ASP B 180 16.95 -15.63 -10.76
N GLY B 181 16.04 -15.60 -9.80
CA GLY B 181 15.17 -16.72 -9.54
C GLY B 181 13.95 -16.29 -8.75
N HIS B 182 12.79 -16.78 -9.14
CA HIS B 182 11.54 -16.46 -8.45
C HIS B 182 10.86 -17.73 -7.95
N ILE B 183 10.45 -17.71 -6.69
CA ILE B 183 9.82 -18.87 -6.08
C ILE B 183 8.36 -18.59 -5.76
N PHE B 184 7.46 -19.42 -6.27
CA PHE B 184 6.05 -19.33 -5.96
C PHE B 184 5.68 -20.46 -5.01
N CYS B 185 5.22 -20.12 -3.80
CA CYS B 185 4.97 -21.14 -2.79
C CYS B 185 3.78 -20.82 -1.88
N THR B 186 3.50 -21.75 -0.97
CA THR B 186 2.45 -21.59 0.03
C THR B 186 3.05 -21.09 1.34
N PRO B 187 2.23 -20.46 2.20
CA PRO B 187 2.72 -19.89 3.46
C PRO B 187 3.39 -20.88 4.41
N SER B 188 3.30 -22.18 4.12
CA SER B 188 3.95 -23.19 4.95
C SER B 188 5.27 -23.61 4.33
N GLN B 189 5.67 -22.93 3.27
CA GLN B 189 6.86 -23.30 2.52
C GLN B 189 7.89 -22.18 2.50
N VAL B 190 7.51 -21.02 3.01
CA VAL B 190 8.34 -19.82 2.93
C VAL B 190 9.70 -19.98 3.60
N LYS B 191 9.70 -20.40 4.87
CA LYS B 191 10.94 -20.54 5.61
C LYS B 191 11.91 -21.51 4.93
N SER B 192 11.40 -22.69 4.60
CA SER B 192 12.21 -23.74 3.99
C SER B 192 12.81 -23.29 2.67
N GLU B 193 12.04 -22.57 1.88
CA GLU B 193 12.51 -22.08 0.59
C GLU B 193 13.58 -21.01 0.77
N ILE B 194 13.41 -20.18 1.80
CA ILE B 194 14.38 -19.15 2.11
C ILE B 194 15.65 -19.77 2.72
N PHE B 195 15.47 -20.77 3.57
CA PHE B 195 16.61 -21.47 4.15
C PHE B 195 17.43 -22.17 3.07
N ASN B 196 16.75 -22.66 2.04
CA ASN B 196 17.41 -23.30 0.92
C ASN B 196 18.20 -22.28 0.10
N SER B 197 17.64 -21.09 -0.03
CA SER B 197 18.32 -20.01 -0.73
C SER B 197 19.55 -19.56 0.05
N LEU B 198 19.50 -19.74 1.37
CA LEU B 198 20.63 -19.43 2.21
C LEU B 198 21.70 -20.51 2.09
N LYS B 199 21.27 -21.74 1.83
CA LYS B 199 22.18 -22.86 1.70
C LYS B 199 23.08 -22.67 0.49
N LEU B 200 22.47 -22.26 -0.62
CA LEU B 200 23.19 -21.99 -1.84
C LEU B 200 24.15 -20.83 -1.64
N ILE B 201 23.72 -19.86 -0.85
CA ILE B 201 24.54 -18.70 -0.52
C ILE B 201 25.77 -19.11 0.30
N ASP B 202 25.56 -20.00 1.26
CA ASP B 202 26.66 -20.51 2.07
C ASP B 202 27.66 -21.27 1.21
N ILE B 203 27.16 -22.01 0.24
CA ILE B 203 28.02 -22.76 -0.66
C ILE B 203 28.89 -21.82 -1.48
N VAL B 204 28.28 -20.77 -2.01
CA VAL B 204 29.00 -19.81 -2.84
C VAL B 204 30.00 -18.99 -2.02
N TYR B 205 29.53 -18.37 -0.96
CA TYR B 205 30.32 -17.39 -0.23
C TYR B 205 31.21 -17.95 0.88
N ASN B 206 30.84 -19.12 1.42
CA ASN B 206 31.61 -19.70 2.51
C ASN B 206 32.41 -20.94 2.09
N LYS B 207 32.12 -21.49 0.93
CA LYS B 207 32.77 -22.72 0.50
C LYS B 207 33.53 -22.62 -0.81
N ILE B 208 32.85 -22.18 -1.87
CA ILE B 208 33.46 -22.15 -3.19
C ILE B 208 34.25 -20.86 -3.44
N PHE B 209 33.67 -19.73 -3.05
CA PHE B 209 34.33 -18.43 -3.24
C PHE B 209 34.51 -17.68 -1.92
N PRO B 210 35.26 -18.27 -0.96
CA PRO B 210 35.45 -17.53 0.29
C PRO B 210 36.42 -16.37 0.10
N PHE B 211 36.09 -15.22 0.69
CA PHE B 211 36.89 -14.01 0.56
C PHE B 211 37.87 -13.84 1.72
N SER B 220 32.21 -13.92 9.54
CA SER B 220 32.57 -14.87 8.48
C SER B 220 32.90 -14.14 7.18
N ASN B 221 32.27 -14.57 6.09
CA ASN B 221 32.53 -13.97 4.79
C ASN B 221 31.47 -12.96 4.36
N TYR B 222 30.36 -12.92 5.08
CA TYR B 222 29.31 -11.96 4.78
C TYR B 222 28.41 -11.70 5.98
N PHE B 223 27.75 -10.54 5.96
CA PHE B 223 26.67 -10.26 6.90
C PHE B 223 25.42 -9.85 6.12
N ILE B 224 24.25 -10.02 6.74
CA ILE B 224 22.99 -9.75 6.07
C ILE B 224 22.36 -8.43 6.52
N ASN B 225 22.00 -7.60 5.56
CA ASN B 225 21.27 -6.37 5.82
C ASN B 225 19.76 -6.60 5.83
N PHE B 226 19.17 -6.56 7.02
CA PHE B 226 17.73 -6.66 7.15
C PHE B 226 17.08 -5.39 6.62
N SER B 227 16.88 -5.33 5.31
CA SER B 227 16.36 -4.14 4.65
C SER B 227 14.84 -4.04 4.84
N THR B 228 14.43 -3.36 5.90
CA THR B 228 13.02 -3.28 6.25
C THR B 228 12.25 -2.30 5.36
N ARG B 229 11.00 -2.05 5.75
CA ARG B 229 10.05 -1.22 5.03
C ARG B 229 10.62 0.15 4.64
N PRO B 230 10.64 0.45 3.33
CA PRO B 230 11.14 1.73 2.83
C PRO B 230 10.14 2.86 3.06
N ASP B 231 10.52 4.08 2.71
CA ASP B 231 9.63 5.22 2.83
C ASP B 231 8.47 5.10 1.84
N HIS B 232 8.81 4.85 0.59
CA HIS B 232 7.80 4.69 -0.46
C HIS B 232 7.59 3.22 -0.82
N PHE B 233 6.53 2.64 -0.28
CA PHE B 233 6.20 1.24 -0.50
C PHE B 233 4.71 1.10 -0.77
N ILE B 234 4.24 -0.12 -0.96
CA ILE B 234 2.83 -0.36 -1.22
C ILE B 234 2.30 -1.56 -0.43
N GLY B 235 1.00 -1.53 -0.13
CA GLY B 235 0.34 -2.64 0.52
C GLY B 235 -0.21 -2.33 1.89
N ASP B 236 -0.65 -3.38 2.57
CA ASP B 236 -1.16 -3.27 3.93
C ASP B 236 -0.04 -3.47 4.94
N LEU B 237 0.12 -2.53 5.86
CA LEU B 237 1.20 -2.55 6.83
C LEU B 237 1.11 -3.76 7.76
N LYS B 238 -0.10 -4.30 7.90
CA LYS B 238 -0.33 -5.51 8.67
C LYS B 238 0.45 -6.65 8.02
N VAL B 239 0.41 -6.68 6.69
CA VAL B 239 1.15 -7.67 5.92
C VAL B 239 2.66 -7.42 6.02
N TRP B 240 3.06 -6.16 5.94
CA TRP B 240 4.46 -5.78 6.05
C TRP B 240 5.05 -6.16 7.40
N ASN B 241 4.27 -5.97 8.46
CA ASN B 241 4.68 -6.35 9.80
C ASN B 241 4.87 -7.86 9.90
N HIS B 242 4.00 -8.59 9.20
CA HIS B 242 4.07 -10.05 9.16
C HIS B 242 5.34 -10.50 8.45
N ALA B 243 5.58 -9.95 7.27
CA ALA B 243 6.71 -10.35 6.44
C ALA B 243 8.04 -10.13 7.15
N GLU B 244 8.22 -8.94 7.71
CA GLU B 244 9.44 -8.61 8.43
C GLU B 244 9.62 -9.51 9.65
N GLN B 245 8.51 -9.90 10.25
CA GLN B 245 8.56 -10.80 11.40
C GLN B 245 9.03 -12.18 10.97
N VAL B 246 8.54 -12.64 9.83
CA VAL B 246 8.95 -13.93 9.28
C VAL B 246 10.44 -13.94 8.98
N LEU B 247 10.91 -12.89 8.29
CA LEU B 247 12.32 -12.78 7.94
C LEU B 247 13.20 -12.69 9.18
N LYS B 248 12.68 -12.03 10.22
CA LYS B 248 13.42 -11.88 11.46
C LYS B 248 13.63 -13.23 12.13
N GLU B 249 12.58 -14.05 12.12
CA GLU B 249 12.65 -15.38 12.71
C GLU B 249 13.65 -16.25 11.96
N ILE B 250 13.64 -16.13 10.64
CA ILE B 250 14.60 -16.84 9.79
C ILE B 250 16.01 -16.35 10.10
N LEU B 251 16.13 -15.05 10.29
CA LEU B 251 17.42 -14.44 10.55
C LEU B 251 17.98 -14.93 11.89
N GLU B 252 17.09 -15.21 12.82
CA GLU B 252 17.48 -15.71 14.14
C GLU B 252 17.89 -17.18 14.08
N GLU B 253 17.09 -17.99 13.38
CA GLU B 253 17.36 -19.41 13.26
C GLU B 253 18.67 -19.66 12.52
N SER B 254 18.88 -18.89 11.44
CA SER B 254 20.07 -19.03 10.62
C SER B 254 21.34 -18.77 11.44
N GLY B 255 21.21 -17.92 12.45
CA GLY B 255 22.34 -17.57 13.29
C GLY B 255 23.45 -16.94 12.48
N LYS B 256 23.08 -15.91 11.71
CA LYS B 256 24.03 -15.25 10.83
C LYS B 256 24.21 -13.79 11.23
N PRO B 257 25.44 -13.28 11.03
CA PRO B 257 25.73 -11.87 11.31
C PRO B 257 24.81 -10.97 10.50
N TRP B 258 24.15 -10.05 11.19
CA TRP B 258 23.13 -9.23 10.56
C TRP B 258 23.11 -7.83 11.18
N LYS B 259 22.45 -6.91 10.49
CA LYS B 259 22.19 -5.60 11.04
C LYS B 259 20.97 -5.00 10.34
N LEU B 260 20.33 -4.04 11.00
CA LEU B 260 19.13 -3.43 10.45
C LEU B 260 19.51 -2.39 9.40
N ASN B 261 18.75 -2.39 8.30
CA ASN B 261 18.94 -1.40 7.24
C ASN B 261 17.62 -0.70 6.95
N PRO B 262 17.21 0.21 7.84
CA PRO B 262 15.88 0.84 7.83
C PRO B 262 15.62 1.66 6.57
N GLY B 263 14.58 1.29 5.82
CA GLY B 263 14.19 2.05 4.65
C GLY B 263 14.89 1.62 3.38
N ASP B 264 15.43 0.41 3.38
CA ASP B 264 16.15 -0.11 2.22
C ASP B 264 15.40 -1.27 1.58
N GLY B 265 14.13 -1.42 1.94
CA GLY B 265 13.32 -2.48 1.38
C GLY B 265 12.82 -2.13 -0.01
N ALA B 266 12.47 -3.14 -0.80
CA ALA B 266 11.86 -2.91 -2.09
C ALA B 266 10.45 -2.39 -1.87
N PHE B 267 9.85 -1.82 -2.90
CA PHE B 267 8.49 -1.29 -2.76
C PHE B 267 7.49 -2.44 -2.61
N TYR B 268 7.88 -3.63 -3.03
CA TYR B 268 7.00 -4.79 -3.00
C TYR B 268 7.14 -5.66 -1.76
N GLY B 269 8.24 -5.51 -1.04
CA GLY B 269 8.45 -6.28 0.18
C GLY B 269 9.82 -6.12 0.78
N PRO B 270 9.98 -6.56 2.05
CA PRO B 270 11.26 -6.50 2.76
C PRO B 270 12.22 -7.53 2.22
N LYS B 271 13.51 -7.38 2.51
CA LYS B 271 14.50 -8.28 1.94
C LYS B 271 15.71 -8.50 2.82
N LEU B 272 16.42 -9.59 2.55
CA LEU B 272 17.67 -9.92 3.21
C LEU B 272 18.82 -9.75 2.23
N ASP B 273 19.46 -8.60 2.27
CA ASP B 273 20.58 -8.30 1.38
C ASP B 273 21.89 -8.83 1.94
N ILE B 274 22.56 -9.70 1.18
CA ILE B 274 23.85 -10.22 1.58
C ILE B 274 24.95 -9.22 1.26
N MET B 275 25.66 -8.78 2.29
CA MET B 275 26.67 -7.74 2.13
C MET B 275 28.08 -8.32 2.21
N VAL B 276 28.92 -7.94 1.26
CA VAL B 276 30.30 -8.38 1.20
C VAL B 276 31.23 -7.18 1.25
N THR B 277 32.28 -7.28 2.06
CA THR B 277 33.22 -6.18 2.25
C THR B 277 34.49 -6.37 1.44
N ASP B 278 34.90 -5.32 0.73
CA ASP B 278 36.12 -5.34 -0.07
C ASP B 278 37.36 -4.91 0.74
N HIS B 279 38.49 -4.77 0.06
CA HIS B 279 39.74 -4.47 0.75
C HIS B 279 39.78 -3.05 1.30
N LEU B 280 38.92 -2.18 0.78
CA LEU B 280 38.83 -0.81 1.25
C LEU B 280 37.75 -0.66 2.32
N ARG B 281 37.33 -1.79 2.88
CA ARG B 281 36.35 -1.82 3.98
C ARG B 281 34.99 -1.24 3.58
N LYS B 282 34.70 -1.24 2.28
CA LYS B 282 33.40 -0.82 1.79
C LYS B 282 32.51 -2.03 1.51
N THR B 283 31.28 -1.99 2.01
CA THR B 283 30.34 -3.10 1.82
C THR B 283 29.62 -3.03 0.48
N HIS B 284 29.42 -4.19 -0.13
CA HIS B 284 28.72 -4.28 -1.40
C HIS B 284 27.57 -5.28 -1.33
N GLN B 285 26.43 -4.92 -1.88
CA GLN B 285 25.28 -5.80 -1.89
C GLN B 285 25.32 -6.76 -3.08
N VAL B 286 25.38 -8.06 -2.78
CA VAL B 286 25.37 -9.07 -3.83
C VAL B 286 24.10 -9.92 -3.79
N ALA B 287 24.16 -11.05 -3.11
CA ALA B 287 22.99 -11.92 -2.97
C ALA B 287 21.86 -11.21 -2.22
N THR B 288 20.63 -11.54 -2.60
CA THR B 288 19.47 -10.93 -1.97
C THR B 288 18.27 -11.88 -1.97
N ILE B 289 17.44 -11.77 -0.93
CA ILE B 289 16.24 -12.58 -0.83
C ILE B 289 15.04 -11.69 -0.50
N GLN B 290 14.12 -11.57 -1.44
CA GLN B 290 13.02 -10.62 -1.33
C GLN B 290 11.67 -11.30 -1.18
N LEU B 291 10.93 -10.90 -0.17
CA LEU B 291 9.63 -11.46 0.14
C LEU B 291 8.54 -10.59 -0.48
N ASP B 292 7.72 -11.18 -1.35
CA ASP B 292 6.72 -10.42 -2.10
C ASP B 292 5.30 -10.85 -1.78
N PHE B 293 4.45 -9.88 -1.46
CA PHE B 293 3.03 -10.13 -1.27
C PHE B 293 2.22 -9.21 -2.19
N GLN B 294 2.90 -8.40 -2.97
CA GLN B 294 2.24 -7.38 -3.79
C GLN B 294 2.10 -7.76 -5.25
N LEU B 295 3.18 -8.28 -5.83
CA LEU B 295 3.17 -8.73 -7.23
C LEU B 295 2.08 -9.76 -7.57
N PRO B 296 1.85 -10.77 -6.70
CA PRO B 296 0.75 -11.69 -7.01
C PRO B 296 -0.63 -11.01 -7.04
N GLU B 297 -0.82 -9.99 -6.22
CA GLU B 297 -2.09 -9.25 -6.21
C GLU B 297 -2.30 -8.57 -7.56
N ARG B 298 -1.26 -7.93 -8.07
CA ARG B 298 -1.36 -7.12 -9.28
C ARG B 298 -1.59 -7.95 -10.54
N PHE B 299 -0.97 -9.13 -10.60
CA PHE B 299 -1.10 -9.99 -11.77
C PHE B 299 -2.24 -11.00 -11.60
N ASP B 300 -2.97 -10.89 -10.50
CA ASP B 300 -4.08 -11.77 -10.20
C ASP B 300 -3.67 -13.24 -10.25
N LEU B 301 -2.59 -13.57 -9.55
CA LEU B 301 -2.06 -14.92 -9.53
C LEU B 301 -2.87 -15.81 -8.59
N LYS B 302 -3.20 -17.01 -9.06
CA LYS B 302 -4.03 -17.93 -8.28
C LYS B 302 -3.51 -19.36 -8.37
N PHE B 303 -3.60 -20.07 -7.26
CA PHE B 303 -3.41 -21.51 -7.27
C PHE B 303 -4.53 -22.14 -6.46
N LYS B 304 -4.99 -23.31 -6.89
CA LYS B 304 -6.05 -24.01 -6.19
C LYS B 304 -5.46 -24.74 -5.00
N ASP B 305 -5.93 -24.39 -3.80
CA ASP B 305 -5.38 -24.95 -2.58
C ASP B 305 -5.99 -26.31 -2.28
N GLN B 306 -5.61 -26.88 -1.13
CA GLN B 306 -6.08 -28.19 -0.73
C GLN B 306 -7.55 -28.14 -0.31
N ASP B 307 -8.03 -26.94 0.02
CA ASP B 307 -9.41 -26.75 0.43
C ASP B 307 -10.32 -26.41 -0.75
N ASN B 308 -9.82 -26.67 -1.95
CA ASN B 308 -10.55 -26.40 -3.19
C ASN B 308 -10.87 -24.93 -3.45
N SER B 309 -10.25 -24.05 -2.67
CA SER B 309 -10.41 -22.62 -2.87
C SER B 309 -9.18 -22.08 -3.61
N TYR B 310 -9.28 -20.84 -4.08
CA TYR B 310 -8.18 -20.23 -4.81
C TYR B 310 -7.42 -19.22 -3.97
N LYS B 311 -6.12 -19.43 -3.87
CA LYS B 311 -5.26 -18.59 -3.05
C LYS B 311 -4.17 -17.92 -3.89
N ARG B 312 -3.69 -16.78 -3.41
CA ARG B 312 -2.51 -16.14 -3.99
C ARG B 312 -1.27 -16.91 -3.58
N PRO B 313 -0.33 -17.08 -4.53
CA PRO B 313 0.96 -17.66 -4.15
C PRO B 313 1.82 -16.60 -3.50
N ILE B 314 2.76 -17.04 -2.67
CA ILE B 314 3.74 -16.12 -2.11
C ILE B 314 4.97 -16.11 -3.02
N MET B 315 5.37 -14.91 -3.42
CA MET B 315 6.44 -14.75 -4.37
C MET B 315 7.75 -14.38 -3.67
N ILE B 316 8.81 -15.11 -4.01
CA ILE B 316 10.13 -14.85 -3.43
C ILE B 316 11.16 -14.58 -4.52
N HIS B 317 11.73 -13.38 -4.49
CA HIS B 317 12.80 -13.01 -5.41
C HIS B 317 14.14 -13.33 -4.77
N ARG B 318 15.06 -13.89 -5.55
CA ARG B 318 16.37 -14.23 -5.01
C ARG B 318 17.47 -14.34 -6.05
N ALA B 319 18.63 -13.79 -5.70
CA ALA B 319 19.83 -13.92 -6.49
C ALA B 319 20.96 -14.34 -5.56
N THR B 320 21.88 -15.17 -6.06
CA THR B 320 22.98 -15.66 -5.23
C THR B 320 24.27 -14.90 -5.47
N PHE B 321 24.52 -14.54 -6.73
CA PHE B 321 25.65 -13.71 -7.06
C PHE B 321 25.26 -12.24 -6.97
N GLY B 322 23.96 -12.00 -7.10
CA GLY B 322 23.44 -10.66 -7.34
C GLY B 322 23.45 -10.46 -8.84
N SER B 323 24.51 -9.85 -9.34
CA SER B 323 24.77 -9.82 -10.77
C SER B 323 26.08 -10.56 -11.01
N ILE B 324 26.19 -11.20 -12.17
CA ILE B 324 27.41 -11.93 -12.50
C ILE B 324 28.60 -10.98 -12.55
N GLU B 325 28.35 -9.77 -13.04
CA GLU B 325 29.39 -8.77 -13.20
C GLU B 325 29.94 -8.27 -11.86
N ARG B 326 29.05 -7.83 -10.98
CA ARG B 326 29.47 -7.27 -9.69
C ARG B 326 30.16 -8.33 -8.85
N PHE B 327 29.68 -9.56 -8.95
CA PHE B 327 30.28 -10.67 -8.24
C PHE B 327 31.70 -10.91 -8.73
N MET B 328 31.89 -10.82 -10.04
CA MET B 328 33.21 -10.95 -10.63
C MET B 328 34.14 -9.85 -10.15
N ALA B 329 33.60 -8.63 -10.08
CA ALA B 329 34.37 -7.49 -9.63
C ALA B 329 34.94 -7.72 -8.24
N LEU B 330 34.11 -8.26 -7.36
CA LEU B 330 34.53 -8.51 -5.98
C LEU B 330 35.48 -9.70 -5.89
N LEU B 331 35.34 -10.63 -6.83
CA LEU B 331 36.27 -11.75 -6.92
C LEU B 331 37.67 -11.25 -7.26
N ILE B 332 37.73 -10.41 -8.30
CA ILE B 332 38.98 -9.84 -8.75
C ILE B 332 39.61 -8.98 -7.65
N ASP B 333 38.74 -8.30 -6.90
CA ASP B 333 39.19 -7.42 -5.83
C ASP B 333 39.88 -8.19 -4.71
N SER B 334 39.57 -9.48 -4.60
CA SER B 334 40.11 -10.28 -3.52
CA SER B 334 40.09 -10.31 -3.53
C SER B 334 41.28 -11.17 -3.98
N ASN B 335 41.20 -11.68 -5.20
CA ASN B 335 42.24 -12.55 -5.70
C ASN B 335 43.34 -11.82 -6.47
N GLU B 336 43.08 -10.56 -6.81
CA GLU B 336 44.03 -9.74 -7.55
C GLU B 336 44.47 -10.39 -8.85
N GLY B 337 43.60 -11.23 -9.41
CA GLY B 337 43.92 -11.95 -10.63
C GLY B 337 44.32 -13.38 -10.37
N ARG B 338 44.60 -13.71 -9.12
CA ARG B 338 45.00 -15.06 -8.76
C ARG B 338 43.81 -16.01 -8.72
N TRP B 339 43.31 -16.38 -9.90
CA TRP B 339 42.16 -17.25 -10.02
C TRP B 339 42.47 -18.66 -9.55
N PRO B 340 41.44 -19.38 -9.09
CA PRO B 340 41.57 -20.82 -8.87
C PRO B 340 41.58 -21.52 -10.22
N PHE B 341 42.07 -22.76 -10.26
CA PHE B 341 42.25 -23.47 -11.52
C PHE B 341 40.98 -23.57 -12.36
N TRP B 342 39.86 -23.90 -11.71
CA TRP B 342 38.61 -24.14 -12.43
C TRP B 342 38.02 -22.86 -13.02
N LEU B 343 38.53 -21.71 -12.61
CA LEU B 343 38.02 -20.42 -13.07
C LEU B 343 39.00 -19.69 -13.97
N ASN B 344 40.26 -20.06 -13.89
CA ASN B 344 41.33 -19.32 -14.55
C ASN B 344 41.29 -19.38 -16.06
N PRO B 345 41.24 -18.22 -16.72
CA PRO B 345 41.38 -18.15 -18.18
C PRO B 345 42.78 -18.55 -18.61
N TYR B 346 43.74 -18.41 -17.70
CA TYR B 346 45.10 -18.89 -17.90
C TYR B 346 45.37 -20.04 -16.95
N GLN B 347 44.99 -21.25 -17.35
CA GLN B 347 45.11 -22.40 -16.46
C GLN B 347 46.55 -22.89 -16.33
N ALA B 348 47.25 -23.01 -17.45
CA ALA B 348 48.64 -23.46 -17.42
C ALA B 348 49.42 -22.92 -18.60
N VAL B 349 50.74 -22.92 -18.45
CA VAL B 349 51.62 -22.53 -19.54
C VAL B 349 52.78 -23.51 -19.65
N ILE B 350 53.19 -23.81 -20.88
CA ILE B 350 54.30 -24.73 -21.10
C ILE B 350 55.50 -23.95 -21.62
N ILE B 351 56.62 -24.09 -20.92
CA ILE B 351 57.82 -23.30 -21.22
C ILE B 351 59.05 -24.16 -21.49
N PRO B 352 59.43 -24.28 -22.77
CA PRO B 352 60.69 -24.95 -23.11
C PRO B 352 61.88 -24.05 -22.75
N VAL B 353 62.93 -24.64 -22.18
CA VAL B 353 64.10 -23.87 -21.80
C VAL B 353 64.76 -23.29 -23.03
N ASN B 354 64.99 -24.13 -24.03
CA ASN B 354 65.47 -23.67 -25.33
C ASN B 354 64.35 -23.70 -26.34
N THR B 355 63.92 -22.52 -26.78
CA THR B 355 62.78 -22.40 -27.68
C THR B 355 63.06 -22.95 -29.09
N LYS B 356 64.28 -23.44 -29.30
CA LYS B 356 64.67 -23.94 -30.62
C LYS B 356 64.99 -25.44 -30.63
N ASN B 357 65.09 -26.03 -29.44
CA ASN B 357 65.34 -27.47 -29.35
C ASN B 357 64.08 -28.25 -29.69
N VAL B 358 64.08 -28.90 -30.85
CA VAL B 358 62.87 -29.56 -31.36
C VAL B 358 62.40 -30.72 -30.49
N GLN B 359 63.32 -31.31 -29.72
CA GLN B 359 62.93 -32.38 -28.81
C GLN B 359 62.08 -31.81 -27.70
N GLN B 360 62.47 -30.65 -27.19
CA GLN B 360 61.70 -29.96 -26.17
C GLN B 360 60.36 -29.52 -26.73
N LEU B 361 60.38 -29.07 -27.99
CA LEU B 361 59.17 -28.57 -28.64
C LEU B 361 58.12 -29.67 -28.85
N ASP B 362 58.56 -30.81 -29.35
CA ASP B 362 57.66 -31.93 -29.59
C ASP B 362 56.97 -32.34 -28.28
N MET B 363 57.75 -32.29 -27.20
CA MET B 363 57.25 -32.66 -25.89
C MET B 363 56.27 -31.63 -25.38
N CYS B 364 56.52 -30.37 -25.73
CA CYS B 364 55.67 -29.27 -25.32
C CYS B 364 54.36 -29.21 -26.11
N THR B 365 54.47 -29.37 -27.42
CA THR B 365 53.29 -29.33 -28.29
C THR B 365 52.36 -30.51 -28.04
N ALA B 366 52.95 -31.66 -27.72
CA ALA B 366 52.17 -32.86 -27.46
C ALA B 366 51.31 -32.67 -26.22
N LEU B 367 51.87 -32.01 -25.20
CA LEU B 367 51.15 -31.78 -23.97
C LEU B 367 50.04 -30.75 -24.16
N GLN B 368 50.32 -29.71 -24.95
CA GLN B 368 49.32 -28.69 -25.20
C GLN B 368 48.12 -29.26 -25.97
N LYS B 369 48.41 -30.14 -26.92
CA LYS B 369 47.36 -30.79 -27.70
C LYS B 369 46.50 -31.68 -26.81
N LYS B 370 47.16 -32.42 -25.92
CA LYS B 370 46.48 -33.32 -25.00
C LYS B 370 45.53 -32.56 -24.08
N LEU B 371 45.99 -31.43 -23.57
CA LEU B 371 45.26 -30.67 -22.57
C LEU B 371 44.17 -29.78 -23.17
N ARG B 372 44.47 -29.18 -24.32
CA ARG B 372 43.49 -28.35 -25.01
C ARG B 372 42.34 -29.21 -25.53
N ASN B 373 42.69 -30.43 -25.94
CA ASN B 373 41.71 -31.43 -26.36
C ASN B 373 40.80 -30.93 -27.48
N GLU B 374 41.38 -30.24 -28.44
CA GLU B 374 40.63 -29.69 -29.57
C GLU B 374 40.81 -30.18 -30.99
N LEU B 375 39.72 -30.67 -31.57
CA LEU B 375 39.73 -31.14 -32.95
C LEU B 375 40.09 -30.32 -34.17
N GLU B 376 40.44 -31.01 -35.25
CA GLU B 376 40.83 -30.34 -36.49
C GLU B 376 39.61 -30.05 -37.34
N ALA B 377 39.60 -28.89 -38.00
CA ALA B 377 38.46 -28.44 -38.79
C ALA B 377 38.32 -29.17 -40.12
N ASP B 378 39.36 -29.90 -40.51
CA ASP B 378 39.40 -30.55 -41.83
C ASP B 378 38.37 -31.67 -41.97
N ASP B 379 38.09 -32.38 -40.88
CA ASP B 379 37.17 -33.52 -40.93
C ASP B 379 35.76 -33.18 -40.46
N MET B 380 34.97 -34.23 -40.21
CA MET B 380 33.56 -34.06 -39.88
C MET B 380 33.26 -34.45 -38.43
N GLU B 381 34.29 -34.90 -37.72
CA GLU B 381 34.12 -35.32 -36.32
C GLU B 381 33.75 -34.15 -35.43
N PRO B 382 32.55 -34.22 -34.82
CA PRO B 382 32.10 -33.16 -33.91
C PRO B 382 32.73 -33.29 -32.53
N VAL B 383 32.79 -32.19 -31.80
CA VAL B 383 33.27 -32.23 -30.43
C VAL B 383 32.16 -32.74 -29.52
N PRO B 384 32.41 -33.86 -28.84
CA PRO B 384 31.39 -34.52 -27.99
C PRO B 384 31.07 -33.71 -26.74
N LEU B 385 30.11 -34.21 -25.97
CA LEU B 385 29.66 -33.54 -24.75
C LEU B 385 30.45 -33.95 -23.52
N ASN B 386 30.56 -33.03 -22.57
CA ASN B 386 31.22 -33.28 -21.29
C ASN B 386 32.67 -33.76 -21.41
N ASP B 387 33.33 -33.36 -22.48
CA ASP B 387 34.76 -33.63 -22.63
C ASP B 387 35.54 -32.52 -21.94
N TRP B 388 36.76 -32.81 -21.54
CA TRP B 388 37.58 -31.83 -20.83
C TRP B 388 38.44 -31.01 -21.78
N HIS B 389 38.47 -29.70 -21.55
CA HIS B 389 39.29 -28.79 -22.33
C HIS B 389 39.95 -27.78 -21.40
N PHE B 390 41.28 -27.72 -21.44
CA PHE B 390 42.03 -26.86 -20.52
C PHE B 390 42.71 -25.70 -21.23
N ASN B 391 42.66 -24.53 -20.59
CA ASN B 391 43.24 -23.32 -21.13
C ASN B 391 44.75 -23.28 -20.93
N VAL B 392 45.47 -24.10 -21.67
CA VAL B 392 46.92 -24.12 -21.55
C VAL B 392 47.58 -23.44 -22.75
N ASP B 393 48.65 -22.71 -22.49
CA ASP B 393 49.32 -21.96 -23.55
C ASP B 393 50.77 -22.38 -23.68
N LEU B 394 51.45 -21.83 -24.68
CA LEU B 394 52.82 -22.21 -24.99
C LEU B 394 53.68 -20.98 -25.26
N ASP B 395 54.61 -20.70 -24.36
CA ASP B 395 55.47 -19.53 -24.50
C ASP B 395 56.79 -19.89 -25.17
N ILE B 396 56.89 -19.58 -26.46
CA ILE B 396 58.10 -19.88 -27.22
C ILE B 396 58.75 -18.60 -27.75
N ARG B 397 58.56 -17.50 -27.02
CA ARG B 397 59.21 -16.25 -27.36
C ARG B 397 60.72 -16.36 -27.15
N ASN B 398 61.49 -15.67 -27.98
CA ASN B 398 62.94 -15.67 -27.87
C ASN B 398 63.41 -14.84 -26.67
N GLU B 399 63.06 -15.31 -25.48
CA GLU B 399 63.44 -14.66 -24.23
C GLU B 399 64.05 -15.72 -23.32
N PRO B 400 64.86 -15.30 -22.34
CA PRO B 400 65.40 -16.26 -21.38
C PRO B 400 64.27 -16.95 -20.61
N VAL B 401 64.50 -18.19 -20.17
CA VAL B 401 63.47 -18.98 -19.51
C VAL B 401 62.97 -18.29 -18.22
N GLY B 402 63.85 -17.53 -17.58
CA GLY B 402 63.50 -16.84 -16.36
C GLY B 402 62.49 -15.73 -16.59
N TYR B 403 62.66 -15.02 -17.71
CA TYR B 403 61.77 -13.92 -18.05
C TYR B 403 60.37 -14.44 -18.36
N ARG B 404 60.31 -15.53 -19.10
CA ARG B 404 59.04 -16.14 -19.48
C ARG B 404 58.28 -16.67 -18.25
N ILE B 405 59.03 -17.16 -17.27
CA ILE B 405 58.43 -17.65 -16.04
C ILE B 405 57.83 -16.50 -15.25
N LYS B 406 58.61 -15.43 -15.09
CA LYS B 406 58.12 -14.24 -14.38
C LYS B 406 56.93 -13.63 -15.10
N SER B 407 56.92 -13.79 -16.43
CA SER B 407 55.82 -13.29 -17.25
C SER B 407 54.54 -14.04 -16.93
N ALA B 408 54.67 -15.35 -16.72
CA ALA B 408 53.52 -16.20 -16.43
C ALA B 408 53.00 -15.98 -15.02
N ILE B 409 53.92 -15.73 -14.09
CA ILE B 409 53.56 -15.44 -12.71
C ILE B 409 52.71 -14.18 -12.65
N LEU B 410 53.08 -13.20 -13.47
CA LEU B 410 52.37 -11.92 -13.51
C LEU B 410 50.99 -12.05 -14.16
N LYS B 411 50.86 -12.95 -15.13
CA LYS B 411 49.58 -13.19 -15.76
C LYS B 411 48.71 -14.10 -14.90
N ASN B 412 49.29 -14.61 -13.83
CA ASN B 412 48.58 -15.46 -12.86
C ASN B 412 48.13 -16.81 -13.40
N TYR B 413 48.95 -17.43 -14.25
CA TYR B 413 48.70 -18.80 -14.68
C TYR B 413 48.71 -19.70 -13.45
N SER B 414 47.73 -20.60 -13.36
CA SER B 414 47.63 -21.48 -12.21
C SER B 414 48.82 -22.42 -12.10
N TYR B 415 49.31 -22.90 -13.24
CA TYR B 415 50.42 -23.85 -13.26
C TYR B 415 51.49 -23.48 -14.29
N LEU B 416 52.74 -23.69 -13.93
CA LEU B 416 53.86 -23.47 -14.84
C LEU B 416 54.55 -24.79 -15.14
N ILE B 417 54.58 -25.16 -16.42
CA ILE B 417 55.17 -26.42 -16.84
C ILE B 417 56.45 -26.18 -17.64
N ILE B 418 57.58 -26.65 -17.12
CA ILE B 418 58.87 -26.38 -17.72
C ILE B 418 59.48 -27.63 -18.34
N VAL B 419 60.00 -27.50 -19.54
CA VAL B 419 60.63 -28.62 -20.23
C VAL B 419 62.06 -28.31 -20.67
N GLY B 420 63.02 -28.99 -20.03
CA GLY B 420 64.41 -28.92 -20.44
C GLY B 420 64.84 -30.29 -20.93
N ASP B 421 66.15 -30.50 -21.05
CA ASP B 421 66.67 -31.77 -21.53
C ASP B 421 66.58 -32.86 -20.47
N GLU B 422 66.62 -32.46 -19.20
CA GLU B 422 66.39 -33.40 -18.11
C GLU B 422 64.99 -33.96 -18.24
N GLU B 423 64.05 -33.06 -18.54
CA GLU B 423 62.65 -33.43 -18.74
C GLU B 423 62.47 -34.33 -19.96
N VAL B 424 63.18 -33.99 -21.03
CA VAL B 424 63.13 -34.77 -22.26
C VAL B 424 63.68 -36.18 -22.05
N GLN B 425 64.77 -36.28 -21.29
CA GLN B 425 65.39 -37.57 -21.02
C GLN B 425 64.53 -38.46 -20.12
N LEU B 426 63.75 -37.85 -19.25
CA LEU B 426 62.89 -38.59 -18.33
C LEU B 426 61.48 -38.77 -18.89
N GLN B 427 61.17 -38.03 -19.95
CA GLN B 427 59.83 -37.99 -20.53
C GLN B 427 58.77 -37.60 -19.51
N LYS B 428 59.13 -36.63 -18.66
CA LYS B 428 58.21 -36.09 -17.66
C LYS B 428 58.30 -34.58 -17.63
N TYR B 429 57.23 -33.93 -17.18
CA TYR B 429 57.15 -32.48 -17.20
C TYR B 429 57.34 -31.87 -15.81
N ASN B 430 58.21 -30.87 -15.73
CA ASN B 430 58.47 -30.20 -14.47
C ASN B 430 57.42 -29.14 -14.18
N ILE B 431 56.38 -29.52 -13.43
CA ILE B 431 55.23 -28.66 -13.22
C ILE B 431 55.15 -28.11 -11.80
N ARG B 432 54.87 -26.81 -11.68
CA ARG B 432 54.78 -26.17 -10.38
C ARG B 432 53.53 -25.32 -10.27
N GLU B 433 53.23 -24.90 -9.04
CA GLU B 433 52.07 -24.05 -8.78
C GLU B 433 52.45 -22.58 -8.84
N ARG B 434 51.46 -21.74 -9.09
CA ARG B 434 51.66 -20.30 -9.15
C ARG B 434 52.09 -19.72 -7.81
N ASP B 435 51.40 -20.14 -6.75
CA ASP B 435 51.56 -19.51 -5.44
C ASP B 435 52.59 -20.23 -4.57
N ASN B 436 53.20 -21.28 -5.10
CA ASN B 436 54.27 -21.97 -4.38
C ASN B 436 55.45 -22.28 -5.28
N ARG B 437 56.57 -21.59 -5.03
CA ARG B 437 57.76 -21.70 -5.85
C ARG B 437 58.51 -23.02 -5.63
N LYS B 438 58.04 -23.80 -4.67
CA LYS B 438 58.71 -25.06 -4.32
C LYS B 438 57.78 -26.25 -4.49
N SER B 439 56.80 -26.12 -5.38
CA SER B 439 55.81 -27.15 -5.60
C SER B 439 56.12 -27.99 -6.83
N PHE B 440 57.38 -27.97 -7.24
CA PHE B 440 57.82 -28.70 -8.43
C PHE B 440 57.72 -30.22 -8.26
N GLU B 441 57.23 -30.88 -9.32
CA GLU B 441 57.25 -32.33 -9.40
C GLU B 441 57.18 -32.76 -10.86
N LYS B 442 57.83 -33.86 -11.18
CA LYS B 442 57.91 -34.33 -12.56
C LYS B 442 56.79 -35.32 -12.86
N LEU B 443 55.82 -34.87 -13.64
CA LEU B 443 54.65 -35.68 -13.96
C LEU B 443 54.63 -36.09 -15.42
N THR B 444 54.00 -37.23 -15.71
CA THR B 444 53.82 -37.68 -17.08
C THR B 444 52.72 -36.85 -17.73
N MET B 445 52.60 -36.96 -19.05
CA MET B 445 51.56 -36.26 -19.78
C MET B 445 50.19 -36.68 -19.26
N SER B 446 50.05 -37.97 -18.97
CA SER B 446 48.79 -38.51 -18.49
C SER B 446 48.45 -38.04 -17.08
N GLN B 447 49.49 -37.95 -16.24
CA GLN B 447 49.30 -37.55 -14.85
C GLN B 447 48.78 -36.13 -14.73
N ILE B 448 49.22 -35.26 -15.64
CA ILE B 448 48.79 -33.87 -15.65
C ILE B 448 47.35 -33.78 -16.15
N TRP B 449 46.99 -34.68 -17.05
CA TRP B 449 45.63 -34.76 -17.56
C TRP B 449 44.67 -35.12 -16.43
N GLU B 450 45.02 -36.15 -15.66
CA GLU B 450 44.19 -36.61 -14.56
C GLU B 450 44.16 -35.57 -13.43
N LYS B 451 45.30 -34.93 -13.20
CA LYS B 451 45.44 -33.94 -12.13
C LYS B 451 44.49 -32.77 -12.35
N PHE B 452 44.49 -32.24 -13.58
CA PHE B 452 43.68 -31.09 -13.92
C PHE B 452 42.18 -31.39 -13.85
N ILE B 453 41.81 -32.61 -14.24
CA ILE B 453 40.43 -33.03 -14.20
C ILE B 453 39.92 -33.05 -12.76
N GLU B 454 40.76 -33.55 -11.85
CA GLU B 454 40.43 -33.59 -10.44
C GLU B 454 40.31 -32.19 -9.86
N LEU B 455 41.05 -31.25 -10.43
CA LEU B 455 41.02 -29.87 -9.96
C LEU B 455 39.68 -29.20 -10.29
N GLU B 456 39.07 -29.63 -11.38
CA GLU B 456 37.76 -29.10 -11.76
C GLU B 456 36.63 -29.89 -11.11
N LYS B 457 36.91 -31.13 -10.71
CA LYS B 457 35.93 -31.95 -10.02
C LYS B 457 35.83 -31.57 -8.54
N ASN B 458 36.64 -30.61 -8.12
CA ASN B 458 36.65 -30.17 -6.74
C ASN B 458 36.53 -28.66 -6.63
N TYR B 459 36.34 -28.00 -7.77
CA TYR B 459 36.33 -26.54 -7.84
C TYR B 459 37.58 -25.95 -7.19
N LYS B 460 38.73 -26.55 -7.48
CA LYS B 460 39.99 -26.10 -6.93
C LYS B 460 40.89 -25.53 -8.02
N ALA C 34 -29.27 -0.15 38.06
CA ALA C 34 -28.07 -0.82 37.58
C ALA C 34 -28.42 -2.01 36.71
N THR C 35 -29.33 -2.84 37.20
CA THR C 35 -29.88 -3.94 36.41
C THR C 35 -31.32 -3.63 36.03
N MET C 36 -31.89 -2.60 36.66
CA MET C 36 -33.15 -2.02 36.23
C MET C 36 -32.84 -1.10 35.05
N THR C 37 -31.70 -0.42 35.15
CA THR C 37 -31.17 0.36 34.05
C THR C 37 -30.91 -0.56 32.88
N SER C 38 -30.34 -1.73 33.18
CA SER C 38 -30.04 -2.73 32.16
C SER C 38 -31.32 -3.34 31.59
N MET C 39 -32.36 -3.39 32.42
CA MET C 39 -33.65 -3.93 31.99
C MET C 39 -34.33 -2.97 31.02
N VAL C 40 -34.48 -1.72 31.43
CA VAL C 40 -35.12 -0.69 30.62
C VAL C 40 -34.34 -0.45 29.34
N SER C 41 -33.02 -0.55 29.42
CA SER C 41 -32.15 -0.34 28.26
C SER C 41 -32.46 -1.31 27.14
N GLN C 42 -32.68 -2.58 27.48
CA GLN C 42 -32.96 -3.60 26.49
C GLN C 42 -34.36 -3.45 25.90
N ARG C 43 -35.28 -2.94 26.72
CA ARG C 43 -36.65 -2.77 26.30
C ARG C 43 -36.78 -1.62 25.30
N GLN C 44 -36.01 -0.56 25.53
CA GLN C 44 -36.16 0.66 24.75
C GLN C 44 -34.95 0.94 23.88
N ASP C 45 -33.99 0.01 23.88
CA ASP C 45 -32.76 0.14 23.09
C ASP C 45 -32.02 1.43 23.41
N LEU C 46 -31.68 1.60 24.68
CA LEU C 46 -31.07 2.83 25.14
C LEU C 46 -29.54 2.83 25.02
N PHE C 47 -28.88 1.93 25.75
CA PHE C 47 -27.43 1.95 25.81
C PHE C 47 -26.81 0.65 25.36
N MET C 48 -25.48 0.60 25.43
CA MET C 48 -24.72 -0.57 25.00
C MET C 48 -23.31 -0.49 25.55
N THR C 49 -22.75 -1.63 25.94
CA THR C 49 -21.35 -1.68 26.33
C THR C 49 -20.58 -2.64 25.44
N ASP C 50 -19.26 -2.56 25.51
CA ASP C 50 -18.40 -3.48 24.78
C ASP C 50 -17.09 -3.61 25.52
N PRO C 51 -16.58 -4.85 25.64
CA PRO C 51 -15.32 -5.10 26.36
C PRO C 51 -14.13 -4.40 25.72
N LEU C 52 -14.32 -3.80 24.55
CA LEU C 52 -13.27 -3.07 23.87
C LEU C 52 -13.07 -1.67 24.48
N SER C 53 -13.99 -1.29 25.34
CA SER C 53 -13.89 -0.01 26.04
CA SER C 53 -13.89 0.00 26.04
C SER C 53 -14.60 -0.06 27.39
N PRO C 54 -13.93 -0.66 28.39
CA PRO C 54 -14.50 -0.79 29.73
C PRO C 54 -14.73 0.57 30.38
N GLY C 55 -15.93 0.80 30.91
CA GLY C 55 -16.22 2.03 31.62
C GLY C 55 -16.72 3.14 30.74
N SER C 56 -16.85 2.84 29.45
CA SER C 56 -17.38 3.82 28.50
C SER C 56 -18.69 3.34 27.92
N MET C 57 -19.68 4.22 27.92
CA MET C 57 -21.02 3.86 27.45
C MET C 57 -21.17 4.11 25.95
N PHE C 58 -22.09 3.37 25.34
CA PHE C 58 -22.56 3.67 24.00
C PHE C 58 -24.00 4.16 24.13
N PHE C 59 -24.30 5.27 23.47
CA PHE C 59 -25.67 5.77 23.45
C PHE C 59 -26.34 5.44 22.12
N LEU C 60 -27.15 4.39 22.11
CA LEU C 60 -27.96 4.04 20.95
C LEU C 60 -28.95 5.18 20.70
N PRO C 61 -29.46 5.29 19.46
CA PRO C 61 -30.36 6.37 19.04
C PRO C 61 -31.38 6.81 20.08
N ASN C 62 -32.18 5.88 20.59
CA ASN C 62 -33.16 6.19 21.61
C ASN C 62 -32.53 6.67 22.90
N GLY C 63 -31.41 6.05 23.28
CA GLY C 63 -30.68 6.43 24.47
C GLY C 63 -30.05 7.81 24.34
N ALA C 64 -29.54 8.10 23.15
CA ALA C 64 -28.90 9.38 22.90
C ALA C 64 -29.90 10.54 22.87
N LYS C 65 -31.14 10.21 22.51
CA LYS C 65 -32.21 11.20 22.48
C LYS C 65 -32.44 11.82 23.85
N ILE C 66 -32.59 10.96 24.86
CA ILE C 66 -32.79 11.40 26.24
C ILE C 66 -31.58 12.20 26.71
N PHE C 67 -30.39 11.70 26.36
CA PHE C 67 -29.15 12.37 26.68
C PHE C 67 -29.16 13.81 26.15
N ASN C 68 -29.50 13.97 24.89
CA ASN C 68 -29.55 15.29 24.26
C ASN C 68 -30.63 16.20 24.86
N LYS C 69 -31.77 15.60 25.20
CA LYS C 69 -32.90 16.35 25.77
C LYS C 69 -32.53 17.01 27.09
N LEU C 70 -31.85 16.26 27.95
CA LEU C 70 -31.45 16.76 29.25
C LEU C 70 -30.45 17.90 29.12
N ILE C 71 -29.50 17.73 28.22
CA ILE C 71 -28.53 18.77 27.93
C ILE C 71 -29.23 20.00 27.35
N GLU C 72 -30.21 19.76 26.49
CA GLU C 72 -30.98 20.83 25.89
C GLU C 72 -31.73 21.60 26.97
N PHE C 73 -32.32 20.86 27.91
CA PHE C 73 -33.01 21.47 29.04
C PHE C 73 -32.08 22.31 29.90
N MET C 74 -30.92 21.74 30.24
CA MET C 74 -29.96 22.40 31.11
C MET C 74 -29.34 23.64 30.46
N LYS C 75 -29.00 23.52 29.19
CA LYS C 75 -28.42 24.64 28.44
C LYS C 75 -29.36 25.85 28.44
N LEU C 76 -30.65 25.57 28.34
CA LEU C 76 -31.65 26.62 28.33
C LEU C 76 -31.70 27.36 29.67
N GLN C 77 -31.70 26.60 30.77
CA GLN C 77 -31.77 27.20 32.09
C GLN C 77 -30.46 27.93 32.42
N GLN C 78 -29.35 27.38 31.95
CA GLN C 78 -28.04 27.96 32.23
C GLN C 78 -27.82 29.28 31.50
N LYS C 79 -28.22 29.33 30.23
CA LYS C 79 -27.97 30.52 29.42
C LYS C 79 -29.00 31.62 29.61
N PHE C 80 -30.27 31.26 29.71
CA PHE C 80 -31.33 32.24 29.69
C PHE C 80 -31.97 32.53 31.04
N LYS C 81 -31.48 31.88 32.10
CA LYS C 81 -31.99 32.15 33.43
C LYS C 81 -30.93 32.34 34.51
N PHE C 82 -29.78 31.69 34.34
CA PHE C 82 -28.72 31.76 35.34
C PHE C 82 -27.41 32.34 34.82
N GLY C 83 -27.47 33.06 33.70
CA GLY C 83 -26.34 33.82 33.20
C GLY C 83 -25.03 33.06 33.03
N PHE C 84 -25.08 31.89 32.41
CA PHE C 84 -23.88 31.12 32.10
C PHE C 84 -23.45 31.32 30.65
N ASN C 85 -22.18 31.03 30.38
CA ASN C 85 -21.64 31.10 29.03
C ASN C 85 -20.88 29.83 28.67
N GLU C 86 -21.45 29.05 27.76
CA GLU C 86 -20.84 27.79 27.38
C GLU C 86 -19.57 27.98 26.57
N VAL C 87 -18.55 27.20 26.91
CA VAL C 87 -17.30 27.19 26.16
C VAL C 87 -16.97 25.76 25.77
N VAL C 88 -16.06 25.61 24.82
CA VAL C 88 -15.58 24.29 24.44
C VAL C 88 -14.06 24.23 24.63
N THR C 89 -13.63 23.43 25.59
CA THR C 89 -12.22 23.34 25.95
C THR C 89 -11.61 22.02 25.47
N PRO C 90 -10.28 22.01 25.26
CA PRO C 90 -9.56 20.80 24.85
C PRO C 90 -9.76 19.66 25.82
N LEU C 91 -9.47 18.44 25.36
CA LEU C 91 -9.62 17.25 26.22
C LEU C 91 -8.25 16.82 26.75
N ILE C 92 -7.20 17.17 26.03
CA ILE C 92 -5.85 16.86 26.47
C ILE C 92 -5.03 18.12 26.74
N TYR C 93 -4.28 18.11 27.85
CA TYR C 93 -3.37 19.19 28.17
C TYR C 93 -2.05 18.57 28.57
N LYS C 94 -0.97 19.35 28.48
CA LYS C 94 0.35 18.87 28.87
C LYS C 94 0.41 18.53 30.35
N LYS C 95 1.40 17.73 30.73
CA LYS C 95 1.63 17.37 32.13
C LYS C 95 1.82 18.62 32.97
N THR C 96 2.36 19.66 32.33
CA THR C 96 2.64 20.93 32.97
C THR C 96 1.41 21.52 33.68
N LEU C 97 0.30 21.59 32.96
CA LEU C 97 -0.94 22.15 33.50
C LEU C 97 -1.44 21.38 34.71
N TRP C 98 -1.38 20.05 34.64
CA TRP C 98 -1.91 19.20 35.69
C TRP C 98 -1.07 19.24 36.97
N GLU C 99 0.14 19.76 36.85
CA GLU C 99 0.99 20.00 38.01
C GLU C 99 0.64 21.35 38.60
N LYS C 100 0.43 22.31 37.72
CA LYS C 100 0.08 23.68 38.11
C LYS C 100 -1.25 23.69 38.84
N SER C 101 -2.17 22.82 38.40
CA SER C 101 -3.47 22.69 39.04
C SER C 101 -3.38 21.81 40.28
N GLY C 102 -2.52 20.79 40.21
CA GLY C 102 -2.33 19.88 41.32
C GLY C 102 -3.01 18.55 41.09
N HIS C 103 -3.53 18.36 39.89
CA HIS C 103 -4.20 17.11 39.54
C HIS C 103 -3.23 15.97 39.28
N TRP C 104 -2.02 16.32 38.83
CA TRP C 104 -1.04 15.31 38.42
C TRP C 104 -0.48 14.51 39.60
N GLU C 105 -0.78 14.95 40.82
CA GLU C 105 -0.32 14.24 42.00
C GLU C 105 -1.51 13.66 42.77
N ASN C 106 -2.62 14.37 42.75
CA ASN C 106 -3.83 13.94 43.45
C ASN C 106 -4.72 13.02 42.63
N TYR C 107 -4.44 12.92 41.33
CA TYR C 107 -5.32 12.19 40.42
C TYR C 107 -4.63 11.20 39.49
N ALA C 108 -3.33 11.37 39.26
CA ALA C 108 -2.62 10.64 38.20
C ALA C 108 -2.85 9.11 38.11
N ASP C 109 -3.48 8.54 39.14
CA ASP C 109 -3.94 7.17 39.07
C ASP C 109 -5.31 7.15 38.41
N ASP C 110 -6.14 8.11 38.80
CA ASP C 110 -7.47 8.28 38.25
C ASP C 110 -7.42 9.22 37.06
N MET C 111 -6.35 9.13 36.28
CA MET C 111 -6.17 9.98 35.12
C MET C 111 -5.44 9.25 33.99
N PHE C 112 -5.94 9.41 32.77
CA PHE C 112 -5.31 8.80 31.60
C PHE C 112 -4.18 9.66 31.05
N LYS C 113 -3.13 9.01 30.57
CA LYS C 113 -1.99 9.71 29.99
C LYS C 113 -1.90 9.43 28.49
N VAL C 114 -1.50 10.44 27.72
CA VAL C 114 -1.41 10.33 26.27
C VAL C 114 0.04 10.37 25.81
N GLU C 115 0.35 9.62 24.76
CA GLU C 115 1.71 9.52 24.25
C GLU C 115 1.87 10.30 22.95
N THR C 116 2.74 11.32 22.97
CA THR C 116 2.95 12.18 21.82
C THR C 116 4.33 12.01 21.19
N THR C 117 4.59 12.79 20.15
CA THR C 117 5.86 12.73 19.43
C THR C 117 7.03 13.19 20.28
N GLU C 120 10.28 17.31 21.10
CA GLU C 120 10.48 16.82 22.45
C GLU C 120 9.50 15.69 22.77
N LYS C 121 9.43 15.31 24.04
CA LYS C 121 8.55 14.23 24.47
C LYS C 121 7.76 14.60 25.72
N GLU C 122 7.05 15.72 25.64
CA GLU C 122 6.19 16.15 26.74
C GLU C 122 4.91 15.34 26.76
N GLU C 123 4.59 14.77 27.92
CA GLU C 123 3.42 13.92 28.05
C GLU C 123 2.16 14.76 28.27
N TYR C 124 1.03 14.23 27.80
CA TYR C 124 -0.26 14.90 27.94
C TYR C 124 -1.17 14.10 28.87
N GLY C 125 -2.22 14.76 29.35
CA GLY C 125 -3.18 14.13 30.23
C GLY C 125 -4.60 14.32 29.74
N LEU C 126 -5.32 13.22 29.58
CA LEU C 126 -6.73 13.27 29.22
C LEU C 126 -7.54 13.75 30.41
N LYS C 127 -8.16 14.92 30.26
CA LYS C 127 -8.74 15.63 31.40
C LYS C 127 -9.82 14.87 32.16
N PRO C 128 -9.67 14.81 33.49
CA PRO C 128 -10.69 14.27 34.40
C PRO C 128 -11.63 15.37 34.89
N MET C 129 -11.23 16.62 34.68
CA MET C 129 -12.04 17.78 35.07
C MET C 129 -11.90 18.90 34.04
N ASN C 130 -12.76 19.90 34.14
CA ASN C 130 -12.75 21.03 33.23
C ASN C 130 -12.10 22.27 33.84
N CYS C 131 -12.01 22.29 35.16
CA CYS C 131 -11.57 23.47 35.92
C CYS C 131 -10.27 24.18 35.48
N PRO C 132 -9.17 23.43 35.28
CA PRO C 132 -7.92 24.12 34.93
C PRO C 132 -7.98 24.81 33.58
N GLY C 133 -8.76 24.25 32.66
CA GLY C 133 -8.93 24.82 31.34
C GLY C 133 -9.68 26.14 31.36
N HIS C 134 -10.51 26.33 32.38
CA HIS C 134 -11.30 27.55 32.52
C HIS C 134 -10.49 28.64 33.19
N CYS C 135 -9.50 28.22 33.98
CA CYS C 135 -8.58 29.16 34.61
C CYS C 135 -7.74 29.84 33.54
N LEU C 136 -7.35 29.06 32.54
CA LEU C 136 -6.61 29.58 31.40
C LEU C 136 -7.41 30.65 30.66
N ILE C 137 -8.72 30.45 30.58
CA ILE C 137 -9.59 31.38 29.89
C ILE C 137 -9.71 32.69 30.67
N PHE C 138 -9.89 32.57 31.99
CA PHE C 138 -10.01 33.75 32.85
C PHE C 138 -8.71 34.54 32.84
N GLY C 139 -7.59 33.84 32.75
CA GLY C 139 -6.29 34.47 32.78
C GLY C 139 -5.65 34.61 31.41
N LYS C 140 -6.44 35.02 30.42
CA LYS C 140 -5.94 35.27 29.09
C LYS C 140 -6.15 36.74 28.75
N LYS C 141 -7.33 37.23 29.11
CA LYS C 141 -7.63 38.65 29.05
C LYS C 141 -7.45 39.24 30.44
N ASP C 142 -7.15 40.53 30.50
CA ASP C 142 -7.16 41.23 31.78
C ASP C 142 -8.62 41.37 32.22
N ARG C 143 -8.87 41.08 33.50
CA ARG C 143 -10.24 41.04 33.99
C ARG C 143 -10.56 42.21 34.92
N SER C 144 -11.80 42.69 34.83
CA SER C 144 -12.27 43.74 35.72
C SER C 144 -13.29 43.16 36.70
N TYR C 145 -13.68 43.96 37.69
CA TYR C 145 -14.70 43.55 38.64
C TYR C 145 -16.07 43.66 37.98
N ASN C 146 -16.12 44.38 36.87
CA ASN C 146 -17.35 44.57 36.10
C ASN C 146 -17.83 43.28 35.48
N GLU C 147 -16.89 42.40 35.14
CA GLU C 147 -17.19 41.15 34.47
C GLU C 147 -17.71 40.10 35.44
N LEU C 148 -17.61 40.39 36.74
CA LEU C 148 -17.95 39.41 37.76
C LEU C 148 -19.37 39.60 38.28
N PRO C 149 -20.06 38.50 38.62
CA PRO C 149 -19.60 37.10 38.54
C PRO C 149 -19.50 36.59 37.11
N LEU C 150 -18.37 35.96 36.79
CA LEU C 150 -18.13 35.42 35.46
C LEU C 150 -18.34 33.91 35.47
N ARG C 151 -19.30 33.45 34.67
CA ARG C 151 -19.71 32.05 34.70
C ARG C 151 -19.45 31.34 33.38
N PHE C 152 -18.81 30.17 33.47
CA PHE C 152 -18.53 29.37 32.30
C PHE C 152 -19.11 27.98 32.45
N SER C 153 -19.85 27.52 31.43
CA SER C 153 -20.36 26.17 31.44
C SER C 153 -19.65 25.30 30.40
N ASP C 154 -19.59 24.00 30.66
CA ASP C 154 -18.86 23.09 29.81
C ASP C 154 -19.49 21.69 29.86
N PHE C 155 -19.75 21.12 28.70
CA PHE C 155 -20.36 19.80 28.60
C PHE C 155 -19.40 18.78 28.00
N SER C 156 -18.10 19.04 28.11
CA SER C 156 -17.10 18.15 27.54
C SER C 156 -17.12 16.77 28.18
N PRO C 157 -16.78 15.74 27.41
CA PRO C 157 -16.65 14.39 27.98
C PRO C 157 -15.41 14.31 28.86
N LEU C 158 -15.58 13.74 30.05
CA LEU C 158 -14.48 13.61 31.01
C LEU C 158 -14.03 12.16 31.13
N HIS C 159 -12.76 11.97 31.44
CA HIS C 159 -12.21 10.63 31.59
C HIS C 159 -11.50 10.44 32.93
N ARG C 160 -12.02 9.52 33.75
CA ARG C 160 -11.39 9.16 35.01
C ARG C 160 -11.14 7.66 35.05
N ASN C 161 -9.87 7.28 35.15
CA ASN C 161 -9.50 5.87 35.17
C ASN C 161 -9.89 5.20 36.47
N GLU C 162 -11.19 4.95 36.64
CA GLU C 162 -11.70 4.35 37.87
C GLU C 162 -11.31 2.88 37.96
N ALA C 163 -11.40 2.33 39.17
CA ALA C 163 -11.12 0.92 39.39
C ALA C 163 -12.17 0.06 38.70
N SER C 164 -11.72 -1.06 38.14
CA SER C 164 -12.61 -1.96 37.40
C SER C 164 -13.75 -2.48 38.27
N GLY C 165 -13.50 -2.59 39.57
CA GLY C 165 -14.50 -3.06 40.50
C GLY C 165 -15.37 -1.95 41.05
N ALA C 166 -15.06 -0.72 40.63
CA ALA C 166 -15.85 0.44 41.02
C ALA C 166 -16.90 0.77 39.97
N LEU C 167 -16.69 0.22 38.77
CA LEU C 167 -17.59 0.47 37.65
C LEU C 167 -18.98 -0.10 37.91
N SER C 168 -20.01 0.69 37.60
CA SER C 168 -21.38 0.28 37.84
C SER C 168 -22.35 0.99 36.91
N GLY C 169 -22.73 0.33 35.83
CA GLY C 169 -23.73 0.83 34.90
C GLY C 169 -23.45 2.25 34.43
N LEU C 170 -24.41 3.13 34.63
CA LEU C 170 -24.24 4.53 34.26
C LEU C 170 -23.89 5.38 35.47
N THR C 171 -23.90 4.77 36.65
CA THR C 171 -23.60 5.48 37.88
C THR C 171 -22.11 5.81 38.02
N ARG C 172 -21.27 4.79 37.82
CA ARG C 172 -19.83 5.02 37.82
C ARG C 172 -19.19 4.55 36.53
N LEU C 173 -18.70 5.51 35.75
CA LEU C 173 -18.11 5.22 34.45
C LEU C 173 -16.71 5.79 34.36
N ARG C 174 -15.97 5.38 33.33
CA ARG C 174 -14.64 5.94 33.08
C ARG C 174 -14.77 7.14 32.15
N LYS C 175 -15.85 7.19 31.40
CA LYS C 175 -16.15 8.35 30.56
C LYS C 175 -17.55 8.86 30.82
N PHE C 176 -17.68 10.17 31.03
CA PHE C 176 -18.96 10.77 31.34
C PHE C 176 -18.99 12.26 31.02
N HIS C 177 -20.19 12.82 30.91
CA HIS C 177 -20.36 14.24 30.64
C HIS C 177 -20.99 14.94 31.84
N GLN C 178 -20.36 16.03 32.27
CA GLN C 178 -20.91 16.84 33.34
C GLN C 178 -21.57 18.08 32.77
N ASP C 179 -22.64 18.53 33.42
CA ASP C 179 -23.19 19.86 33.13
C ASP C 179 -22.37 20.85 33.95
N ASP C 180 -21.06 20.84 33.70
CA ASP C 180 -20.09 21.55 34.51
C ASP C 180 -20.25 23.05 34.41
N GLY C 181 -19.91 23.74 35.49
CA GLY C 181 -19.97 25.19 35.54
C GLY C 181 -18.88 25.72 36.45
N HIS C 182 -18.36 26.90 36.12
CA HIS C 182 -17.34 27.54 36.94
C HIS C 182 -17.60 29.03 37.06
N ILE C 183 -17.70 29.49 38.31
CA ILE C 183 -17.99 30.90 38.58
C ILE C 183 -16.79 31.58 39.19
N PHE C 184 -16.44 32.75 38.65
CA PHE C 184 -15.38 33.58 39.21
C PHE C 184 -16.03 34.83 39.77
N CYS C 185 -15.94 34.99 41.09
CA CYS C 185 -16.62 36.10 41.75
C CYS C 185 -15.76 36.74 42.84
N THR C 186 -16.32 37.77 43.49
CA THR C 186 -15.71 38.42 44.62
C THR C 186 -16.30 37.83 45.90
N PRO C 187 -15.58 37.94 47.03
CA PRO C 187 -16.07 37.43 48.31
C PRO C 187 -17.47 37.93 48.68
N SER C 188 -17.83 39.11 48.19
CA SER C 188 -19.16 39.66 48.45
C SER C 188 -20.26 38.90 47.73
N GLN C 189 -19.89 38.20 46.66
CA GLN C 189 -20.87 37.60 45.76
C GLN C 189 -21.09 36.09 45.97
N VAL C 190 -20.20 35.47 46.74
CA VAL C 190 -20.24 34.03 46.96
C VAL C 190 -21.59 33.54 47.48
N LYS C 191 -22.13 34.28 48.46
CA LYS C 191 -23.39 33.91 49.09
C LYS C 191 -24.53 33.84 48.08
N SER C 192 -24.72 34.92 47.32
CA SER C 192 -25.79 35.01 46.35
C SER C 192 -25.58 34.02 45.21
N GLU C 193 -24.32 33.79 44.86
CA GLU C 193 -23.98 32.94 43.73
C GLU C 193 -24.19 31.46 44.02
N ILE C 194 -23.96 31.06 45.26
CA ILE C 194 -24.20 29.68 45.66
C ILE C 194 -25.70 29.42 45.79
N PHE C 195 -26.42 30.42 46.28
CA PHE C 195 -27.87 30.33 46.39
C PHE C 195 -28.52 30.14 45.03
N ASN C 196 -28.04 30.90 44.04
CA ASN C 196 -28.54 30.80 42.69
C ASN C 196 -28.29 29.42 42.11
N SER C 197 -27.19 28.80 42.53
CA SER C 197 -26.88 27.44 42.12
C SER C 197 -27.84 26.46 42.79
N LEU C 198 -28.25 26.78 44.01
CA LEU C 198 -29.24 25.97 44.72
C LEU C 198 -30.63 26.13 44.12
N LYS C 199 -30.92 27.34 43.64
CA LYS C 199 -32.19 27.63 43.00
C LYS C 199 -32.33 26.78 41.73
N LEU C 200 -31.22 26.54 41.06
CA LEU C 200 -31.20 25.69 39.88
C LEU C 200 -31.35 24.23 40.29
N ILE C 201 -30.77 23.90 41.44
CA ILE C 201 -30.87 22.54 41.99
C ILE C 201 -32.30 22.24 42.44
N ASP C 202 -32.96 23.25 42.98
CA ASP C 202 -34.35 23.12 43.40
C ASP C 202 -35.26 22.85 42.20
N ILE C 203 -34.92 23.43 41.06
CA ILE C 203 -35.72 23.24 39.86
C ILE C 203 -35.64 21.81 39.34
N VAL C 204 -34.42 21.29 39.24
CA VAL C 204 -34.20 19.94 38.73
C VAL C 204 -34.81 18.87 39.63
N TYR C 205 -34.50 18.93 40.92
CA TYR C 205 -34.83 17.84 41.83
C TYR C 205 -36.17 17.97 42.54
N ASN C 206 -36.71 19.19 42.61
CA ASN C 206 -37.97 19.41 43.31
C ASN C 206 -39.14 19.79 42.41
N LYS C 207 -38.86 20.13 41.15
CA LYS C 207 -39.91 20.60 40.26
C LYS C 207 -40.02 19.83 38.95
N ILE C 208 -38.89 19.62 38.28
CA ILE C 208 -38.91 18.99 36.97
C ILE C 208 -38.67 17.47 37.01
N PHE C 209 -37.79 17.04 37.90
CA PHE C 209 -37.49 15.62 38.06
C PHE C 209 -37.60 15.18 39.52
N PRO C 210 -38.82 15.21 40.09
CA PRO C 210 -38.96 14.81 41.48
C PRO C 210 -39.28 13.33 41.62
N SER C 220 -38.71 16.63 51.29
CA SER C 220 -37.38 16.79 50.72
C SER C 220 -37.11 15.71 49.68
N ASN C 221 -36.44 16.10 48.60
CA ASN C 221 -36.04 15.14 47.57
C ASN C 221 -34.55 14.85 47.65
N TYR C 222 -33.83 15.70 48.38
CA TYR C 222 -32.40 15.53 48.56
C TYR C 222 -31.95 16.12 49.89
N PHE C 223 -30.75 15.74 50.32
CA PHE C 223 -30.09 16.40 51.42
C PHE C 223 -28.67 16.69 51.01
N ILE C 224 -28.01 17.60 51.72
CA ILE C 224 -26.66 18.00 51.38
C ILE C 224 -25.61 17.34 52.27
N ASN C 225 -24.58 16.78 51.63
CA ASN C 225 -23.43 16.28 52.37
C ASN C 225 -22.37 17.35 52.48
N PHE C 226 -22.20 17.89 53.69
CA PHE C 226 -21.18 18.90 53.91
C PHE C 226 -19.81 18.23 53.99
N SER C 227 -19.16 18.10 52.83
CA SER C 227 -17.85 17.47 52.76
C SER C 227 -16.74 18.46 53.10
N THR C 228 -15.97 18.14 54.13
CA THR C 228 -14.92 19.04 54.59
C THR C 228 -13.53 18.60 54.12
N ARG C 229 -12.52 19.30 54.61
CA ARG C 229 -11.14 19.14 54.14
C ARG C 229 -10.65 17.70 54.12
N PRO C 230 -10.24 17.22 52.94
CA PRO C 230 -9.66 15.88 52.79
C PRO C 230 -8.25 15.85 53.37
N ASP C 231 -7.71 14.66 53.56
CA ASP C 231 -6.35 14.50 54.06
C ASP C 231 -5.35 15.05 53.06
N HIS C 232 -5.43 14.55 51.83
CA HIS C 232 -4.57 15.03 50.76
C HIS C 232 -5.13 16.29 50.13
N PHE C 233 -5.08 17.39 50.88
CA PHE C 233 -5.58 18.67 50.41
C PHE C 233 -4.41 19.57 50.07
N ILE C 234 -4.68 20.66 49.36
CA ILE C 234 -3.65 21.64 49.04
C ILE C 234 -3.95 22.97 49.69
N GLY C 235 -2.92 23.80 49.80
CA GLY C 235 -3.10 25.17 50.26
C GLY C 235 -2.93 25.41 51.74
N ASP C 236 -3.05 26.68 52.12
CA ASP C 236 -2.92 27.10 53.51
C ASP C 236 -4.14 26.67 54.31
N LEU C 237 -3.89 26.18 55.52
CA LEU C 237 -4.95 25.68 56.39
C LEU C 237 -5.82 26.81 56.92
N LYS C 238 -5.30 28.03 56.86
CA LYS C 238 -6.04 29.19 57.34
C LYS C 238 -7.22 29.51 56.44
N VAL C 239 -6.98 29.62 55.14
CA VAL C 239 -8.04 29.93 54.18
C VAL C 239 -9.06 28.80 54.08
N TRP C 240 -8.64 27.59 54.39
CA TRP C 240 -9.55 26.44 54.41
C TRP C 240 -10.65 26.62 55.46
N ASN C 241 -10.25 26.92 56.69
CA ASN C 241 -11.19 27.11 57.78
C ASN C 241 -12.15 28.26 57.52
N HIS C 242 -11.66 29.26 56.79
CA HIS C 242 -12.49 30.39 56.41
C HIS C 242 -13.55 29.95 55.41
N ALA C 243 -13.11 29.21 54.39
CA ALA C 243 -14.01 28.71 53.35
C ALA C 243 -15.13 27.86 53.95
N GLU C 244 -14.76 27.01 54.90
CA GLU C 244 -15.71 26.12 55.53
C GLU C 244 -16.64 26.88 56.48
N GLN C 245 -16.20 28.05 56.93
CA GLN C 245 -17.03 28.89 57.78
C GLN C 245 -18.10 29.58 56.94
N VAL C 246 -17.69 30.13 55.81
CA VAL C 246 -18.60 30.83 54.91
C VAL C 246 -19.60 29.86 54.30
N LEU C 247 -19.10 28.67 53.95
CA LEU C 247 -19.92 27.65 53.32
C LEU C 247 -21.01 27.15 54.27
N LYS C 248 -20.68 27.08 55.55
CA LYS C 248 -21.62 26.62 56.56
C LYS C 248 -22.76 27.62 56.77
N GLU C 249 -22.41 28.90 56.79
CA GLU C 249 -23.40 29.96 56.95
C GLU C 249 -24.40 29.94 55.82
N ILE C 250 -23.89 29.82 54.59
CA ILE C 250 -24.72 29.68 53.40
C ILE C 250 -25.57 28.43 53.50
N LEU C 251 -24.96 27.35 54.00
CA LEU C 251 -25.66 26.10 54.21
C LEU C 251 -26.71 26.24 55.30
N GLU C 252 -26.43 27.10 56.27
CA GLU C 252 -27.35 27.34 57.38
C GLU C 252 -28.50 28.28 56.97
N GLU C 253 -28.15 29.36 56.28
CA GLU C 253 -29.15 30.32 55.81
C GLU C 253 -30.14 29.66 54.86
N SER C 254 -29.67 28.65 54.14
CA SER C 254 -30.49 27.92 53.17
C SER C 254 -31.75 27.37 53.82
N GLY C 255 -31.57 26.55 54.85
CA GLY C 255 -32.68 25.90 55.52
C GLY C 255 -32.93 24.52 54.96
N LYS C 256 -31.91 23.95 54.34
CA LYS C 256 -32.02 22.65 53.70
C LYS C 256 -31.33 21.57 54.54
N PRO C 257 -31.88 20.35 54.51
CA PRO C 257 -31.36 19.23 55.31
C PRO C 257 -29.93 18.87 54.94
N TRP C 258 -29.08 18.66 55.94
CA TRP C 258 -27.70 18.29 55.68
C TRP C 258 -27.03 17.52 56.81
N LYS C 259 -26.08 16.66 56.44
CA LYS C 259 -25.27 15.92 57.40
C LYS C 259 -23.82 16.29 57.15
N LEU C 260 -22.95 15.98 58.11
CA LEU C 260 -21.53 16.21 57.92
C LEU C 260 -20.87 15.00 57.31
N ASN C 261 -20.13 15.22 56.21
CA ASN C 261 -19.37 14.16 55.58
C ASN C 261 -17.89 14.52 55.60
N PRO C 262 -17.25 14.43 56.77
CA PRO C 262 -15.90 14.95 56.98
C PRO C 262 -14.83 14.18 56.22
N GLY C 263 -13.85 14.90 55.69
CA GLY C 263 -12.71 14.31 55.03
C GLY C 263 -12.97 13.89 53.60
N ASP C 264 -14.16 14.17 53.09
CA ASP C 264 -14.52 13.76 51.73
C ASP C 264 -14.74 14.96 50.81
N GLY C 265 -14.15 16.09 51.16
CA GLY C 265 -14.18 17.25 50.30
C GLY C 265 -13.12 17.13 49.22
N ALA C 266 -13.09 18.09 48.31
CA ALA C 266 -12.09 18.10 47.24
C ALA C 266 -10.79 18.68 47.77
N PHE C 267 -9.68 18.29 47.14
CA PHE C 267 -8.37 18.77 47.56
C PHE C 267 -8.22 20.29 47.40
N TYR C 268 -9.04 20.86 46.52
CA TYR C 268 -8.98 22.29 46.25
C TYR C 268 -10.04 23.08 47.01
N GLY C 269 -10.93 22.38 47.71
CA GLY C 269 -11.95 23.05 48.50
C GLY C 269 -13.03 22.15 49.06
N PRO C 270 -13.75 22.66 50.08
CA PRO C 270 -14.89 21.98 50.69
C PRO C 270 -16.08 22.01 49.73
N LYS C 271 -16.96 21.02 49.80
CA LYS C 271 -18.04 20.94 48.85
C LYS C 271 -19.40 20.58 49.44
N LEU C 272 -20.45 21.17 48.87
CA LEU C 272 -21.82 20.84 49.20
C LEU C 272 -22.31 19.75 48.25
N ASP C 273 -22.28 18.51 48.71
CA ASP C 273 -22.68 17.37 47.89
C ASP C 273 -24.16 17.05 48.06
N ILE C 274 -24.91 17.13 46.96
CA ILE C 274 -26.34 16.83 46.98
C ILE C 274 -26.56 15.33 46.78
N MET C 275 -27.23 14.70 47.75
CA MET C 275 -27.40 13.26 47.76
C MET C 275 -28.84 12.83 47.49
N VAL C 276 -28.99 11.84 46.62
CA VAL C 276 -30.30 11.27 46.29
C VAL C 276 -30.30 9.77 46.60
N THR C 277 -31.45 9.24 47.01
CA THR C 277 -31.55 7.86 47.44
C THR C 277 -32.20 6.96 46.39
N ASP C 278 -31.82 5.69 46.39
CA ASP C 278 -32.40 4.69 45.50
C ASP C 278 -33.67 4.18 46.16
N HIS C 279 -34.37 3.31 45.44
CA HIS C 279 -35.39 2.47 46.03
C HIS C 279 -34.84 1.44 47.02
N LEU C 280 -33.53 1.21 46.93
CA LEU C 280 -32.81 0.38 47.89
C LEU C 280 -32.21 1.26 48.99
N ARG C 281 -32.64 2.52 49.01
CA ARG C 281 -32.25 3.48 50.05
C ARG C 281 -30.75 3.76 50.11
N LYS C 282 -30.05 3.47 49.02
CA LYS C 282 -28.63 3.81 48.92
C LYS C 282 -28.46 5.22 48.35
N THR C 283 -27.46 5.94 48.83
CA THR C 283 -27.26 7.32 48.42
C THR C 283 -26.29 7.47 47.24
N HIS C 284 -26.53 8.50 46.44
CA HIS C 284 -25.66 8.81 45.31
C HIS C 284 -25.42 10.32 45.23
N GLN C 285 -24.17 10.70 44.97
CA GLN C 285 -23.83 12.10 44.84
C GLN C 285 -24.04 12.59 43.41
N VAL C 286 -25.04 13.43 43.22
CA VAL C 286 -25.31 14.01 41.91
C VAL C 286 -24.79 15.44 41.83
N ALA C 287 -25.65 16.41 42.12
CA ALA C 287 -25.25 17.80 42.11
C ALA C 287 -24.17 18.09 43.15
N THR C 288 -23.36 19.12 42.91
CA THR C 288 -22.32 19.50 43.85
C THR C 288 -21.98 20.99 43.74
N ILE C 289 -21.65 21.60 44.87
CA ILE C 289 -21.20 22.97 44.89
C ILE C 289 -19.89 23.04 45.67
N GLN C 290 -18.82 23.42 44.99
CA GLN C 290 -17.48 23.36 45.57
C GLN C 290 -16.84 24.75 45.63
N LEU C 291 -16.34 25.10 46.81
CA LEU C 291 -15.75 26.42 47.02
C LEU C 291 -14.23 26.37 46.94
N ASP C 292 -13.68 26.98 45.89
CA ASP C 292 -12.25 26.92 45.62
C ASP C 292 -11.55 28.24 45.91
N PHE C 293 -10.59 28.19 46.83
CA PHE C 293 -9.73 29.32 47.10
C PHE C 293 -8.31 29.01 46.65
N GLN C 294 -8.10 27.80 46.17
CA GLN C 294 -6.76 27.30 45.87
C GLN C 294 -6.33 27.52 44.41
N LEU C 295 -7.09 26.93 43.49
CA LEU C 295 -6.80 27.05 42.06
C LEU C 295 -6.59 28.48 41.53
N PRO C 296 -7.38 29.47 42.01
CA PRO C 296 -7.07 30.84 41.62
C PRO C 296 -5.66 31.28 42.03
N GLU C 297 -5.15 30.71 43.13
CA GLU C 297 -3.81 31.05 43.59
C GLU C 297 -2.76 30.25 42.82
N ARG C 298 -3.12 29.03 42.43
CA ARG C 298 -2.24 28.17 41.66
C ARG C 298 -1.94 28.77 40.29
N PHE C 299 -2.94 29.41 39.71
CA PHE C 299 -2.82 29.99 38.37
C PHE C 299 -2.55 31.48 38.40
N ASP C 300 -2.39 32.03 39.60
CA ASP C 300 -2.12 33.45 39.79
C ASP C 300 -3.19 34.30 39.10
N LEU C 301 -4.46 33.97 39.36
CA LEU C 301 -5.57 34.68 38.75
C LEU C 301 -5.84 36.02 39.43
N LYS C 302 -5.89 37.07 38.62
CA LYS C 302 -6.10 38.42 39.14
C LYS C 302 -7.24 39.12 38.42
N PHE C 303 -7.85 40.09 39.09
CA PHE C 303 -8.80 40.98 38.46
C PHE C 303 -8.68 42.36 39.08
N LYS C 304 -9.04 43.39 38.31
CA LYS C 304 -8.96 44.76 38.80
C LYS C 304 -10.21 45.13 39.57
N ASP C 305 -10.03 45.51 40.83
CA ASP C 305 -11.16 45.92 41.67
C ASP C 305 -11.51 47.38 41.39
N GLN C 306 -12.49 47.90 42.12
CA GLN C 306 -12.96 49.27 41.91
C GLN C 306 -11.94 50.31 42.39
N ASP C 307 -11.18 49.96 43.42
CA ASP C 307 -10.14 50.85 43.92
C ASP C 307 -8.85 50.70 43.12
N ASN C 308 -8.98 50.15 41.92
CA ASN C 308 -7.85 49.92 41.01
C ASN C 308 -6.76 49.01 41.58
N SER C 309 -7.15 48.17 42.53
CA SER C 309 -6.22 47.19 43.10
C SER C 309 -6.54 45.80 42.55
N TYR C 310 -5.50 44.99 42.42
CA TYR C 310 -5.65 43.65 41.85
C TYR C 310 -5.82 42.59 42.94
N LYS C 311 -6.90 41.81 42.82
CA LYS C 311 -7.22 40.79 43.81
C LYS C 311 -7.49 39.44 43.14
N ARG C 312 -7.63 38.40 43.95
CA ARG C 312 -7.92 37.07 43.44
C ARG C 312 -9.43 36.82 43.39
N PRO C 313 -9.91 36.26 42.28
CA PRO C 313 -11.31 35.85 42.19
C PRO C 313 -11.50 34.52 42.90
N ILE C 314 -12.73 34.22 43.32
CA ILE C 314 -13.02 32.95 43.95
C ILE C 314 -13.68 32.01 42.96
N MET C 315 -13.25 30.76 42.96
CA MET C 315 -13.82 29.76 42.05
C MET C 315 -14.90 28.92 42.73
N ILE C 316 -16.03 28.80 42.05
CA ILE C 316 -17.10 27.92 42.50
C ILE C 316 -17.35 26.85 41.45
N HIS C 317 -17.07 25.60 41.80
CA HIS C 317 -17.30 24.48 40.92
C HIS C 317 -18.71 23.95 41.16
N ARG C 318 -19.44 23.69 40.09
CA ARG C 318 -20.81 23.22 40.25
C ARG C 318 -21.36 22.43 39.05
N ALA C 319 -22.11 21.39 39.38
CA ALA C 319 -22.89 20.65 38.41
C ALA C 319 -24.24 20.39 39.05
N THR C 320 -25.30 20.39 38.25
CA THR C 320 -26.64 20.17 38.79
C THR C 320 -27.09 18.73 38.58
N PHE C 321 -26.77 18.17 37.42
CA PHE C 321 -27.03 16.75 37.18
C PHE C 321 -25.88 15.95 37.75
N GLY C 322 -24.78 16.63 38.01
CA GLY C 322 -23.53 15.97 38.33
C GLY C 322 -22.93 15.48 37.04
N SER C 323 -23.34 14.29 36.62
CA SER C 323 -23.05 13.80 35.29
C SER C 323 -24.37 13.39 34.65
N ILE C 324 -24.49 13.60 33.34
CA ILE C 324 -25.72 13.24 32.64
C ILE C 324 -25.96 11.74 32.77
N GLU C 325 -24.88 10.96 32.67
CA GLU C 325 -24.97 9.51 32.75
C GLU C 325 -25.57 9.02 34.07
N ARG C 326 -24.98 9.45 35.19
CA ARG C 326 -25.43 9.01 36.50
C ARG C 326 -26.84 9.51 36.79
N PHE C 327 -27.14 10.73 36.37
CA PHE C 327 -28.46 11.30 36.56
C PHE C 327 -29.52 10.51 35.80
N MET C 328 -29.19 10.10 34.57
CA MET C 328 -30.07 9.28 33.76
C MET C 328 -30.32 7.96 34.46
N ALA C 329 -29.28 7.39 35.05
CA ALA C 329 -29.36 6.10 35.72
C ALA C 329 -30.33 6.14 36.91
N LEU C 330 -30.52 7.33 37.47
CA LEU C 330 -31.39 7.48 38.63
C LEU C 330 -32.82 7.82 38.23
N LEU C 331 -33.01 8.31 37.02
CA LEU C 331 -34.35 8.49 36.49
C LEU C 331 -34.92 7.12 36.15
N ILE C 332 -34.11 6.32 35.46
CA ILE C 332 -34.50 4.97 35.06
C ILE C 332 -34.76 4.12 36.30
N ASP C 333 -33.96 4.35 37.33
CA ASP C 333 -34.10 3.63 38.58
C ASP C 333 -35.40 4.00 39.29
N SER C 334 -35.94 5.16 38.93
CA SER C 334 -37.14 5.68 39.59
CA SER C 334 -37.14 5.67 39.59
C SER C 334 -38.41 5.48 38.76
N ASN C 335 -38.33 5.75 37.46
CA ASN C 335 -39.51 5.62 36.60
C ASN C 335 -39.67 4.24 35.96
N GLU C 336 -38.61 3.45 35.99
CA GLU C 336 -38.63 2.09 35.44
C GLU C 336 -39.07 2.06 33.98
N GLY C 337 -38.61 3.04 33.21
CA GLY C 337 -38.93 3.10 31.80
C GLY C 337 -40.11 3.99 31.48
N ARG C 338 -40.89 4.33 32.51
CA ARG C 338 -42.04 5.19 32.35
C ARG C 338 -41.65 6.66 32.25
N TRP C 339 -41.10 7.04 31.09
CA TRP C 339 -40.60 8.39 30.88
C TRP C 339 -41.74 9.41 30.79
N PRO C 340 -41.44 10.66 31.18
CA PRO C 340 -42.36 11.76 30.90
C PRO C 340 -42.44 11.99 29.40
N PHE C 341 -43.50 12.64 28.93
CA PHE C 341 -43.70 12.80 27.49
C PHE C 341 -42.57 13.55 26.81
N TRP C 342 -42.02 14.54 27.49
CA TRP C 342 -40.99 15.38 26.87
C TRP C 342 -39.62 14.68 26.83
N LEU C 343 -39.46 13.61 27.61
CA LEU C 343 -38.20 12.87 27.63
C LEU C 343 -38.30 11.53 26.92
N ASN C 344 -39.52 11.10 26.63
CA ASN C 344 -39.77 9.76 26.12
C ASN C 344 -39.33 9.59 24.67
N PRO C 345 -38.45 8.61 24.41
CA PRO C 345 -38.09 8.23 23.04
C PRO C 345 -39.27 7.54 22.34
N TYR C 346 -40.25 7.14 23.13
CA TYR C 346 -41.50 6.57 22.62
C TYR C 346 -42.67 7.44 23.05
N GLN C 347 -42.90 8.53 22.33
CA GLN C 347 -43.92 9.48 22.74
C GLN C 347 -45.34 9.03 22.42
N ALA C 348 -45.52 8.42 21.24
CA ALA C 348 -46.84 7.95 20.84
C ALA C 348 -46.76 6.83 19.81
N VAL C 349 -47.77 5.97 19.80
CA VAL C 349 -47.89 4.92 18.80
C VAL C 349 -49.29 4.89 18.21
N ILE C 350 -49.36 4.85 16.88
CA ILE C 350 -50.64 4.84 16.19
C ILE C 350 -50.99 3.43 15.75
N ILE C 351 -52.16 2.96 16.19
CA ILE C 351 -52.56 1.59 15.93
C ILE C 351 -53.88 1.48 15.17
N PRO C 352 -53.82 1.05 13.90
CA PRO C 352 -55.04 0.80 13.13
C PRO C 352 -55.58 -0.59 13.43
N VAL C 353 -56.89 -0.67 13.65
CA VAL C 353 -57.53 -1.95 13.99
C VAL C 353 -57.39 -2.96 12.85
N ASN C 354 -57.76 -2.54 11.64
CA ASN C 354 -57.58 -3.35 10.46
C ASN C 354 -56.38 -2.86 9.65
N THR C 355 -55.27 -3.60 9.72
CA THR C 355 -54.03 -3.16 9.09
C THR C 355 -54.08 -3.28 7.56
N LYS C 356 -55.22 -3.72 7.04
CA LYS C 356 -55.39 -3.83 5.60
C LYS C 356 -56.44 -2.83 5.12
N ASN C 357 -57.03 -2.09 6.06
CA ASN C 357 -58.02 -1.09 5.72
C ASN C 357 -57.37 0.19 5.22
N VAL C 358 -57.52 0.46 3.92
CA VAL C 358 -56.89 1.61 3.28
C VAL C 358 -57.19 2.93 3.96
N GLN C 359 -58.44 3.11 4.37
N GLN C 359 -58.44 3.10 4.40
CA GLN C 359 -58.88 4.35 4.99
CA GLN C 359 -58.86 4.36 4.98
C GLN C 359 -58.25 4.56 6.36
C GLN C 359 -58.30 4.57 6.38
N GLN C 360 -58.12 3.47 7.12
CA GLN C 360 -57.55 3.54 8.45
C GLN C 360 -56.08 3.92 8.38
N LEU C 361 -55.37 3.38 7.39
CA LEU C 361 -53.96 3.69 7.19
C LEU C 361 -53.78 5.12 6.73
N ASP C 362 -54.62 5.54 5.78
CA ASP C 362 -54.59 6.91 5.26
C ASP C 362 -54.73 7.93 6.38
N MET C 363 -55.44 7.53 7.43
CA MET C 363 -55.71 8.40 8.55
C MET C 363 -54.61 8.26 9.60
N CYS C 364 -54.02 7.07 9.68
CA CYS C 364 -52.93 6.81 10.62
C CYS C 364 -51.63 7.44 10.12
N THR C 365 -51.35 7.26 8.83
CA THR C 365 -50.13 7.78 8.23
C THR C 365 -50.15 9.31 8.20
N ALA C 366 -51.35 9.88 8.09
CA ALA C 366 -51.49 11.32 8.05
C ALA C 366 -51.10 11.97 9.38
N LEU C 367 -51.48 11.30 10.47
CA LEU C 367 -51.19 11.80 11.81
C LEU C 367 -49.71 11.67 12.12
N GLN C 368 -49.13 10.55 11.71
CA GLN C 368 -47.70 10.30 11.92
C GLN C 368 -46.87 11.31 11.15
N LYS C 369 -47.30 11.61 9.92
CA LYS C 369 -46.65 12.60 9.09
C LYS C 369 -46.66 13.95 9.79
N LYS C 370 -47.82 14.30 10.31
CA LYS C 370 -48.03 15.58 10.98
C LYS C 370 -47.18 15.68 12.24
N LEU C 371 -47.24 14.63 13.06
CA LEU C 371 -46.60 14.64 14.37
C LEU C 371 -45.08 14.62 14.28
N ARG C 372 -44.55 13.79 13.38
CA ARG C 372 -43.11 13.70 13.18
C ARG C 372 -42.55 14.99 12.59
N ASN C 373 -43.31 15.58 11.67
CA ASN C 373 -42.94 16.82 11.02
C ASN C 373 -41.57 16.74 10.36
N GLU C 374 -41.44 15.79 9.45
CA GLU C 374 -40.18 15.58 8.73
C GLU C 374 -40.26 16.19 7.35
N LEU C 375 -39.20 16.03 6.57
CA LEU C 375 -39.17 16.54 5.21
C LEU C 375 -38.60 15.44 4.32
N GLU C 376 -38.76 15.61 3.01
CA GLU C 376 -38.29 14.63 2.04
C GLU C 376 -36.83 14.86 1.68
N ALA C 377 -36.10 13.78 1.43
CA ALA C 377 -34.68 13.84 1.12
C ALA C 377 -34.41 14.14 -0.35
N ASP C 378 -35.47 14.37 -1.12
CA ASP C 378 -35.33 14.55 -2.57
C ASP C 378 -35.58 15.99 -3.03
N ASP C 379 -35.59 16.92 -2.10
CA ASP C 379 -35.69 18.34 -2.44
C ASP C 379 -34.76 19.17 -1.57
N MET C 380 -34.69 20.47 -1.85
CA MET C 380 -33.69 21.34 -1.26
C MET C 380 -34.23 22.23 -0.13
N GLU C 381 -35.40 21.87 0.41
CA GLU C 381 -35.99 22.66 1.49
C GLU C 381 -35.48 22.20 2.84
N PRO C 382 -34.79 23.08 3.56
CA PRO C 382 -34.15 22.73 4.83
C PRO C 382 -35.14 22.61 5.98
N VAL C 383 -34.80 21.80 6.96
CA VAL C 383 -35.57 21.75 8.19
C VAL C 383 -35.31 23.04 8.96
N PRO C 384 -36.37 23.80 9.24
CA PRO C 384 -36.23 25.09 9.94
C PRO C 384 -35.98 24.95 11.44
N LEU C 385 -35.41 25.99 12.03
CA LEU C 385 -35.13 26.02 13.45
C LEU C 385 -36.42 26.13 14.25
N ASN C 386 -36.40 25.62 15.48
CA ASN C 386 -37.50 25.78 16.43
C ASN C 386 -38.85 25.24 15.97
N ASP C 387 -38.84 24.19 15.15
CA ASP C 387 -40.07 23.50 14.80
C ASP C 387 -40.25 22.34 15.77
N TRP C 388 -41.42 21.71 15.72
CA TRP C 388 -41.71 20.60 16.60
C TRP C 388 -41.60 19.25 15.90
N HIS C 389 -41.03 18.26 16.58
CA HIS C 389 -40.88 16.92 16.05
C HIS C 389 -41.11 15.90 17.15
N PHE C 390 -42.03 14.98 16.93
CA PHE C 390 -42.40 14.01 17.96
C PHE C 390 -42.10 12.58 17.58
N ASN C 391 -41.71 11.78 18.57
CA ASN C 391 -41.36 10.38 18.36
C ASN C 391 -42.61 9.50 18.28
N VAL C 392 -43.23 9.48 17.11
CA VAL C 392 -44.45 8.72 16.90
C VAL C 392 -44.23 7.51 15.98
N ASP C 393 -44.49 6.32 16.50
CA ASP C 393 -44.32 5.10 15.72
C ASP C 393 -45.66 4.58 15.22
N LEU C 394 -45.61 3.77 14.17
CA LEU C 394 -46.80 3.25 13.55
C LEU C 394 -46.78 1.72 13.54
N ASP C 395 -47.75 1.11 14.25
CA ASP C 395 -47.79 -0.34 14.37
C ASP C 395 -48.76 -0.95 13.38
N ILE C 396 -48.25 -1.30 12.20
CA ILE C 396 -49.07 -1.91 11.16
C ILE C 396 -48.82 -3.41 11.06
N ARG C 397 -48.25 -3.99 12.11
CA ARG C 397 -47.99 -5.42 12.16
C ARG C 397 -49.29 -6.22 12.04
N ASN C 398 -49.20 -7.38 11.39
CA ASN C 398 -50.38 -8.23 11.23
C ASN C 398 -50.65 -9.04 12.48
N GLU C 399 -51.08 -8.36 13.54
CA GLU C 399 -51.43 -9.00 14.80
C GLU C 399 -52.72 -8.35 15.29
N PRO C 400 -53.47 -9.05 16.17
CA PRO C 400 -54.69 -8.46 16.73
C PRO C 400 -54.41 -7.12 17.43
N VAL C 401 -55.39 -6.24 17.43
CA VAL C 401 -55.23 -4.89 17.98
C VAL C 401 -54.83 -4.91 19.46
N GLY C 402 -55.23 -5.96 20.17
CA GLY C 402 -54.93 -6.08 21.59
C GLY C 402 -53.48 -6.45 21.86
N TYR C 403 -52.93 -7.29 20.99
CA TYR C 403 -51.54 -7.71 21.10
C TYR C 403 -50.60 -6.55 20.82
N ARG C 404 -51.02 -5.66 19.93
CA ARG C 404 -50.22 -4.49 19.57
C ARG C 404 -50.34 -3.39 20.61
N ILE C 405 -51.32 -3.53 21.51
CA ILE C 405 -51.45 -2.62 22.64
C ILE C 405 -50.59 -3.10 23.81
N LYS C 406 -50.64 -4.41 24.07
CA LYS C 406 -49.75 -5.02 25.05
C LYS C 406 -48.30 -4.68 24.73
N SER C 407 -47.98 -4.70 23.43
CA SER C 407 -46.62 -4.50 22.97
C SER C 407 -46.19 -3.04 23.03
N ALA C 408 -47.11 -2.18 23.46
CA ALA C 408 -46.80 -0.76 23.59
C ALA C 408 -46.83 -0.32 25.03
N ILE C 409 -47.57 -1.05 25.85
CA ILE C 409 -47.61 -0.79 27.29
C ILE C 409 -46.24 -1.12 27.87
N LEU C 410 -45.62 -2.15 27.33
CA LEU C 410 -44.31 -2.59 27.79
C LEU C 410 -43.20 -1.71 27.24
N LYS C 411 -43.46 -1.09 26.10
CA LYS C 411 -42.53 -0.13 25.51
C LYS C 411 -42.62 1.21 26.23
N ASN C 412 -43.68 1.37 27.02
CA ASN C 412 -43.92 2.57 27.80
C ASN C 412 -44.16 3.82 26.96
N TYR C 413 -44.84 3.65 25.83
CA TYR C 413 -45.28 4.80 25.04
C TYR C 413 -46.13 5.71 25.90
N SER C 414 -45.85 7.01 25.88
CA SER C 414 -46.60 7.96 26.68
C SER C 414 -48.07 8.06 26.26
N TYR C 415 -48.33 7.76 24.99
CA TYR C 415 -49.69 7.81 24.46
C TYR C 415 -49.94 6.71 23.44
N LEU C 416 -51.16 6.19 23.45
CA LEU C 416 -51.58 5.18 22.50
C LEU C 416 -52.73 5.70 21.65
N ILE C 417 -52.51 5.78 20.34
CA ILE C 417 -53.52 6.28 19.43
C ILE C 417 -54.06 5.14 18.57
N ILE C 418 -55.37 4.99 18.57
CA ILE C 418 -56.02 3.85 17.94
C ILE C 418 -57.07 4.27 16.91
N VAL C 419 -57.02 3.67 15.72
CA VAL C 419 -57.94 4.02 14.65
C VAL C 419 -58.70 2.82 14.08
N GLY C 420 -60.01 2.82 14.28
CA GLY C 420 -60.90 1.87 13.64
C GLY C 420 -61.87 2.63 12.76
N ASP C 421 -62.86 1.93 12.21
CA ASP C 421 -63.84 2.56 11.32
C ASP C 421 -64.74 3.55 12.05
N GLU C 422 -64.90 3.35 13.35
CA GLU C 422 -65.66 4.28 14.17
C GLU C 422 -64.97 5.64 14.18
N GLU C 423 -63.63 5.61 14.18
CA GLU C 423 -62.83 6.83 14.19
C GLU C 423 -62.76 7.44 12.79
N VAL C 424 -62.64 6.58 11.79
CA VAL C 424 -62.59 7.01 10.38
C VAL C 424 -63.86 7.76 10.00
N GLN C 425 -64.98 7.32 10.53
CA GLN C 425 -66.26 7.98 10.27
C GLN C 425 -66.32 9.34 10.95
N LEU C 426 -65.62 9.48 12.06
CA LEU C 426 -65.61 10.73 12.82
C LEU C 426 -64.47 11.66 12.40
N GLN C 427 -63.45 11.09 11.77
CA GLN C 427 -62.21 11.80 11.47
C GLN C 427 -61.55 12.32 12.75
N LYS C 428 -61.73 11.58 13.84
CA LYS C 428 -61.07 11.87 15.10
C LYS C 428 -60.30 10.65 15.58
N TYR C 429 -59.28 10.87 16.40
CA TYR C 429 -58.40 9.79 16.84
C TYR C 429 -58.67 9.38 18.28
N ASN C 430 -58.65 8.07 18.54
CA ASN C 430 -58.89 7.55 19.87
C ASN C 430 -57.58 7.41 20.65
N ILE C 431 -57.33 8.35 21.55
CA ILE C 431 -56.04 8.45 22.23
C ILE C 431 -56.19 8.34 23.75
N ARG C 432 -55.29 7.58 24.38
CA ARG C 432 -55.27 7.46 25.82
C ARG C 432 -53.86 7.68 26.36
N GLU C 433 -53.77 7.95 27.65
CA GLU C 433 -52.49 8.08 28.32
C GLU C 433 -51.91 6.68 28.57
N ARG C 434 -50.71 6.63 29.10
CA ARG C 434 -50.05 5.37 29.37
C ARG C 434 -50.44 4.82 30.74
N ASP C 435 -50.39 5.69 31.74
CA ASP C 435 -50.53 5.27 33.13
C ASP C 435 -51.98 5.29 33.63
N ASN C 436 -52.89 5.72 32.76
CA ASN C 436 -54.31 5.65 33.08
C ASN C 436 -55.07 4.87 32.01
N ARG C 437 -55.62 3.73 32.43
CA ARG C 437 -56.29 2.82 31.51
C ARG C 437 -57.59 3.40 30.97
N LYS C 438 -58.29 4.16 31.80
CA LYS C 438 -59.55 4.77 31.40
C LYS C 438 -59.36 6.25 31.07
N SER C 439 -58.48 6.53 30.12
CA SER C 439 -58.12 7.90 29.78
C SER C 439 -58.49 8.25 28.34
N PHE C 440 -59.12 7.30 27.65
CA PHE C 440 -59.44 7.45 26.23
C PHE C 440 -60.17 8.74 25.88
N GLU C 441 -59.79 9.31 24.74
CA GLU C 441 -60.30 10.60 24.30
C GLU C 441 -60.35 10.61 22.79
N LYS C 442 -61.23 11.42 22.21
CA LYS C 442 -61.34 11.52 20.76
C LYS C 442 -60.98 12.91 20.27
N LEU C 443 -59.74 13.04 19.79
CA LEU C 443 -59.23 14.33 19.36
C LEU C 443 -58.97 14.36 17.86
N THR C 444 -58.78 15.56 17.31
CA THR C 444 -58.43 15.70 15.91
C THR C 444 -56.92 15.75 15.75
N MET C 445 -56.46 15.79 14.51
CA MET C 445 -55.04 15.84 14.22
C MET C 445 -54.43 17.11 14.80
N SER C 446 -55.18 18.20 14.68
CA SER C 446 -54.72 19.50 15.17
C SER C 446 -54.66 19.51 16.70
N GLN C 447 -55.61 18.83 17.33
CA GLN C 447 -55.70 18.80 18.77
C GLN C 447 -54.56 18.02 19.41
N ILE C 448 -54.26 16.85 18.85
CA ILE C 448 -53.15 16.04 19.33
C ILE C 448 -51.83 16.78 19.11
N TRP C 449 -51.74 17.47 17.97
CA TRP C 449 -50.57 18.27 17.64
C TRP C 449 -50.32 19.33 18.70
N GLU C 450 -51.36 20.06 19.07
CA GLU C 450 -51.24 21.13 20.05
C GLU C 450 -51.10 20.56 21.47
N LYS C 451 -51.75 19.44 21.72
CA LYS C 451 -51.66 18.79 23.02
C LYS C 451 -50.22 18.35 23.30
N PHE C 452 -49.58 17.77 22.29
CA PHE C 452 -48.20 17.30 22.42
C PHE C 452 -47.22 18.45 22.62
N ILE C 453 -47.45 19.54 21.89
CA ILE C 453 -46.62 20.73 21.99
C ILE C 453 -46.70 21.32 23.40
N GLU C 454 -47.92 21.43 23.92
CA GLU C 454 -48.15 22.01 25.24
C GLU C 454 -47.48 21.17 26.33
N LEU C 455 -47.45 19.86 26.13
CA LEU C 455 -46.78 18.97 27.06
C LEU C 455 -45.28 19.22 27.05
N GLU C 456 -44.76 19.58 25.89
CA GLU C 456 -43.35 19.87 25.74
C GLU C 456 -42.98 21.30 26.13
N LYS C 457 -43.97 22.19 26.14
CA LYS C 457 -43.78 23.58 26.55
C LYS C 457 -44.03 23.72 28.05
N ASN C 458 -44.10 22.59 28.74
CA ASN C 458 -44.36 22.55 30.17
C ASN C 458 -43.51 21.51 30.88
N TYR C 459 -42.66 20.83 30.13
CA TYR C 459 -41.83 19.74 30.64
C TYR C 459 -42.70 18.67 31.31
N LYS C 460 -43.84 18.37 30.68
CA LYS C 460 -44.74 17.34 31.16
C LYS C 460 -44.53 16.04 30.40
N ALA D 34 5.49 -24.91 -37.54
CA ALA D 34 4.75 -23.66 -37.73
C ALA D 34 3.51 -23.64 -36.85
N THR D 35 2.62 -24.60 -37.11
CA THR D 35 1.50 -24.87 -36.22
C THR D 35 1.75 -26.21 -35.54
N MET D 36 2.50 -27.07 -36.23
CA MET D 36 3.05 -28.27 -35.64
C MET D 36 3.98 -27.84 -34.51
N THR D 37 4.66 -26.71 -34.72
CA THR D 37 5.49 -26.10 -33.70
C THR D 37 4.64 -25.77 -32.48
N SER D 38 3.50 -25.15 -32.71
CA SER D 38 2.58 -24.80 -31.64
C SER D 38 1.81 -26.03 -31.15
N MET D 39 1.82 -27.08 -31.95
CA MET D 39 1.18 -28.34 -31.57
C MET D 39 2.08 -29.12 -30.63
N VAL D 40 3.34 -29.29 -31.04
CA VAL D 40 4.33 -29.99 -30.24
C VAL D 40 4.64 -29.20 -28.97
N SER D 41 4.61 -27.87 -29.08
CA SER D 41 4.85 -27.01 -27.93
C SER D 41 3.85 -27.26 -26.81
N GLN D 42 2.57 -27.32 -27.16
CA GLN D 42 1.51 -27.51 -26.17
C GLN D 42 1.55 -28.93 -25.58
N ARG D 43 2.07 -29.87 -26.36
CA ARG D 43 2.14 -31.25 -25.93
C ARG D 43 3.32 -31.47 -24.98
N GLN D 44 4.38 -30.70 -25.19
CA GLN D 44 5.62 -30.88 -24.42
C GLN D 44 5.94 -29.66 -23.56
N ASP D 45 5.04 -28.69 -23.53
CA ASP D 45 5.21 -27.47 -22.75
C ASP D 45 6.51 -26.76 -23.06
N LEU D 46 6.69 -26.38 -24.32
CA LEU D 46 7.95 -25.82 -24.78
C LEU D 46 7.97 -24.30 -24.75
N PHE D 47 7.02 -23.67 -25.42
CA PHE D 47 7.03 -22.22 -25.57
C PHE D 47 5.74 -21.56 -25.08
N MET D 48 5.71 -20.25 -25.13
CA MET D 48 4.58 -19.48 -24.63
C MET D 48 4.60 -18.06 -25.20
N THR D 49 3.41 -17.52 -25.48
CA THR D 49 3.29 -16.13 -25.91
C THR D 49 2.30 -15.36 -25.07
N ASP D 50 2.52 -14.07 -24.95
CA ASP D 50 1.57 -13.19 -24.27
C ASP D 50 1.48 -11.89 -25.07
N PRO D 51 0.26 -11.35 -25.21
CA PRO D 51 0.05 -10.13 -26.00
C PRO D 51 0.84 -8.93 -25.47
N LEU D 52 1.34 -9.03 -24.24
CA LEU D 52 2.12 -7.96 -23.64
C LEU D 52 3.53 -7.88 -24.23
N SER D 53 3.86 -8.82 -25.10
CA SER D 53 5.14 -8.81 -25.79
CA SER D 53 5.14 -8.81 -25.79
C SER D 53 5.06 -9.59 -27.11
N PRO D 54 4.41 -9.00 -28.12
CA PRO D 54 4.27 -9.65 -29.41
C PRO D 54 5.60 -9.70 -30.16
N GLY D 55 5.91 -10.84 -30.77
CA GLY D 55 7.13 -10.99 -31.53
C GLY D 55 8.23 -11.61 -30.70
N SER D 56 8.08 -11.55 -29.38
CA SER D 56 9.03 -12.16 -28.48
C SER D 56 8.47 -13.46 -27.90
N MET D 57 9.36 -14.44 -27.72
CA MET D 57 8.95 -15.76 -27.30
C MET D 57 9.34 -16.05 -25.85
N PHE D 58 8.50 -16.81 -25.16
CA PHE D 58 8.83 -17.33 -23.85
C PHE D 58 9.31 -18.77 -23.98
N PHE D 59 10.43 -19.08 -23.36
CA PHE D 59 10.92 -20.44 -23.32
C PHE D 59 10.60 -21.08 -21.97
N LEU D 60 9.56 -21.90 -21.93
CA LEU D 60 9.24 -22.69 -20.75
C LEU D 60 10.40 -23.63 -20.46
N PRO D 61 10.51 -24.15 -19.22
CA PRO D 61 11.59 -25.04 -18.82
C PRO D 61 12.02 -26.08 -19.85
N ASN D 62 11.05 -26.83 -20.39
CA ASN D 62 11.37 -27.85 -21.39
C ASN D 62 11.90 -27.27 -22.70
N GLY D 63 11.32 -26.14 -23.12
CA GLY D 63 11.77 -25.47 -24.33
C GLY D 63 13.16 -24.87 -24.13
N ALA D 64 13.40 -24.33 -22.95
CA ALA D 64 14.69 -23.71 -22.64
C ALA D 64 15.81 -24.75 -22.59
N LYS D 65 15.46 -25.98 -22.25
CA LYS D 65 16.44 -27.07 -22.24
C LYS D 65 16.98 -27.31 -23.64
N ILE D 66 16.08 -27.46 -24.60
CA ILE D 66 16.44 -27.67 -26.00
C ILE D 66 17.24 -26.48 -26.52
N PHE D 67 16.80 -25.29 -26.14
CA PHE D 67 17.48 -24.06 -26.49
C PHE D 67 18.93 -24.10 -26.04
N ASN D 68 19.12 -24.30 -24.74
CA ASN D 68 20.46 -24.34 -24.14
C ASN D 68 21.31 -25.49 -24.66
N LYS D 69 20.66 -26.60 -25.02
CA LYS D 69 21.38 -27.79 -25.46
C LYS D 69 21.96 -27.59 -26.85
N LEU D 70 21.25 -26.82 -27.67
CA LEU D 70 21.72 -26.52 -29.02
C LEU D 70 22.90 -25.56 -28.99
N ILE D 71 22.80 -24.54 -28.15
CA ILE D 71 23.88 -23.57 -27.99
C ILE D 71 25.13 -24.27 -27.43
N GLU D 72 24.91 -25.19 -26.50
CA GLU D 72 26.00 -25.94 -25.91
C GLU D 72 26.75 -26.74 -26.96
N PHE D 73 26.00 -27.37 -27.86
CA PHE D 73 26.58 -28.12 -28.97
C PHE D 73 27.41 -27.21 -29.87
N MET D 74 26.83 -26.08 -30.24
CA MET D 74 27.48 -25.15 -31.17
C MET D 74 28.75 -24.56 -30.58
N LYS D 75 28.70 -24.16 -29.31
CA LYS D 75 29.86 -23.59 -28.63
C LYS D 75 31.03 -24.57 -28.64
N LEU D 76 30.74 -25.84 -28.41
CA LEU D 76 31.76 -26.87 -28.42
C LEU D 76 32.43 -26.98 -29.78
N GLN D 77 31.66 -26.80 -30.85
CA GLN D 77 32.20 -26.90 -32.19
C GLN D 77 33.01 -25.66 -32.55
N GLN D 78 32.48 -24.50 -32.19
CA GLN D 78 33.12 -23.25 -32.55
C GLN D 78 34.41 -23.02 -31.77
N LYS D 79 34.45 -23.48 -30.53
CA LYS D 79 35.62 -23.28 -29.68
C LYS D 79 36.72 -24.29 -29.94
N PHE D 80 36.40 -25.58 -29.84
CA PHE D 80 37.42 -26.61 -29.86
C PHE D 80 37.67 -27.27 -31.21
N LYS D 81 36.98 -26.81 -32.25
CA LYS D 81 37.23 -27.31 -33.60
C LYS D 81 37.46 -26.25 -34.67
N PHE D 82 36.70 -25.17 -34.61
CA PHE D 82 36.79 -24.14 -35.64
C PHE D 82 37.39 -22.83 -35.15
N GLY D 83 38.05 -22.88 -33.99
CA GLY D 83 38.83 -21.77 -33.48
C GLY D 83 38.13 -20.43 -33.34
N PHE D 84 36.95 -20.43 -32.73
CA PHE D 84 36.24 -19.19 -32.45
C PHE D 84 36.46 -18.73 -31.00
N ASN D 85 36.31 -17.43 -30.77
CA ASN D 85 36.46 -16.87 -29.44
C ASN D 85 35.22 -16.07 -29.04
N GLU D 86 34.41 -16.65 -28.17
CA GLU D 86 33.15 -16.05 -27.78
C GLU D 86 33.33 -14.75 -26.99
N VAL D 87 32.56 -13.74 -27.35
CA VAL D 87 32.55 -12.47 -26.64
C VAL D 87 31.13 -12.13 -26.22
N VAL D 88 31.01 -11.22 -25.27
CA VAL D 88 29.71 -10.71 -24.84
C VAL D 88 29.67 -9.20 -25.03
N THR D 89 28.85 -8.75 -25.96
CA THR D 89 28.76 -7.34 -26.32
C THR D 89 27.45 -6.73 -25.82
N PRO D 90 27.43 -5.40 -25.61
CA PRO D 90 26.22 -4.70 -25.18
C PRO D 90 25.05 -4.88 -26.14
N LEU D 91 23.86 -4.49 -25.71
CA LEU D 91 22.68 -4.59 -26.56
C LEU D 91 22.33 -3.25 -27.18
N ILE D 92 22.59 -2.17 -26.46
CA ILE D 92 22.34 -0.83 -26.96
C ILE D 92 23.62 -0.07 -27.28
N TYR D 93 23.57 0.71 -28.35
CA TYR D 93 24.70 1.55 -28.74
C TYR D 93 24.17 2.93 -29.12
N LYS D 94 25.06 3.91 -29.15
CA LYS D 94 24.69 5.25 -29.56
C LYS D 94 24.41 5.31 -31.06
N LYS D 95 23.60 6.28 -31.46
CA LYS D 95 23.23 6.45 -32.87
C LYS D 95 24.46 6.69 -33.74
N THR D 96 25.48 7.30 -33.14
CA THR D 96 26.72 7.62 -33.84
C THR D 96 27.36 6.37 -34.44
N LEU D 97 27.23 5.26 -33.71
CA LEU D 97 27.77 3.99 -34.17
C LEU D 97 26.97 3.40 -35.32
N TRP D 98 25.64 3.54 -35.24
CA TRP D 98 24.75 2.97 -36.24
C TRP D 98 24.81 3.74 -37.55
N GLU D 99 25.33 4.96 -37.50
CA GLU D 99 25.53 5.75 -38.70
C GLU D 99 26.87 5.36 -39.34
N LYS D 100 27.85 5.05 -38.49
CA LYS D 100 29.17 4.65 -38.95
C LYS D 100 29.08 3.34 -39.73
N SER D 101 28.20 2.45 -39.26
CA SER D 101 27.99 1.17 -39.93
C SER D 101 26.93 1.30 -41.01
N GLY D 102 26.05 2.28 -40.85
CA GLY D 102 25.03 2.56 -41.84
C GLY D 102 23.72 1.81 -41.61
N HIS D 103 23.60 1.17 -40.47
CA HIS D 103 22.37 0.48 -40.11
C HIS D 103 21.26 1.47 -39.83
N TRP D 104 21.65 2.67 -39.40
CA TRP D 104 20.69 3.71 -39.04
C TRP D 104 19.85 4.17 -40.23
N GLU D 105 20.42 4.07 -41.42
CA GLU D 105 19.73 4.47 -42.64
C GLU D 105 19.27 3.25 -43.45
N ASN D 106 20.15 2.27 -43.58
CA ASN D 106 19.83 1.07 -44.34
C ASN D 106 18.83 0.17 -43.60
N TYR D 107 19.23 -0.30 -42.42
CA TYR D 107 18.36 -1.14 -41.60
C TYR D 107 17.44 -0.27 -40.75
N ALA D 108 16.91 0.78 -41.37
CA ALA D 108 16.10 1.76 -40.66
C ALA D 108 14.77 1.19 -40.19
N ASP D 109 14.25 0.23 -40.94
CA ASP D 109 12.94 -0.34 -40.65
C ASP D 109 12.97 -1.31 -39.46
N ASP D 110 13.93 -2.23 -39.46
CA ASP D 110 13.99 -3.28 -38.45
C ASP D 110 14.60 -2.84 -37.11
N MET D 111 14.92 -1.55 -36.99
CA MET D 111 15.62 -1.08 -35.80
C MET D 111 14.71 -0.46 -34.73
N PHE D 112 14.89 -0.90 -33.49
CA PHE D 112 14.25 -0.27 -32.34
C PHE D 112 15.13 0.85 -31.82
N LYS D 113 14.53 1.96 -31.41
CA LYS D 113 15.27 3.07 -30.84
C LYS D 113 15.05 3.14 -29.33
N VAL D 114 16.07 3.55 -28.60
CA VAL D 114 15.99 3.63 -27.15
C VAL D 114 16.05 5.07 -26.66
N GLU D 115 15.00 5.49 -25.96
CA GLU D 115 14.93 6.85 -25.44
C GLU D 115 15.33 6.89 -23.97
N THR D 116 16.00 7.96 -23.58
CA THR D 116 16.47 8.11 -22.20
C THR D 116 15.30 8.29 -21.23
N LYS D 121 21.00 13.28 -23.58
CA LYS D 121 19.83 12.63 -24.15
C LYS D 121 20.07 12.29 -25.63
N GLU D 122 21.09 11.50 -25.90
CA GLU D 122 21.33 11.01 -27.25
C GLU D 122 20.54 9.72 -27.47
N GLU D 123 19.92 9.61 -28.64
CA GLU D 123 19.16 8.41 -28.97
C GLU D 123 20.07 7.19 -29.05
N TYR D 124 19.54 6.05 -28.62
CA TYR D 124 20.24 4.77 -28.73
C TYR D 124 19.51 3.84 -29.67
N GLY D 125 20.21 2.80 -30.12
CA GLY D 125 19.62 1.81 -30.99
C GLY D 125 19.78 0.41 -30.43
N LEU D 126 18.69 -0.34 -30.38
CA LEU D 126 18.74 -1.72 -29.93
C LEU D 126 19.24 -2.58 -31.08
N LYS D 127 20.38 -3.24 -30.86
CA LYS D 127 21.11 -3.90 -31.94
C LYS D 127 20.32 -4.99 -32.68
N PRO D 128 20.22 -4.86 -34.01
CA PRO D 128 19.60 -5.86 -34.88
C PRO D 128 20.61 -6.94 -35.25
N MET D 129 21.89 -6.63 -35.05
CA MET D 129 22.96 -7.58 -35.31
C MET D 129 24.21 -7.21 -34.50
N ASN D 130 25.11 -8.16 -34.35
CA ASN D 130 26.29 -7.99 -33.51
C ASN D 130 27.47 -7.36 -34.25
N CYS D 131 27.30 -7.21 -35.56
CA CYS D 131 28.38 -6.82 -36.46
C CYS D 131 29.23 -5.60 -36.02
N PRO D 132 28.60 -4.43 -35.82
CA PRO D 132 29.46 -3.27 -35.53
C PRO D 132 30.09 -3.34 -34.15
N GLY D 133 29.55 -4.18 -33.27
CA GLY D 133 30.08 -4.33 -31.93
C GLY D 133 31.42 -5.03 -31.92
N HIS D 134 31.58 -6.00 -32.82
CA HIS D 134 32.82 -6.75 -32.93
C HIS D 134 33.90 -5.93 -33.63
N CYS D 135 33.46 -5.03 -34.50
CA CYS D 135 34.38 -4.11 -35.17
C CYS D 135 35.10 -3.25 -34.13
N LEU D 136 34.36 -2.83 -33.11
CA LEU D 136 34.91 -2.04 -32.02
C LEU D 136 35.97 -2.81 -31.24
N ILE D 137 35.75 -4.12 -31.10
CA ILE D 137 36.69 -4.97 -30.38
C ILE D 137 37.99 -5.09 -31.16
N PHE D 138 37.88 -5.33 -32.45
CA PHE D 138 39.03 -5.48 -33.33
C PHE D 138 39.91 -4.25 -33.28
N GLY D 139 39.29 -3.08 -33.36
CA GLY D 139 40.02 -1.83 -33.39
C GLY D 139 40.04 -1.11 -32.06
N LYS D 140 40.37 -1.83 -30.98
CA LYS D 140 40.51 -1.21 -29.67
C LYS D 140 41.97 -1.31 -29.25
N LYS D 141 42.59 -2.44 -29.59
CA LYS D 141 44.02 -2.60 -29.45
C LYS D 141 44.61 -2.85 -30.84
N ASP D 142 45.90 -2.56 -31.00
CA ASP D 142 46.57 -2.76 -32.28
C ASP D 142 46.56 -4.23 -32.70
N ARG D 143 46.41 -4.46 -34.00
CA ARG D 143 46.33 -5.81 -34.53
C ARG D 143 47.48 -6.10 -35.48
N SER D 144 47.98 -7.33 -35.45
CA SER D 144 49.02 -7.75 -36.38
C SER D 144 48.52 -8.90 -37.24
N TYR D 145 49.21 -9.15 -38.34
CA TYR D 145 48.80 -10.15 -39.32
C TYR D 145 48.76 -11.57 -38.74
N ASN D 146 49.49 -11.80 -37.65
CA ASN D 146 49.58 -13.13 -37.06
C ASN D 146 48.45 -13.46 -36.08
N GLU D 147 47.62 -12.46 -35.79
CA GLU D 147 46.43 -12.69 -35.00
C GLU D 147 45.35 -13.25 -35.92
N LEU D 148 45.50 -12.98 -37.20
CA LEU D 148 44.51 -13.36 -38.21
C LEU D 148 44.70 -14.81 -38.66
N PRO D 149 43.60 -15.51 -38.97
CA PRO D 149 42.21 -15.04 -38.91
C PRO D 149 41.70 -14.89 -37.48
N LEU D 150 41.13 -13.73 -37.19
CA LEU D 150 40.60 -13.46 -35.85
C LEU D 150 39.10 -13.69 -35.84
N ARG D 151 38.66 -14.71 -35.11
CA ARG D 151 37.27 -15.12 -35.10
C ARG D 151 36.58 -14.82 -33.76
N PHE D 152 35.46 -14.11 -33.83
CA PHE D 152 34.68 -13.78 -32.66
C PHE D 152 33.26 -14.33 -32.81
N SER D 153 32.81 -15.09 -31.83
CA SER D 153 31.43 -15.56 -31.82
C SER D 153 30.60 -14.83 -30.77
N ASP D 154 29.29 -14.80 -30.97
CA ASP D 154 28.41 -14.06 -30.07
C ASP D 154 27.01 -14.66 -30.11
N PHE D 155 26.42 -14.85 -28.93
CA PHE D 155 25.09 -15.44 -28.81
C PHE D 155 24.11 -14.47 -28.17
N SER D 156 24.39 -13.18 -28.32
CA SER D 156 23.54 -12.13 -27.77
C SER D 156 22.17 -12.10 -28.44
N PRO D 157 21.13 -11.74 -27.68
CA PRO D 157 19.80 -11.59 -28.26
C PRO D 157 19.76 -10.38 -29.18
N LEU D 158 19.16 -10.55 -30.36
CA LEU D 158 19.03 -9.47 -31.32
C LEU D 158 17.57 -9.05 -31.44
N HIS D 159 17.35 -7.77 -31.73
CA HIS D 159 16.00 -7.26 -31.87
C HIS D 159 15.74 -6.60 -33.22
N ARG D 160 14.76 -7.13 -33.94
CA ARG D 160 14.36 -6.57 -35.22
C ARG D 160 12.86 -6.32 -35.28
N ASN D 161 12.48 -5.06 -35.44
CA ASN D 161 11.07 -4.71 -35.56
C ASN D 161 10.47 -5.25 -36.84
N GLU D 162 10.12 -6.53 -36.83
CA GLU D 162 9.52 -7.17 -37.99
C GLU D 162 8.11 -6.64 -38.18
N ALA D 163 7.60 -6.76 -39.41
CA ALA D 163 6.23 -6.40 -39.69
C ALA D 163 5.29 -7.33 -38.93
N SER D 164 4.30 -6.74 -38.25
CA SER D 164 3.38 -7.48 -37.40
C SER D 164 2.70 -8.64 -38.12
N GLY D 165 2.48 -8.47 -39.42
CA GLY D 165 1.84 -9.50 -40.22
C GLY D 165 2.80 -10.56 -40.71
N ALA D 166 4.09 -10.35 -40.46
CA ALA D 166 5.13 -11.28 -40.91
C ALA D 166 5.56 -12.22 -39.79
N LEU D 167 5.21 -11.87 -38.55
CA LEU D 167 5.60 -12.65 -37.39
C LEU D 167 4.98 -14.05 -37.41
N SER D 168 5.84 -15.05 -37.51
CA SER D 168 5.37 -16.43 -37.60
C SER D 168 6.14 -17.37 -36.69
N GLY D 169 5.54 -17.72 -35.55
CA GLY D 169 6.09 -18.70 -34.64
C GLY D 169 7.50 -18.40 -34.18
N LEU D 170 8.39 -19.38 -34.37
CA LEU D 170 9.80 -19.22 -34.04
C LEU D 170 10.61 -18.83 -35.27
N THR D 171 9.98 -18.90 -36.43
CA THR D 171 10.66 -18.61 -37.69
C THR D 171 10.89 -17.13 -37.91
N ARG D 172 9.90 -16.32 -37.56
CA ARG D 172 10.04 -14.87 -37.70
C ARG D 172 9.65 -14.17 -36.40
N LEU D 173 10.65 -13.72 -35.67
CA LEU D 173 10.45 -13.09 -34.37
C LEU D 173 11.03 -11.69 -34.33
N ARG D 174 10.73 -10.97 -33.25
CA ARG D 174 11.31 -9.65 -33.02
C ARG D 174 12.51 -9.76 -32.09
N LYS D 175 12.60 -10.89 -31.39
CA LYS D 175 13.77 -11.19 -30.59
C LYS D 175 14.27 -12.61 -30.88
N PHE D 176 15.57 -12.73 -31.08
CA PHE D 176 16.17 -14.02 -31.38
C PHE D 176 17.67 -14.01 -31.12
N HIS D 177 18.24 -15.20 -30.97
CA HIS D 177 19.67 -15.34 -30.73
C HIS D 177 20.33 -16.02 -31.91
N GLN D 178 21.31 -15.36 -32.52
CA GLN D 178 22.08 -15.98 -33.58
C GLN D 178 23.27 -16.71 -32.98
N ASP D 179 23.67 -17.81 -33.59
CA ASP D 179 24.95 -18.43 -33.29
C ASP D 179 25.99 -17.66 -34.09
N ASP D 180 26.02 -16.36 -33.86
CA ASP D 180 26.72 -15.41 -34.70
C ASP D 180 28.23 -15.55 -34.61
N GLY D 181 28.92 -15.07 -35.64
CA GLY D 181 30.36 -15.14 -35.70
C GLY D 181 30.92 -14.23 -36.78
N HIS D 182 32.00 -13.53 -36.46
CA HIS D 182 32.67 -12.66 -37.41
C HIS D 182 34.14 -13.02 -37.55
N ILE D 183 34.62 -13.03 -38.79
CA ILE D 183 36.01 -13.39 -39.05
C ILE D 183 36.74 -12.27 -39.78
N PHE D 184 37.85 -11.82 -39.19
CA PHE D 184 38.71 -10.82 -39.81
C PHE D 184 39.92 -11.53 -40.39
N CYS D 185 40.03 -11.53 -41.71
CA CYS D 185 41.10 -12.28 -42.36
C CYS D 185 41.79 -11.46 -43.47
N THR D 186 42.85 -12.02 -44.01
CA THR D 186 43.53 -11.45 -45.16
C THR D 186 42.92 -12.06 -46.41
N PRO D 187 42.99 -11.34 -47.55
CA PRO D 187 42.41 -11.80 -48.82
C PRO D 187 42.77 -13.24 -49.19
N SER D 188 43.93 -13.72 -48.77
CA SER D 188 44.35 -15.08 -49.10
C SER D 188 43.66 -16.12 -48.21
N GLN D 189 43.09 -15.67 -47.09
CA GLN D 189 42.50 -16.57 -46.11
C GLN D 189 41.02 -16.80 -46.34
N VAL D 190 40.40 -15.90 -47.08
CA VAL D 190 38.95 -15.91 -47.30
C VAL D 190 38.41 -17.27 -47.76
N LYS D 191 39.07 -17.86 -48.74
CA LYS D 191 38.63 -19.13 -49.30
C LYS D 191 38.54 -20.24 -48.25
N SER D 192 39.67 -20.54 -47.61
CA SER D 192 39.71 -21.60 -46.61
C SER D 192 38.84 -21.28 -45.41
N GLU D 193 38.62 -20.00 -45.16
CA GLU D 193 37.81 -19.56 -44.03
C GLU D 193 36.33 -19.79 -44.30
N ILE D 194 35.92 -19.64 -45.56
CA ILE D 194 34.55 -19.93 -45.97
C ILE D 194 34.36 -21.44 -46.11
N PHE D 195 35.38 -22.12 -46.60
CA PHE D 195 35.35 -23.58 -46.71
C PHE D 195 35.20 -24.22 -45.34
N ASN D 196 35.80 -23.60 -44.33
CA ASN D 196 35.68 -24.08 -42.96
C ASN D 196 34.29 -23.83 -42.40
N SER D 197 33.71 -22.69 -42.77
CA SER D 197 32.36 -22.37 -42.38
C SER D 197 31.38 -23.36 -42.97
N LEU D 198 31.63 -23.76 -44.22
CA LEU D 198 30.81 -24.76 -44.88
C LEU D 198 30.97 -26.12 -44.21
N LYS D 199 32.17 -26.37 -43.70
CA LYS D 199 32.47 -27.64 -43.05
C LYS D 199 31.62 -27.80 -41.79
N LEU D 200 31.42 -26.69 -41.08
CA LEU D 200 30.57 -26.69 -39.90
C LEU D 200 29.11 -26.88 -40.32
N ILE D 201 28.73 -26.21 -41.40
CA ILE D 201 27.38 -26.35 -41.96
C ILE D 201 27.14 -27.79 -42.40
N ASP D 202 28.13 -28.37 -43.07
CA ASP D 202 28.04 -29.74 -43.54
C ASP D 202 27.88 -30.75 -42.40
N ILE D 203 28.22 -30.31 -41.18
CA ILE D 203 28.06 -31.16 -40.02
C ILE D 203 26.66 -31.02 -39.44
N VAL D 204 26.22 -29.78 -39.27
CA VAL D 204 24.91 -29.49 -38.72
C VAL D 204 23.78 -30.03 -39.58
N TYR D 205 23.85 -29.77 -40.88
CA TYR D 205 22.73 -30.08 -41.77
C TYR D 205 22.84 -31.44 -42.49
N ASN D 206 24.05 -31.97 -42.59
CA ASN D 206 24.24 -33.26 -43.26
C ASN D 206 24.55 -34.42 -42.33
N LYS D 207 25.03 -34.12 -41.12
CA LYS D 207 25.41 -35.18 -40.20
C LYS D 207 24.60 -35.23 -38.89
N ILE D 208 24.49 -34.10 -38.21
CA ILE D 208 23.87 -34.09 -36.89
C ILE D 208 22.36 -33.86 -36.92
N PHE D 209 21.91 -32.89 -37.71
CA PHE D 209 20.48 -32.58 -37.82
C PHE D 209 19.95 -32.72 -39.25
N PRO D 210 19.95 -33.93 -39.81
CA PRO D 210 19.45 -34.07 -41.17
C PRO D 210 17.96 -34.43 -41.18
N SER D 220 21.44 -33.34 -51.38
CA SER D 220 21.79 -32.62 -50.15
C SER D 220 20.55 -32.28 -49.32
N ASN D 221 20.78 -31.68 -48.17
CA ASN D 221 19.68 -31.26 -47.31
C ASN D 221 19.47 -29.76 -47.40
N TYR D 222 20.30 -29.12 -48.23
CA TYR D 222 20.23 -27.68 -48.40
C TYR D 222 20.81 -27.26 -49.75
N PHE D 223 20.48 -26.05 -50.17
CA PHE D 223 21.11 -25.44 -51.32
C PHE D 223 21.44 -24.00 -50.98
N ILE D 224 22.48 -23.46 -51.61
CA ILE D 224 22.95 -22.12 -51.30
C ILE D 224 22.28 -21.08 -52.18
N ASN D 225 21.94 -19.95 -51.59
CA ASN D 225 21.32 -18.85 -52.31
C ASN D 225 22.31 -17.71 -52.51
N PHE D 226 23.05 -17.76 -53.62
CA PHE D 226 24.00 -16.71 -53.95
C PHE D 226 23.21 -15.42 -54.08
N SER D 227 23.33 -14.56 -53.07
CA SER D 227 22.54 -13.33 -53.01
C SER D 227 23.43 -12.14 -53.34
N THR D 228 23.05 -11.40 -54.37
CA THR D 228 23.88 -10.31 -54.88
C THR D 228 23.44 -8.92 -54.40
N ARG D 229 24.04 -7.90 -55.01
CA ARG D 229 23.88 -6.51 -54.58
C ARG D 229 22.44 -6.02 -54.63
N PRO D 230 21.93 -5.51 -53.51
CA PRO D 230 20.57 -4.98 -53.38
C PRO D 230 20.44 -3.59 -53.97
N ASP D 231 19.22 -3.03 -53.89
CA ASP D 231 18.97 -1.68 -54.37
C ASP D 231 19.60 -0.62 -53.48
N HIS D 232 19.97 -1.02 -52.27
CA HIS D 232 20.59 -0.11 -51.31
C HIS D 232 21.86 -0.72 -50.74
N PHE D 233 23.00 -0.21 -51.18
CA PHE D 233 24.29 -0.77 -50.79
C PHE D 233 25.29 0.33 -50.46
N ILE D 234 26.18 0.05 -49.51
CA ILE D 234 27.23 0.99 -49.17
C ILE D 234 28.52 0.62 -49.89
N GLY D 235 29.37 1.62 -50.08
CA GLY D 235 30.66 1.39 -50.71
C GLY D 235 30.65 1.59 -52.22
N ASP D 236 31.79 1.30 -52.83
CA ASP D 236 31.97 1.52 -54.26
C ASP D 236 31.71 0.24 -55.06
N LEU D 237 31.23 0.41 -56.29
CA LEU D 237 30.80 -0.71 -57.12
C LEU D 237 31.94 -1.61 -57.60
N LYS D 238 33.15 -1.06 -57.72
CA LYS D 238 34.30 -1.86 -58.12
C LYS D 238 34.65 -2.85 -57.02
N VAL D 239 34.40 -2.47 -55.77
CA VAL D 239 34.61 -3.34 -54.64
C VAL D 239 33.52 -4.41 -54.58
N TRP D 240 32.28 -3.97 -54.80
CA TRP D 240 31.12 -4.86 -54.75
C TRP D 240 31.19 -5.97 -55.79
N ASN D 241 31.58 -5.63 -57.01
CA ASN D 241 31.70 -6.62 -58.08
C ASN D 241 32.88 -7.55 -57.83
N HIS D 242 33.90 -7.03 -57.15
CA HIS D 242 35.07 -7.80 -56.79
C HIS D 242 34.72 -8.87 -55.75
N ALA D 243 33.82 -8.52 -54.85
CA ALA D 243 33.40 -9.43 -53.80
C ALA D 243 32.59 -10.59 -54.37
N GLU D 244 31.63 -10.26 -55.23
CA GLU D 244 30.70 -11.25 -55.77
C GLU D 244 31.38 -12.32 -56.62
N GLN D 245 32.54 -11.99 -57.19
CA GLN D 245 33.27 -12.95 -58.02
C GLN D 245 34.18 -13.86 -57.18
N VAL D 246 34.74 -13.30 -56.11
CA VAL D 246 35.54 -14.09 -55.18
C VAL D 246 34.66 -15.16 -54.55
N LEU D 247 33.48 -14.74 -54.12
CA LEU D 247 32.52 -15.62 -53.49
C LEU D 247 32.03 -16.68 -54.48
N LYS D 248 31.70 -16.22 -55.69
CA LYS D 248 31.20 -17.11 -56.73
C LYS D 248 32.21 -18.18 -57.11
N GLU D 249 33.49 -17.78 -57.15
CA GLU D 249 34.56 -18.72 -57.42
C GLU D 249 34.63 -19.78 -56.32
N ILE D 250 34.61 -19.31 -55.08
CA ILE D 250 34.58 -20.18 -53.92
C ILE D 250 33.31 -21.05 -53.93
N LEU D 251 32.23 -20.46 -54.42
CA LEU D 251 30.95 -21.14 -54.48
C LEU D 251 30.93 -22.24 -55.54
N GLU D 252 31.60 -22.00 -56.66
CA GLU D 252 31.67 -23.00 -57.71
C GLU D 252 32.74 -24.05 -57.41
N GLU D 253 33.75 -23.65 -56.67
CA GLU D 253 34.82 -24.56 -56.27
C GLU D 253 34.33 -25.51 -55.18
N SER D 254 33.21 -25.14 -54.56
CA SER D 254 32.63 -25.92 -53.48
C SER D 254 32.01 -27.22 -53.97
N GLY D 255 31.43 -27.18 -55.16
CA GLY D 255 30.76 -28.35 -55.70
C GLY D 255 29.45 -28.60 -54.98
N LYS D 256 28.73 -27.52 -54.69
CA LYS D 256 27.47 -27.60 -53.96
C LYS D 256 26.36 -26.88 -54.72
N PRO D 257 25.15 -27.45 -54.70
CA PRO D 257 23.99 -26.93 -55.42
C PRO D 257 23.60 -25.52 -54.99
N TRP D 258 23.47 -24.62 -55.97
CA TRP D 258 23.09 -23.24 -55.67
C TRP D 258 22.23 -22.61 -56.75
N LYS D 259 21.62 -21.48 -56.41
CA LYS D 259 20.81 -20.71 -57.36
C LYS D 259 21.05 -19.24 -57.11
N LEU D 260 20.78 -18.42 -58.12
CA LEU D 260 21.00 -16.98 -58.01
C LEU D 260 19.80 -16.36 -57.30
N ASN D 261 20.05 -15.29 -56.56
CA ASN D 261 19.01 -14.60 -55.81
C ASN D 261 19.35 -13.12 -55.76
N PRO D 262 19.02 -12.39 -56.84
CA PRO D 262 19.44 -10.99 -57.06
C PRO D 262 18.86 -10.01 -56.04
N GLY D 263 19.69 -9.05 -55.64
CA GLY D 263 19.24 -7.95 -54.80
C GLY D 263 18.99 -8.30 -53.35
N ASP D 264 19.43 -9.48 -52.94
CA ASP D 264 19.16 -9.96 -51.59
C ASP D 264 20.39 -10.07 -50.70
N GLY D 265 21.56 -9.76 -51.25
CA GLY D 265 22.76 -9.67 -50.43
C GLY D 265 22.61 -8.50 -49.48
N ALA D 266 23.28 -8.57 -48.33
CA ALA D 266 23.19 -7.50 -47.36
C ALA D 266 23.76 -6.21 -47.93
N PHE D 267 23.42 -5.07 -47.33
CA PHE D 267 23.85 -3.79 -47.83
C PHE D 267 25.37 -3.61 -47.73
N TYR D 268 26.01 -4.43 -46.90
CA TYR D 268 27.45 -4.36 -46.71
C TYR D 268 28.23 -5.37 -47.55
N GLY D 269 27.52 -6.35 -48.10
CA GLY D 269 28.19 -7.36 -48.92
C GLY D 269 27.25 -8.45 -49.42
N PRO D 270 27.71 -9.22 -50.41
CA PRO D 270 26.95 -10.35 -50.95
C PRO D 270 26.85 -11.46 -49.91
N LYS D 271 25.88 -12.35 -50.06
CA LYS D 271 25.66 -13.39 -49.07
C LYS D 271 25.61 -14.79 -49.67
N LEU D 272 25.95 -15.78 -48.85
CA LEU D 272 25.75 -17.17 -49.21
C LEU D 272 24.70 -17.76 -48.28
N ASP D 273 23.43 -17.59 -48.64
CA ASP D 273 22.32 -18.03 -47.80
C ASP D 273 22.00 -19.51 -47.99
N ILE D 274 22.02 -20.26 -46.89
CA ILE D 274 21.68 -21.66 -46.91
C ILE D 274 20.18 -21.85 -46.73
N MET D 275 19.56 -22.55 -47.66
CA MET D 275 18.11 -22.72 -47.65
C MET D 275 17.69 -24.18 -47.48
N VAL D 276 16.82 -24.42 -46.51
CA VAL D 276 16.24 -25.75 -46.30
C VAL D 276 14.74 -25.71 -46.56
N THR D 277 14.15 -26.86 -46.81
CA THR D 277 12.74 -26.92 -47.19
C THR D 277 11.85 -27.44 -46.05
N ASP D 278 10.57 -27.11 -46.12
CA ASP D 278 9.59 -27.53 -45.13
C ASP D 278 9.17 -28.98 -45.35
N HIS D 279 8.04 -29.34 -44.75
CA HIS D 279 7.33 -30.55 -45.12
C HIS D 279 6.22 -30.12 -46.06
N LEU D 280 5.88 -28.84 -45.99
CA LEU D 280 4.97 -28.22 -46.94
C LEU D 280 5.76 -27.60 -48.10
N ARG D 281 6.98 -28.10 -48.28
CA ARG D 281 7.79 -27.79 -49.46
C ARG D 281 8.18 -26.33 -49.64
N LYS D 282 8.05 -25.54 -48.57
CA LYS D 282 8.50 -24.15 -48.62
C LYS D 282 9.86 -23.93 -47.95
N THR D 283 10.69 -23.07 -48.55
CA THR D 283 12.05 -22.89 -48.08
C THR D 283 12.30 -21.75 -47.09
N HIS D 284 13.29 -21.93 -46.23
CA HIS D 284 13.66 -20.93 -45.23
C HIS D 284 15.17 -20.73 -45.20
N GLN D 285 15.59 -19.50 -44.90
CA GLN D 285 17.01 -19.20 -44.77
C GLN D 285 17.51 -19.48 -43.36
N VAL D 286 18.44 -20.42 -43.25
CA VAL D 286 19.06 -20.72 -41.97
C VAL D 286 20.48 -20.17 -41.91
N ALA D 287 21.46 -21.02 -42.21
CA ALA D 287 22.86 -20.60 -42.18
C ALA D 287 23.13 -19.50 -43.20
N THR D 288 24.06 -18.63 -42.86
CA THR D 288 24.43 -17.53 -43.74
C THR D 288 25.94 -17.31 -43.75
N ILE D 289 26.47 -17.01 -44.92
CA ILE D 289 27.88 -16.62 -45.06
C ILE D 289 27.95 -15.34 -45.87
N GLN D 290 28.43 -14.28 -45.24
CA GLN D 290 28.40 -12.95 -45.86
C GLN D 290 29.78 -12.33 -45.96
N LEU D 291 30.22 -12.09 -47.19
CA LEU D 291 31.52 -11.51 -47.44
C LEU D 291 31.43 -9.98 -47.45
N ASP D 292 32.13 -9.36 -46.51
CA ASP D 292 32.05 -7.92 -46.34
C ASP D 292 33.38 -7.21 -46.51
N PHE D 293 33.39 -6.18 -47.35
CA PHE D 293 34.55 -5.32 -47.54
C PHE D 293 34.24 -3.91 -47.05
N GLN D 294 32.99 -3.69 -46.63
CA GLN D 294 32.51 -2.34 -46.38
C GLN D 294 32.71 -1.86 -44.94
N LEU D 295 32.14 -2.58 -43.99
CA LEU D 295 32.28 -2.24 -42.56
C LEU D 295 33.73 -2.09 -42.08
N PRO D 296 34.66 -2.93 -42.57
CA PRO D 296 36.06 -2.68 -42.23
C PRO D 296 36.54 -1.29 -42.68
N GLU D 297 36.06 -0.82 -43.82
CA GLU D 297 36.42 0.51 -44.30
C GLU D 297 35.70 1.58 -43.49
N ARG D 298 34.45 1.31 -43.14
CA ARG D 298 33.63 2.27 -42.42
C ARG D 298 34.12 2.52 -41.00
N PHE D 299 34.91 1.59 -40.49
CA PHE D 299 35.47 1.70 -39.15
C PHE D 299 36.96 1.95 -39.18
N ASP D 300 37.50 2.14 -40.38
CA ASP D 300 38.93 2.36 -40.58
C ASP D 300 39.76 1.27 -39.92
N LEU D 301 39.31 0.02 -40.05
CA LEU D 301 40.00 -1.11 -39.45
C LEU D 301 41.27 -1.46 -40.20
N LYS D 302 42.30 -1.84 -39.47
CA LYS D 302 43.60 -2.08 -40.06
C LYS D 302 44.47 -2.95 -39.16
N PHE D 303 45.42 -3.64 -39.78
CA PHE D 303 46.36 -4.49 -39.05
C PHE D 303 47.76 -4.39 -39.67
N LYS D 304 48.77 -4.68 -38.88
CA LYS D 304 50.14 -4.68 -39.39
C LYS D 304 50.43 -5.97 -40.15
N ASP D 305 50.82 -5.82 -41.41
CA ASP D 305 51.17 -6.96 -42.24
C ASP D 305 52.62 -7.38 -41.98
N GLN D 306 53.10 -8.39 -42.70
CA GLN D 306 54.44 -8.90 -42.53
C GLN D 306 55.50 -7.83 -42.83
N ASP D 307 55.27 -7.05 -43.89
CA ASP D 307 56.21 -6.02 -44.30
C ASP D 307 55.89 -4.66 -43.70
N ASN D 308 55.42 -4.67 -42.45
CA ASN D 308 55.13 -3.45 -41.69
C ASN D 308 54.18 -2.46 -42.37
N SER D 309 53.45 -2.94 -43.39
CA SER D 309 52.46 -2.13 -44.08
C SER D 309 51.08 -2.39 -43.50
N TYR D 310 50.22 -1.37 -43.52
CA TYR D 310 48.88 -1.50 -42.97
C TYR D 310 47.84 -1.75 -44.06
N LYS D 311 47.05 -2.80 -43.88
CA LYS D 311 46.00 -3.15 -44.81
C LYS D 311 44.70 -3.39 -44.05
N ARG D 312 43.57 -3.21 -44.71
CA ARG D 312 42.28 -3.48 -44.09
C ARG D 312 42.03 -4.97 -44.03
N PRO D 313 41.37 -5.44 -42.96
CA PRO D 313 41.00 -6.84 -42.88
C PRO D 313 39.67 -7.09 -43.58
N ILE D 314 39.45 -8.32 -44.02
CA ILE D 314 38.19 -8.68 -44.65
C ILE D 314 37.27 -9.29 -43.60
N MET D 315 36.05 -8.79 -43.54
CA MET D 315 35.10 -9.26 -42.54
C MET D 315 34.12 -10.27 -43.12
N ILE D 316 34.03 -11.43 -42.49
CA ILE D 316 33.14 -12.49 -42.93
C ILE D 316 32.04 -12.74 -41.91
N HIS D 317 30.82 -12.34 -42.24
CA HIS D 317 29.68 -12.55 -41.38
C HIS D 317 29.17 -13.97 -41.55
N ARG D 318 28.91 -14.68 -40.45
CA ARG D 318 28.42 -16.04 -40.56
C ARG D 318 27.66 -16.54 -39.33
N ALA D 319 26.75 -17.47 -39.59
CA ALA D 319 25.98 -18.13 -38.54
C ALA D 319 25.48 -19.45 -39.11
N THR D 320 25.57 -20.53 -38.33
CA THR D 320 25.24 -21.86 -38.84
C THR D 320 23.77 -22.23 -38.64
N PHE D 321 23.24 -21.96 -37.45
CA PHE D 321 21.82 -22.18 -37.19
C PHE D 321 21.04 -21.07 -37.85
N GLY D 322 21.71 -19.93 -38.04
CA GLY D 322 21.03 -18.71 -38.41
C GLY D 322 20.37 -17.98 -37.26
N SER D 323 19.50 -18.70 -36.55
CA SER D 323 18.97 -18.24 -35.28
C SER D 323 18.59 -19.54 -34.61
N ILE D 324 18.68 -19.59 -33.28
CA ILE D 324 18.39 -20.82 -32.55
C ILE D 324 16.91 -21.15 -32.68
N GLU D 325 16.08 -20.10 -32.65
CA GLU D 325 14.63 -20.27 -32.67
C GLU D 325 14.14 -20.83 -34.01
N ARG D 326 14.54 -20.17 -35.10
CA ARG D 326 14.13 -20.60 -36.43
C ARG D 326 14.62 -22.00 -36.72
N PHE D 327 15.77 -22.35 -36.16
CA PHE D 327 16.34 -23.68 -36.31
C PHE D 327 15.52 -24.71 -35.54
N MET D 328 15.07 -24.33 -34.35
CA MET D 328 14.21 -25.19 -33.53
C MET D 328 12.88 -25.41 -34.23
N ALA D 329 12.34 -24.33 -34.79
CA ALA D 329 11.06 -24.39 -35.50
C ALA D 329 11.11 -25.40 -36.65
N LEU D 330 12.27 -25.51 -37.29
CA LEU D 330 12.43 -26.42 -38.42
C LEU D 330 12.71 -27.84 -37.95
N LEU D 331 13.36 -27.98 -36.80
CA LEU D 331 13.59 -29.29 -36.21
C LEU D 331 12.25 -29.92 -35.84
N ILE D 332 11.41 -29.14 -35.17
CA ILE D 332 10.09 -29.58 -34.75
C ILE D 332 9.25 -29.91 -35.98
N ASP D 333 9.38 -29.06 -37.00
CA ASP D 333 8.64 -29.22 -38.24
C ASP D 333 8.99 -30.54 -38.92
N SER D 334 10.15 -31.09 -38.58
CA SER D 334 10.63 -32.30 -39.23
C SER D 334 10.41 -33.56 -38.39
N ASN D 335 10.64 -33.46 -37.09
CA ASN D 335 10.52 -34.63 -36.21
C ASN D 335 9.18 -34.77 -35.52
N GLU D 336 8.40 -33.69 -35.54
CA GLU D 336 7.04 -33.68 -34.98
C GLU D 336 7.02 -34.08 -33.51
N GLY D 337 8.05 -33.65 -32.77
CA GLY D 337 8.11 -33.93 -31.35
C GLY D 337 8.95 -35.14 -31.01
N ARG D 338 9.21 -35.98 -32.01
CA ARG D 338 10.01 -37.18 -31.80
C ARG D 338 11.49 -36.84 -31.77
N TRP D 339 11.92 -36.18 -30.70
CA TRP D 339 13.30 -35.73 -30.54
C TRP D 339 14.26 -36.90 -30.44
N PRO D 340 15.52 -36.68 -30.83
CA PRO D 340 16.58 -37.65 -30.55
C PRO D 340 16.88 -37.62 -29.06
N PHE D 341 17.58 -38.63 -28.56
CA PHE D 341 17.79 -38.75 -27.12
C PHE D 341 18.57 -37.59 -26.51
N TRP D 342 19.49 -37.01 -27.27
CA TRP D 342 20.36 -35.97 -26.74
C TRP D 342 19.68 -34.59 -26.70
N LEU D 343 18.57 -34.45 -27.43
CA LEU D 343 17.84 -33.19 -27.47
C LEU D 343 16.50 -33.26 -26.75
N ASN D 344 16.12 -34.47 -26.35
CA ASN D 344 14.79 -34.70 -25.82
C ASN D 344 14.64 -34.24 -24.37
N PRO D 345 13.67 -33.35 -24.12
CA PRO D 345 13.31 -32.98 -22.74
C PRO D 345 12.62 -34.14 -22.02
N TYR D 346 12.16 -35.11 -22.79
CA TYR D 346 11.58 -36.33 -22.24
C TYR D 346 12.42 -37.52 -22.68
N GLN D 347 13.53 -37.75 -21.97
CA GLN D 347 14.47 -38.79 -22.37
C GLN D 347 14.01 -40.18 -22.00
N ALA D 348 13.48 -40.33 -20.79
CA ALA D 348 12.99 -41.64 -20.35
C ALA D 348 11.85 -41.50 -19.35
N VAL D 349 11.04 -42.55 -19.26
CA VAL D 349 10.00 -42.62 -18.23
C VAL D 349 9.97 -44.01 -17.63
N ILE D 350 9.91 -44.08 -16.31
CA ILE D 350 9.86 -45.36 -15.63
C ILE D 350 8.44 -45.65 -15.18
N ILE D 351 7.93 -46.80 -15.61
CA ILE D 351 6.54 -47.17 -15.33
C ILE D 351 6.45 -48.46 -14.51
N PRO D 352 6.10 -48.32 -13.23
CA PRO D 352 5.85 -49.50 -12.38
C PRO D 352 4.47 -50.09 -12.69
N VAL D 353 4.40 -51.41 -12.80
CA VAL D 353 3.13 -52.08 -13.09
C VAL D 353 2.17 -51.91 -11.91
N ASN D 354 2.62 -52.28 -10.72
CA ASN D 354 1.86 -52.08 -9.51
C ASN D 354 2.36 -50.86 -8.74
N THR D 355 1.63 -49.76 -8.83
CA THR D 355 2.03 -48.50 -8.23
C THR D 355 2.10 -48.58 -6.71
N LYS D 356 1.44 -49.58 -6.14
CA LYS D 356 1.39 -49.72 -4.69
C LYS D 356 2.32 -50.81 -4.18
N ASN D 357 3.13 -51.38 -5.07
CA ASN D 357 4.12 -52.37 -4.68
C ASN D 357 5.39 -51.69 -4.20
N VAL D 358 5.81 -52.01 -2.97
CA VAL D 358 6.99 -51.40 -2.38
C VAL D 358 8.27 -51.78 -3.12
N GLN D 359 8.51 -53.08 -3.26
CA GLN D 359 9.73 -53.58 -3.89
C GLN D 359 9.84 -53.11 -5.34
N GLN D 360 8.70 -52.91 -5.98
CA GLN D 360 8.67 -52.49 -7.37
C GLN D 360 9.07 -51.02 -7.49
N LEU D 361 8.54 -50.19 -6.61
CA LEU D 361 8.83 -48.77 -6.61
C LEU D 361 10.29 -48.49 -6.24
N ASP D 362 10.84 -49.32 -5.37
CA ASP D 362 12.23 -49.18 -4.94
C ASP D 362 13.16 -49.20 -6.15
N MET D 363 12.92 -50.15 -7.05
CA MET D 363 13.70 -50.24 -8.28
C MET D 363 13.48 -49.03 -9.17
N CYS D 364 12.22 -48.63 -9.31
CA CYS D 364 11.88 -47.47 -10.14
C CYS D 364 12.51 -46.21 -9.60
N THR D 365 12.52 -46.07 -8.28
CA THR D 365 13.10 -44.91 -7.62
C THR D 365 14.62 -44.93 -7.68
N ALA D 366 15.21 -46.10 -7.45
CA ALA D 366 16.66 -46.25 -7.47
C ALA D 366 17.26 -45.87 -8.81
N LEU D 367 16.51 -46.10 -9.88
CA LEU D 367 16.99 -45.79 -11.22
C LEU D 367 16.82 -44.30 -11.52
N GLN D 368 15.70 -43.73 -11.11
CA GLN D 368 15.43 -42.32 -11.36
C GLN D 368 16.47 -41.43 -10.70
N LYS D 369 16.84 -41.77 -9.46
CA LYS D 369 17.88 -41.04 -8.74
C LYS D 369 19.21 -41.19 -9.46
N LYS D 370 19.47 -42.39 -9.97
CA LYS D 370 20.72 -42.69 -10.65
C LYS D 370 20.86 -41.89 -11.94
N LEU D 371 19.79 -41.88 -12.74
CA LEU D 371 19.83 -41.24 -14.05
C LEU D 371 19.77 -39.73 -13.97
N ARG D 372 19.00 -39.21 -13.02
CA ARG D 372 18.89 -37.76 -12.83
C ARG D 372 20.19 -37.19 -12.26
N ASN D 373 20.81 -37.96 -11.38
CA ASN D 373 22.08 -37.58 -10.76
C ASN D 373 21.99 -36.21 -10.10
N GLU D 374 20.99 -36.04 -9.24
CA GLU D 374 20.80 -34.79 -8.53
C GLU D 374 21.53 -34.87 -7.19
N LEU D 375 21.38 -33.81 -6.40
CA LEU D 375 22.01 -33.75 -5.09
C LEU D 375 20.96 -33.16 -4.17
N GLU D 376 21.06 -33.47 -2.89
CA GLU D 376 20.12 -32.97 -1.90
C GLU D 376 20.43 -31.52 -1.56
N ALA D 377 19.38 -30.76 -1.24
CA ALA D 377 19.52 -29.34 -0.92
C ALA D 377 19.81 -29.11 0.55
N ASP D 378 20.15 -30.16 1.28
CA ASP D 378 20.43 -30.03 2.71
C ASP D 378 21.92 -30.20 3.05
N ASP D 379 22.69 -30.70 2.09
CA ASP D 379 24.14 -30.81 2.28
C ASP D 379 24.86 -29.62 1.66
N MET D 380 26.18 -29.58 1.82
CA MET D 380 26.98 -28.49 1.29
C MET D 380 27.70 -28.89 0.00
N GLU D 381 27.63 -30.17 -0.33
CA GLU D 381 28.29 -30.68 -1.54
C GLU D 381 27.69 -30.10 -2.82
N PRO D 382 28.51 -29.40 -3.59
CA PRO D 382 28.07 -28.77 -4.84
C PRO D 382 28.01 -29.75 -5.99
N VAL D 383 27.20 -29.43 -7.00
CA VAL D 383 27.12 -30.25 -8.20
C VAL D 383 28.39 -30.09 -9.02
N PRO D 384 29.08 -31.22 -9.28
CA PRO D 384 30.36 -31.20 -10.00
C PRO D 384 30.19 -30.79 -11.45
N LEU D 385 31.30 -30.45 -12.09
CA LEU D 385 31.30 -30.12 -13.52
C LEU D 385 31.38 -31.38 -14.36
N ASN D 386 30.83 -31.32 -15.56
CA ASN D 386 30.92 -32.41 -16.53
C ASN D 386 30.35 -33.75 -16.07
N ASP D 387 29.41 -33.70 -15.15
CA ASP D 387 28.69 -34.91 -14.75
C ASP D 387 27.45 -35.07 -15.63
N TRP D 388 26.88 -36.27 -15.64
CA TRP D 388 25.74 -36.56 -16.49
C TRP D 388 24.41 -36.42 -15.76
N HIS D 389 23.41 -35.88 -16.44
CA HIS D 389 22.08 -35.70 -15.88
C HIS D 389 21.02 -35.94 -16.95
N PHE D 390 20.18 -36.95 -16.75
CA PHE D 390 19.18 -37.31 -17.75
C PHE D 390 17.75 -36.99 -17.32
N ASN D 391 16.95 -36.55 -18.29
CA ASN D 391 15.55 -36.21 -18.05
C ASN D 391 14.66 -37.44 -17.97
N VAL D 392 14.66 -38.11 -16.82
CA VAL D 392 13.81 -39.27 -16.64
C VAL D 392 12.66 -39.00 -15.66
N ASP D 393 11.48 -39.49 -16.02
CA ASP D 393 10.30 -39.26 -15.19
C ASP D 393 9.76 -40.55 -14.61
N LEU D 394 8.77 -40.42 -13.72
CA LEU D 394 8.20 -41.57 -13.05
C LEU D 394 6.67 -41.50 -13.11
N ASP D 395 6.06 -42.54 -13.68
CA ASP D 395 4.62 -42.58 -13.85
C ASP D 395 3.97 -43.47 -12.81
N ILE D 396 3.78 -42.93 -11.60
CA ILE D 396 3.15 -43.69 -10.53
C ILE D 396 1.67 -43.36 -10.39
N ARG D 397 1.09 -42.79 -11.45
CA ARG D 397 -0.34 -42.54 -11.48
C ARG D 397 -1.08 -43.85 -11.32
N ASN D 398 -2.22 -43.80 -10.64
CA ASN D 398 -3.03 -45.01 -10.47
C ASN D 398 -3.85 -45.31 -11.70
N GLU D 399 -3.16 -45.65 -12.77
CA GLU D 399 -3.78 -46.06 -14.02
C GLU D 399 -3.11 -47.34 -14.48
N PRO D 400 -3.80 -48.15 -15.30
CA PRO D 400 -3.16 -49.36 -15.83
C PRO D 400 -1.90 -49.02 -16.61
N VAL D 401 -0.92 -49.92 -16.59
CA VAL D 401 0.36 -49.70 -17.26
C VAL D 401 0.19 -49.36 -18.75
N GLY D 402 -0.79 -50.00 -19.38
CA GLY D 402 -1.09 -49.75 -20.78
C GLY D 402 -1.45 -48.30 -21.05
N TYR D 403 -2.27 -47.73 -20.16
CA TYR D 403 -2.67 -46.33 -20.27
C TYR D 403 -1.47 -45.42 -20.16
N ARG D 404 -0.54 -45.79 -19.29
CA ARG D 404 0.63 -44.96 -19.02
C ARG D 404 1.72 -45.13 -20.06
N ILE D 405 1.68 -46.25 -20.78
CA ILE D 405 2.58 -46.47 -21.90
C ILE D 405 2.12 -45.65 -23.11
N LYS D 406 0.83 -45.62 -23.35
CA LYS D 406 0.28 -44.80 -24.43
C LYS D 406 0.49 -43.32 -24.14
N SER D 407 0.38 -42.97 -22.86
CA SER D 407 0.57 -41.58 -22.42
C SER D 407 2.01 -41.17 -22.66
N ALA D 408 2.92 -42.10 -22.45
CA ALA D 408 4.34 -41.84 -22.64
C ALA D 408 4.68 -41.65 -24.12
N ILE D 409 4.11 -42.51 -24.96
CA ILE D 409 4.32 -42.42 -26.41
C ILE D 409 3.87 -41.06 -26.95
N LEU D 410 2.76 -40.56 -26.44
CA LEU D 410 2.21 -39.30 -26.91
C LEU D 410 3.12 -38.12 -26.57
N LYS D 411 3.80 -38.21 -25.43
CA LYS D 411 4.76 -37.19 -25.04
C LYS D 411 6.11 -37.40 -25.71
N ASN D 412 6.20 -38.44 -26.54
CA ASN D 412 7.40 -38.73 -27.33
C ASN D 412 8.64 -39.00 -26.49
N TYR D 413 8.46 -39.68 -25.36
CA TYR D 413 9.60 -40.10 -24.54
C TYR D 413 10.52 -40.98 -25.36
N SER D 414 11.82 -40.66 -25.35
CA SER D 414 12.80 -41.40 -26.14
C SER D 414 12.91 -42.87 -25.72
N TYR D 415 12.73 -43.13 -24.43
CA TYR D 415 12.83 -44.48 -23.90
C TYR D 415 11.75 -44.78 -22.87
N LEU D 416 11.27 -46.02 -22.86
CA LEU D 416 10.29 -46.46 -21.87
C LEU D 416 10.84 -47.60 -21.04
N ILE D 417 10.78 -47.45 -19.72
CA ILE D 417 11.33 -48.43 -18.80
C ILE D 417 10.23 -48.98 -17.89
N ILE D 418 9.88 -50.24 -18.10
CA ILE D 418 8.81 -50.87 -17.33
C ILE D 418 9.35 -51.87 -16.32
N VAL D 419 8.95 -51.69 -15.06
CA VAL D 419 9.34 -52.60 -14.00
C VAL D 419 8.13 -53.35 -13.46
N GLY D 420 8.06 -54.65 -13.76
CA GLY D 420 7.00 -55.50 -13.24
C GLY D 420 7.53 -56.41 -12.15
N ASP D 421 6.91 -57.58 -12.01
CA ASP D 421 7.33 -58.55 -11.01
C ASP D 421 8.52 -59.38 -11.50
N GLU D 422 8.51 -59.69 -12.80
CA GLU D 422 9.60 -60.45 -13.40
C GLU D 422 10.92 -59.69 -13.31
N GLU D 423 10.83 -58.36 -13.31
CA GLU D 423 11.99 -57.49 -13.23
C GLU D 423 12.59 -57.48 -11.82
N VAL D 424 11.71 -57.37 -10.82
CA VAL D 424 12.13 -57.31 -9.42
C VAL D 424 12.91 -58.57 -9.01
N GLN D 425 12.52 -59.71 -9.56
CA GLN D 425 13.22 -60.97 -9.29
C GLN D 425 14.51 -61.04 -10.10
N LEU D 426 14.48 -60.44 -11.29
CA LEU D 426 15.63 -60.46 -12.19
C LEU D 426 16.64 -59.38 -11.84
N GLN D 427 16.18 -58.34 -11.15
CA GLN D 427 16.96 -57.14 -10.88
C GLN D 427 17.47 -56.49 -12.16
N LYS D 428 16.65 -56.61 -13.21
CA LYS D 428 16.94 -55.95 -14.47
C LYS D 428 15.75 -55.11 -14.90
N TYR D 429 16.01 -54.07 -15.69
CA TYR D 429 14.96 -53.16 -16.12
C TYR D 429 14.56 -53.44 -17.57
N ASN D 430 13.26 -53.62 -17.79
CA ASN D 430 12.75 -53.86 -19.13
C ASN D 430 12.57 -52.55 -19.89
N ILE D 431 13.40 -52.34 -20.91
CA ILE D 431 13.46 -51.05 -21.58
C ILE D 431 13.39 -51.13 -23.11
N ARG D 432 12.52 -50.31 -23.70
CA ARG D 432 12.37 -50.26 -25.15
C ARG D 432 12.63 -48.86 -25.67
N GLU D 433 12.64 -48.72 -26.99
CA GLU D 433 12.79 -47.43 -27.63
C GLU D 433 11.41 -46.86 -27.93
N ARG D 434 11.38 -45.60 -28.33
CA ARG D 434 10.14 -44.93 -28.68
C ARG D 434 9.64 -45.39 -30.04
N ASP D 435 10.57 -45.52 -30.98
CA ASP D 435 10.20 -45.73 -32.38
C ASP D 435 10.19 -47.20 -32.80
N ASN D 436 10.75 -48.06 -31.96
CA ASN D 436 10.68 -49.49 -32.22
C ASN D 436 9.94 -50.22 -31.11
N ARG D 437 8.75 -50.70 -31.43
CA ARG D 437 7.88 -51.36 -30.46
C ARG D 437 8.46 -52.69 -29.98
N LYS D 438 9.31 -53.30 -30.81
CA LYS D 438 9.85 -54.62 -30.50
C LYS D 438 11.30 -54.54 -30.02
N SER D 439 11.74 -53.34 -29.63
CA SER D 439 13.13 -53.12 -29.22
C SER D 439 13.33 -53.38 -27.74
N PHE D 440 12.40 -54.09 -27.12
CA PHE D 440 12.47 -54.36 -25.68
C PHE D 440 13.73 -55.12 -25.28
N GLU D 441 14.38 -54.62 -24.24
CA GLU D 441 15.64 -55.16 -23.78
C GLU D 441 15.63 -55.14 -22.26
N LYS D 442 16.34 -56.08 -21.64
CA LYS D 442 16.42 -56.13 -20.18
C LYS D 442 17.81 -55.79 -19.69
N LEU D 443 17.95 -54.60 -19.11
CA LEU D 443 19.26 -54.10 -18.70
C LEU D 443 19.29 -53.82 -17.20
N THR D 444 20.49 -53.68 -16.65
CA THR D 444 20.64 -53.32 -15.25
C THR D 444 20.70 -51.81 -15.11
N MET D 445 20.82 -51.34 -13.88
CA MET D 445 20.92 -49.91 -13.60
C MET D 445 22.16 -49.33 -14.26
N SER D 446 23.26 -50.06 -14.15
CA SER D 446 24.53 -49.62 -14.72
C SER D 446 24.50 -49.63 -16.24
N GLN D 447 23.89 -50.66 -16.80
CA GLN D 447 23.80 -50.81 -18.24
C GLN D 447 23.05 -49.65 -18.90
N ILE D 448 21.92 -49.27 -18.30
CA ILE D 448 21.14 -48.15 -18.81
C ILE D 448 21.91 -46.85 -18.65
N TRP D 449 22.60 -46.73 -17.52
CA TRP D 449 23.42 -45.55 -17.23
C TRP D 449 24.46 -45.32 -18.33
N GLU D 450 25.22 -46.36 -18.63
CA GLU D 450 26.27 -46.29 -19.65
C GLU D 450 25.67 -46.10 -21.04
N LYS D 451 24.50 -46.69 -21.26
CA LYS D 451 23.82 -46.58 -22.54
C LYS D 451 23.42 -45.15 -22.86
N PHE D 452 22.77 -44.50 -21.88
CA PHE D 452 22.30 -43.13 -22.06
C PHE D 452 23.43 -42.13 -22.25
N ILE D 453 24.62 -42.49 -21.76
CA ILE D 453 25.78 -41.63 -21.90
C ILE D 453 26.34 -41.69 -23.33
N GLU D 454 26.43 -42.90 -23.87
CA GLU D 454 26.89 -43.09 -25.24
C GLU D 454 26.00 -42.34 -26.22
N LEU D 455 24.70 -42.38 -25.97
CA LEU D 455 23.73 -41.70 -26.84
C LEU D 455 23.94 -40.19 -26.78
N GLU D 456 24.22 -39.68 -25.58
CA GLU D 456 24.37 -38.25 -25.38
C GLU D 456 25.66 -37.75 -26.01
N LYS D 457 26.74 -38.51 -25.82
CA LYS D 457 28.04 -38.15 -26.38
C LYS D 457 27.99 -38.04 -27.89
N ASN D 458 27.59 -39.13 -28.54
CA ASN D 458 27.61 -39.22 -29.98
C ASN D 458 26.38 -38.60 -30.64
N TYR D 459 25.69 -37.74 -29.89
CA TYR D 459 24.54 -36.98 -30.41
C TYR D 459 23.48 -37.86 -31.05
N LYS D 460 23.14 -38.97 -30.40
CA LYS D 460 22.14 -39.89 -30.92
C LYS D 460 20.84 -39.79 -30.12
#